data_5MGL
# 
_entry.id   5MGL 
# 
_audit_conform.dict_name       mmcif_pdbx.dic 
_audit_conform.dict_version    5.383 
_audit_conform.dict_location   http://mmcif.pdb.org/dictionaries/ascii/mmcif_pdbx.dic 
# 
loop_
_database_2.database_id 
_database_2.database_code 
_database_2.pdbx_database_accession 
_database_2.pdbx_DOI 
PDB   5MGL         pdb_00005mgl 10.2210/pdb5mgl/pdb 
WWPDB D_1200002440 ?            ?                   
# 
loop_
_pdbx_audit_revision_history.ordinal 
_pdbx_audit_revision_history.data_content_type 
_pdbx_audit_revision_history.major_revision 
_pdbx_audit_revision_history.minor_revision 
_pdbx_audit_revision_history.revision_date 
1 'Structure model' 1 0 2017-04-12 
2 'Structure model' 1 1 2017-09-06 
3 'Structure model' 1 2 2024-01-17 
# 
_pdbx_audit_revision_details.ordinal             1 
_pdbx_audit_revision_details.revision_ordinal    1 
_pdbx_audit_revision_details.data_content_type   'Structure model' 
_pdbx_audit_revision_details.provider            repository 
_pdbx_audit_revision_details.type                'Initial release' 
_pdbx_audit_revision_details.description         ? 
_pdbx_audit_revision_details.details             ? 
# 
loop_
_pdbx_audit_revision_group.ordinal 
_pdbx_audit_revision_group.revision_ordinal 
_pdbx_audit_revision_group.data_content_type 
_pdbx_audit_revision_group.group 
1 2 'Structure model' 'Database references'    
2 3 'Structure model' 'Data collection'        
3 3 'Structure model' 'Database references'    
4 3 'Structure model' 'Refinement description' 
# 
loop_
_pdbx_audit_revision_category.ordinal 
_pdbx_audit_revision_category.revision_ordinal 
_pdbx_audit_revision_category.data_content_type 
_pdbx_audit_revision_category.category 
1 2 'Structure model' citation                      
2 2 'Structure model' citation_author               
3 3 'Structure model' chem_comp_atom                
4 3 'Structure model' chem_comp_bond                
5 3 'Structure model' database_2                    
6 3 'Structure model' pdbx_initial_refinement_model 
# 
loop_
_pdbx_audit_revision_item.ordinal 
_pdbx_audit_revision_item.revision_ordinal 
_pdbx_audit_revision_item.data_content_type 
_pdbx_audit_revision_item.item 
1  2 'Structure model' '_citation.country'                   
2  2 'Structure model' '_citation.journal_abbrev'            
3  2 'Structure model' '_citation.journal_id_ASTM'           
4  2 'Structure model' '_citation.journal_id_CSD'            
5  2 'Structure model' '_citation.journal_id_ISSN'           
6  2 'Structure model' '_citation.journal_volume'            
7  2 'Structure model' '_citation.page_first'                
8  2 'Structure model' '_citation.page_last'                 
9  2 'Structure model' '_citation.pdbx_database_id_DOI'      
10 2 'Structure model' '_citation.pdbx_database_id_PubMed'   
11 2 'Structure model' '_citation.title'                     
12 2 'Structure model' '_citation.year'                      
13 2 'Structure model' '_citation_author.name'               
14 3 'Structure model' '_database_2.pdbx_DOI'                
15 3 'Structure model' '_database_2.pdbx_database_accession' 
# 
_pdbx_database_status.status_code                     REL 
_pdbx_database_status.status_code_sf                  REL 
_pdbx_database_status.status_code_mr                  ? 
_pdbx_database_status.entry_id                        5MGL 
_pdbx_database_status.recvd_initial_deposition_date   2016-11-21 
_pdbx_database_status.SG_entry                        N 
_pdbx_database_status.deposit_site                    PDBE 
_pdbx_database_status.process_site                    PDBE 
_pdbx_database_status.status_code_cs                  ? 
_pdbx_database_status.methods_development_category    ? 
_pdbx_database_status.pdb_format_compatible           Y 
_pdbx_database_status.status_code_nmr_data            ? 
# 
loop_
_pdbx_database_related.db_name 
_pdbx_database_related.details 
_pdbx_database_related.db_id 
_pdbx_database_related.content_type 
PDB '5MGG contains the same ligand complexed with a different bromodomain (BAZ2B).' 5MGG unspecified 
PDB '5MGJ contains the same protein complexed with a different fragment.'           5MGJ unspecified 
PDB '5MGK contains the same protein complexed with a different fragment.'           5MGK unspecified 
# 
loop_
_audit_author.name 
_audit_author.pdbx_ordinal 
'Lolli, G.'          1 
'Spiliotopoulos, D.' 2 
'Caflisch, A.'       3 
# 
_citation.abstract                  ? 
_citation.abstract_id_CAS           ? 
_citation.book_id_ISBN              ? 
_citation.book_publisher            ? 
_citation.book_publisher_city       ? 
_citation.book_title                ? 
_citation.coordinate_linkage        ? 
_citation.country                   FR 
_citation.database_id_Medline       ? 
_citation.details                   ? 
_citation.id                        primary 
_citation.journal_abbrev            'Eur J Med Chem' 
_citation.journal_id_ASTM           EJMCA5 
_citation.journal_id_CSD            0493 
_citation.journal_id_ISSN           1768-3254 
_citation.journal_full              ? 
_citation.journal_issue             ? 
_citation.journal_volume            139 
_citation.language                  ? 
_citation.page_first                564 
_citation.page_last                 572 
_citation.title                     'Discovery of BAZ2A bromodomain ligands.' 
_citation.year                      2017 
_citation.database_id_CSD           ? 
_citation.pdbx_database_id_DOI      10.1016/j.ejmech.2017.08.028 
_citation.pdbx_database_id_PubMed   28837921 
_citation.unpublished_flag          ? 
# 
loop_
_citation_author.citation_id 
_citation_author.name 
_citation_author.ordinal 
_citation_author.identifier_ORCID 
primary 'Spiliotopoulos, D.' 1 ? 
primary 'Wamhoff, E.C.'      2 ? 
primary 'Lolli, G.'          3 ? 
primary 'Rademacher, C.'     4 ? 
primary 'Caflisch, A.'       5 ? 
# 
loop_
_entity.id 
_entity.type 
_entity.src_method 
_entity.pdbx_description 
_entity.formula_weight 
_entity.pdbx_number_of_molecules 
_entity.pdbx_ec 
_entity.pdbx_mutation 
_entity.pdbx_fragment 
_entity.details 
1 polymer     man 'Bromodomain adjacent to zinc finger domain protein 2A' 12380.919 1  ? ? 'Bromodomain, UNP residues 1796-1898' 
'First two residues SM derive from the expression tag' 
2 non-polymer syn '4-chloranyl-~{N}-methyl-pyridine-2-carboxamide'        170.596   1  ? ? ?                                     ? 
3 water       nat water                                                   18.015    51 ? ? ?                                     ? 
# 
_entity_name_com.entity_id   1 
_entity_name_com.name        'Transcription termination factor I-interacting protein 5,Tip5,hWALp3' 
# 
_entity_poly.entity_id                      1 
_entity_poly.type                           'polypeptide(L)' 
_entity_poly.nstd_linkage                   no 
_entity_poly.nstd_monomer                   no 
_entity_poly.pdbx_seq_one_letter_code       
;SMHSDLTFCEIILMEMESHDAAWPFLEPVNPRLVSGYRRIIKNPMDFSTMRERLLRGGYTSSEEFAADALLVFDNCQTFN
EDDSEVGKAGHIMRRFFESRWEEFY
;
_entity_poly.pdbx_seq_one_letter_code_can   
;SMHSDLTFCEIILMEMESHDAAWPFLEPVNPRLVSGYRRIIKNPMDFSTMRERLLRGGYTSSEEFAADALLVFDNCQTFN
EDDSEVGKAGHIMRRFFESRWEEFY
;
_entity_poly.pdbx_strand_id                 A 
_entity_poly.pdbx_target_identifier         ? 
# 
loop_
_pdbx_entity_nonpoly.entity_id 
_pdbx_entity_nonpoly.name 
_pdbx_entity_nonpoly.comp_id 
2 '4-chloranyl-~{N}-methyl-pyridine-2-carboxamide' 7MU 
3 water                                            HOH 
# 
loop_
_entity_poly_seq.entity_id 
_entity_poly_seq.num 
_entity_poly_seq.mon_id 
_entity_poly_seq.hetero 
1 1   SER n 
1 2   MET n 
1 3   HIS n 
1 4   SER n 
1 5   ASP n 
1 6   LEU n 
1 7   THR n 
1 8   PHE n 
1 9   CYS n 
1 10  GLU n 
1 11  ILE n 
1 12  ILE n 
1 13  LEU n 
1 14  MET n 
1 15  GLU n 
1 16  MET n 
1 17  GLU n 
1 18  SER n 
1 19  HIS n 
1 20  ASP n 
1 21  ALA n 
1 22  ALA n 
1 23  TRP n 
1 24  PRO n 
1 25  PHE n 
1 26  LEU n 
1 27  GLU n 
1 28  PRO n 
1 29  VAL n 
1 30  ASN n 
1 31  PRO n 
1 32  ARG n 
1 33  LEU n 
1 34  VAL n 
1 35  SER n 
1 36  GLY n 
1 37  TYR n 
1 38  ARG n 
1 39  ARG n 
1 40  ILE n 
1 41  ILE n 
1 42  LYS n 
1 43  ASN n 
1 44  PRO n 
1 45  MET n 
1 46  ASP n 
1 47  PHE n 
1 48  SER n 
1 49  THR n 
1 50  MET n 
1 51  ARG n 
1 52  GLU n 
1 53  ARG n 
1 54  LEU n 
1 55  LEU n 
1 56  ARG n 
1 57  GLY n 
1 58  GLY n 
1 59  TYR n 
1 60  THR n 
1 61  SER n 
1 62  SER n 
1 63  GLU n 
1 64  GLU n 
1 65  PHE n 
1 66  ALA n 
1 67  ALA n 
1 68  ASP n 
1 69  ALA n 
1 70  LEU n 
1 71  LEU n 
1 72  VAL n 
1 73  PHE n 
1 74  ASP n 
1 75  ASN n 
1 76  CYS n 
1 77  GLN n 
1 78  THR n 
1 79  PHE n 
1 80  ASN n 
1 81  GLU n 
1 82  ASP n 
1 83  ASP n 
1 84  SER n 
1 85  GLU n 
1 86  VAL n 
1 87  GLY n 
1 88  LYS n 
1 89  ALA n 
1 90  GLY n 
1 91  HIS n 
1 92  ILE n 
1 93  MET n 
1 94  ARG n 
1 95  ARG n 
1 96  PHE n 
1 97  PHE n 
1 98  GLU n 
1 99  SER n 
1 100 ARG n 
1 101 TRP n 
1 102 GLU n 
1 103 GLU n 
1 104 PHE n 
1 105 TYR n 
# 
_entity_src_gen.entity_id                          1 
_entity_src_gen.pdbx_src_id                        1 
_entity_src_gen.pdbx_alt_source_flag               sample 
_entity_src_gen.pdbx_seq_type                      'Biological sequence' 
_entity_src_gen.pdbx_beg_seq_num                   1 
_entity_src_gen.pdbx_end_seq_num                   105 
_entity_src_gen.gene_src_common_name               Human 
_entity_src_gen.gene_src_genus                     ? 
_entity_src_gen.pdbx_gene_src_gene                 'BAZ2A, KIAA0314, TIP5' 
_entity_src_gen.gene_src_species                   ? 
_entity_src_gen.gene_src_strain                    ? 
_entity_src_gen.gene_src_tissue                    ? 
_entity_src_gen.gene_src_tissue_fraction           ? 
_entity_src_gen.gene_src_details                   ? 
_entity_src_gen.pdbx_gene_src_fragment             ? 
_entity_src_gen.pdbx_gene_src_scientific_name      'Homo sapiens' 
_entity_src_gen.pdbx_gene_src_ncbi_taxonomy_id     9606 
_entity_src_gen.pdbx_gene_src_variant              ? 
_entity_src_gen.pdbx_gene_src_cell_line            ? 
_entity_src_gen.pdbx_gene_src_atcc                 ? 
_entity_src_gen.pdbx_gene_src_organ                ? 
_entity_src_gen.pdbx_gene_src_organelle            ? 
_entity_src_gen.pdbx_gene_src_cell                 ? 
_entity_src_gen.pdbx_gene_src_cellular_location    ? 
_entity_src_gen.host_org_common_name               ? 
_entity_src_gen.pdbx_host_org_scientific_name      'Escherichia coli' 
_entity_src_gen.pdbx_host_org_ncbi_taxonomy_id     562 
_entity_src_gen.host_org_genus                     ? 
_entity_src_gen.pdbx_host_org_gene                 ? 
_entity_src_gen.pdbx_host_org_organ                ? 
_entity_src_gen.host_org_species                   ? 
_entity_src_gen.pdbx_host_org_tissue               ? 
_entity_src_gen.pdbx_host_org_tissue_fraction      ? 
_entity_src_gen.pdbx_host_org_strain               ? 
_entity_src_gen.pdbx_host_org_variant              ? 
_entity_src_gen.pdbx_host_org_cell_line            ? 
_entity_src_gen.pdbx_host_org_atcc                 ? 
_entity_src_gen.pdbx_host_org_culture_collection   ? 
_entity_src_gen.pdbx_host_org_cell                 ? 
_entity_src_gen.pdbx_host_org_organelle            ? 
_entity_src_gen.pdbx_host_org_cellular_location    ? 
_entity_src_gen.pdbx_host_org_vector_type          ? 
_entity_src_gen.pdbx_host_org_vector               ? 
_entity_src_gen.host_org_details                   ? 
_entity_src_gen.expression_system_id               ? 
_entity_src_gen.plasmid_name                       ? 
_entity_src_gen.plasmid_details                    ? 
_entity_src_gen.pdbx_description                   ? 
# 
loop_
_chem_comp.id 
_chem_comp.type 
_chem_comp.mon_nstd_flag 
_chem_comp.name 
_chem_comp.pdbx_synonyms 
_chem_comp.formula 
_chem_comp.formula_weight 
7MU non-polymer         . '4-chloranyl-~{N}-methyl-pyridine-2-carboxamide' ? 'C7 H7 Cl N2 O'  170.596 
ALA 'L-peptide linking' y ALANINE                                          ? 'C3 H7 N O2'     89.093  
ARG 'L-peptide linking' y ARGININE                                         ? 'C6 H15 N4 O2 1' 175.209 
ASN 'L-peptide linking' y ASPARAGINE                                       ? 'C4 H8 N2 O3'    132.118 
ASP 'L-peptide linking' y 'ASPARTIC ACID'                                  ? 'C4 H7 N O4'     133.103 
CYS 'L-peptide linking' y CYSTEINE                                         ? 'C3 H7 N O2 S'   121.158 
GLN 'L-peptide linking' y GLUTAMINE                                        ? 'C5 H10 N2 O3'   146.144 
GLU 'L-peptide linking' y 'GLUTAMIC ACID'                                  ? 'C5 H9 N O4'     147.129 
GLY 'peptide linking'   y GLYCINE                                          ? 'C2 H5 N O2'     75.067  
HIS 'L-peptide linking' y HISTIDINE                                        ? 'C6 H10 N3 O2 1' 156.162 
HOH non-polymer         . WATER                                            ? 'H2 O'           18.015  
ILE 'L-peptide linking' y ISOLEUCINE                                       ? 'C6 H13 N O2'    131.173 
LEU 'L-peptide linking' y LEUCINE                                          ? 'C6 H13 N O2'    131.173 
LYS 'L-peptide linking' y LYSINE                                           ? 'C6 H15 N2 O2 1' 147.195 
MET 'L-peptide linking' y METHIONINE                                       ? 'C5 H11 N O2 S'  149.211 
PHE 'L-peptide linking' y PHENYLALANINE                                    ? 'C9 H11 N O2'    165.189 
PRO 'L-peptide linking' y PROLINE                                          ? 'C5 H9 N O2'     115.130 
SER 'L-peptide linking' y SERINE                                           ? 'C3 H7 N O3'     105.093 
THR 'L-peptide linking' y THREONINE                                        ? 'C4 H9 N O3'     119.119 
TRP 'L-peptide linking' y TRYPTOPHAN                                       ? 'C11 H12 N2 O2'  204.225 
TYR 'L-peptide linking' y TYROSINE                                         ? 'C9 H11 N O3'    181.189 
VAL 'L-peptide linking' y VALINE                                           ? 'C5 H11 N O2'    117.146 
# 
loop_
_pdbx_poly_seq_scheme.asym_id 
_pdbx_poly_seq_scheme.entity_id 
_pdbx_poly_seq_scheme.seq_id 
_pdbx_poly_seq_scheme.mon_id 
_pdbx_poly_seq_scheme.ndb_seq_num 
_pdbx_poly_seq_scheme.pdb_seq_num 
_pdbx_poly_seq_scheme.auth_seq_num 
_pdbx_poly_seq_scheme.pdb_mon_id 
_pdbx_poly_seq_scheme.auth_mon_id 
_pdbx_poly_seq_scheme.pdb_strand_id 
_pdbx_poly_seq_scheme.pdb_ins_code 
_pdbx_poly_seq_scheme.hetero 
A 1 1   SER 1   1794 ?    ?   ?   A . n 
A 1 2   MET 2   1795 ?    ?   ?   A . n 
A 1 3   HIS 3   1796 ?    ?   ?   A . n 
A 1 4   SER 4   1797 ?    ?   ?   A . n 
A 1 5   ASP 5   1798 ?    ?   ?   A . n 
A 1 6   LEU 6   1799 1799 LEU LEU A . n 
A 1 7   THR 7   1800 1800 THR THR A . n 
A 1 8   PHE 8   1801 1801 PHE PHE A . n 
A 1 9   CYS 9   1802 1802 CYS CYS A . n 
A 1 10  GLU 10  1803 1803 GLU GLU A . n 
A 1 11  ILE 11  1804 1804 ILE ILE A . n 
A 1 12  ILE 12  1805 1805 ILE ILE A . n 
A 1 13  LEU 13  1806 1806 LEU LEU A . n 
A 1 14  MET 14  1807 1807 MET MET A . n 
A 1 15  GLU 15  1808 1808 GLU GLU A . n 
A 1 16  MET 16  1809 1809 MET MET A . n 
A 1 17  GLU 17  1810 1810 GLU GLU A . n 
A 1 18  SER 18  1811 1811 SER SER A . n 
A 1 19  HIS 19  1812 1812 HIS HIS A . n 
A 1 20  ASP 20  1813 1813 ASP ASP A . n 
A 1 21  ALA 21  1814 1814 ALA ALA A . n 
A 1 22  ALA 22  1815 1815 ALA ALA A . n 
A 1 23  TRP 23  1816 1816 TRP TRP A . n 
A 1 24  PRO 24  1817 1817 PRO PRO A . n 
A 1 25  PHE 25  1818 1818 PHE PHE A . n 
A 1 26  LEU 26  1819 1819 LEU LEU A . n 
A 1 27  GLU 27  1820 1820 GLU GLU A . n 
A 1 28  PRO 28  1821 1821 PRO PRO A . n 
A 1 29  VAL 29  1822 1822 VAL VAL A . n 
A 1 30  ASN 30  1823 1823 ASN ASN A . n 
A 1 31  PRO 31  1824 1824 PRO PRO A . n 
A 1 32  ARG 32  1825 1825 ARG ARG A . n 
A 1 33  LEU 33  1826 1826 LEU LEU A . n 
A 1 34  VAL 34  1827 1827 VAL VAL A . n 
A 1 35  SER 35  1828 1828 SER SER A . n 
A 1 36  GLY 36  1829 1829 GLY GLY A . n 
A 1 37  TYR 37  1830 1830 TYR TYR A . n 
A 1 38  ARG 38  1831 1831 ARG ARG A . n 
A 1 39  ARG 39  1832 1832 ARG ARG A . n 
A 1 40  ILE 40  1833 1833 ILE ILE A . n 
A 1 41  ILE 41  1834 1834 ILE ILE A . n 
A 1 42  LYS 42  1835 1835 LYS LYS A . n 
A 1 43  ASN 43  1836 1836 ASN ASN A . n 
A 1 44  PRO 44  1837 1837 PRO PRO A . n 
A 1 45  MET 45  1838 1838 MET MET A . n 
A 1 46  ASP 46  1839 1839 ASP ASP A . n 
A 1 47  PHE 47  1840 1840 PHE PHE A . n 
A 1 48  SER 48  1841 1841 SER SER A . n 
A 1 49  THR 49  1842 1842 THR THR A . n 
A 1 50  MET 50  1843 1843 MET MET A . n 
A 1 51  ARG 51  1844 1844 ARG ARG A . n 
A 1 52  GLU 52  1845 1845 GLU GLU A . n 
A 1 53  ARG 53  1846 1846 ARG ARG A . n 
A 1 54  LEU 54  1847 1847 LEU LEU A . n 
A 1 55  LEU 55  1848 1848 LEU LEU A . n 
A 1 56  ARG 56  1849 1849 ARG ARG A . n 
A 1 57  GLY 57  1850 1850 GLY GLY A . n 
A 1 58  GLY 58  1851 1851 GLY GLY A . n 
A 1 59  TYR 59  1852 1852 TYR TYR A . n 
A 1 60  THR 60  1853 1853 THR THR A . n 
A 1 61  SER 61  1854 1854 SER SER A . n 
A 1 62  SER 62  1855 1855 SER SER A . n 
A 1 63  GLU 63  1856 1856 GLU GLU A . n 
A 1 64  GLU 64  1857 1857 GLU GLU A . n 
A 1 65  PHE 65  1858 1858 PHE PHE A . n 
A 1 66  ALA 66  1859 1859 ALA ALA A . n 
A 1 67  ALA 67  1860 1860 ALA ALA A . n 
A 1 68  ASP 68  1861 1861 ASP ASP A . n 
A 1 69  ALA 69  1862 1862 ALA ALA A . n 
A 1 70  LEU 70  1863 1863 LEU LEU A . n 
A 1 71  LEU 71  1864 1864 LEU LEU A . n 
A 1 72  VAL 72  1865 1865 VAL VAL A . n 
A 1 73  PHE 73  1866 1866 PHE PHE A . n 
A 1 74  ASP 74  1867 1867 ASP ASP A . n 
A 1 75  ASN 75  1868 1868 ASN ASN A . n 
A 1 76  CYS 76  1869 1869 CYS CYS A . n 
A 1 77  GLN 77  1870 1870 GLN GLN A . n 
A 1 78  THR 78  1871 1871 THR THR A . n 
A 1 79  PHE 79  1872 1872 PHE PHE A . n 
A 1 80  ASN 80  1873 1873 ASN ASN A . n 
A 1 81  GLU 81  1874 1874 GLU GLU A . n 
A 1 82  ASP 82  1875 1875 ASP ASP A . n 
A 1 83  ASP 83  1876 1876 ASP ASP A . n 
A 1 84  SER 84  1877 1877 SER SER A . n 
A 1 85  GLU 85  1878 1878 GLU GLU A . n 
A 1 86  VAL 86  1879 1879 VAL VAL A . n 
A 1 87  GLY 87  1880 1880 GLY GLY A . n 
A 1 88  LYS 88  1881 1881 LYS LYS A . n 
A 1 89  ALA 89  1882 1882 ALA ALA A . n 
A 1 90  GLY 90  1883 1883 GLY GLY A . n 
A 1 91  HIS 91  1884 1884 HIS HIS A . n 
A 1 92  ILE 92  1885 1885 ILE ILE A . n 
A 1 93  MET 93  1886 1886 MET MET A . n 
A 1 94  ARG 94  1887 1887 ARG ARG A . n 
A 1 95  ARG 95  1888 1888 ARG ARG A . n 
A 1 96  PHE 96  1889 1889 PHE PHE A . n 
A 1 97  PHE 97  1890 1890 PHE PHE A . n 
A 1 98  GLU 98  1891 1891 GLU GLU A . n 
A 1 99  SER 99  1892 1892 SER SER A . n 
A 1 100 ARG 100 1893 1893 ARG ARG A . n 
A 1 101 TRP 101 1894 1894 TRP TRP A . n 
A 1 102 GLU 102 1895 1895 GLU GLU A . n 
A 1 103 GLU 103 1896 1896 GLU GLU A . n 
A 1 104 PHE 104 1897 1897 PHE PHE A . n 
A 1 105 TYR 105 1898 1898 TYR TYR A . n 
# 
loop_
_pdbx_nonpoly_scheme.asym_id 
_pdbx_nonpoly_scheme.entity_id 
_pdbx_nonpoly_scheme.mon_id 
_pdbx_nonpoly_scheme.ndb_seq_num 
_pdbx_nonpoly_scheme.pdb_seq_num 
_pdbx_nonpoly_scheme.auth_seq_num 
_pdbx_nonpoly_scheme.pdb_mon_id 
_pdbx_nonpoly_scheme.auth_mon_id 
_pdbx_nonpoly_scheme.pdb_strand_id 
_pdbx_nonpoly_scheme.pdb_ins_code 
B 2 7MU 1  1901 1  7MU 2A7 A . 
C 3 HOH 1  2001 45 HOH HOH A . 
C 3 HOH 2  2002 2  HOH HOH A . 
C 3 HOH 3  2003 6  HOH HOH A . 
C 3 HOH 4  2004 4  HOH HOH A . 
C 3 HOH 5  2005 17 HOH HOH A . 
C 3 HOH 6  2006 39 HOH HOH A . 
C 3 HOH 7  2007 41 HOH HOH A . 
C 3 HOH 8  2008 14 HOH HOH A . 
C 3 HOH 9  2009 22 HOH HOH A . 
C 3 HOH 10 2010 25 HOH HOH A . 
C 3 HOH 11 2011 9  HOH HOH A . 
C 3 HOH 12 2012 24 HOH HOH A . 
C 3 HOH 13 2013 11 HOH HOH A . 
C 3 HOH 14 2014 27 HOH HOH A . 
C 3 HOH 15 2015 8  HOH HOH A . 
C 3 HOH 16 2016 1  HOH HOH A . 
C 3 HOH 17 2017 7  HOH HOH A . 
C 3 HOH 18 2018 23 HOH HOH A . 
C 3 HOH 19 2019 15 HOH HOH A . 
C 3 HOH 20 2020 5  HOH HOH A . 
C 3 HOH 21 2021 46 HOH HOH A . 
C 3 HOH 22 2022 28 HOH HOH A . 
C 3 HOH 23 2023 13 HOH HOH A . 
C 3 HOH 24 2024 34 HOH HOH A . 
C 3 HOH 25 2025 49 HOH HOH A . 
C 3 HOH 26 2026 36 HOH HOH A . 
C 3 HOH 27 2027 20 HOH HOH A . 
C 3 HOH 28 2028 12 HOH HOH A . 
C 3 HOH 29 2029 21 HOH HOH A . 
C 3 HOH 30 2030 33 HOH HOH A . 
C 3 HOH 31 2031 44 HOH HOH A . 
C 3 HOH 32 2032 38 HOH HOH A . 
C 3 HOH 33 2033 10 HOH HOH A . 
C 3 HOH 34 2034 26 HOH HOH A . 
C 3 HOH 35 2035 42 HOH HOH A . 
C 3 HOH 36 2036 35 HOH HOH A . 
C 3 HOH 37 2037 18 HOH HOH A . 
C 3 HOH 38 2038 40 HOH HOH A . 
C 3 HOH 39 2039 29 HOH HOH A . 
C 3 HOH 40 2040 30 HOH HOH A . 
C 3 HOH 41 2041 32 HOH HOH A . 
C 3 HOH 42 2042 3  HOH HOH A . 
C 3 HOH 43 2043 19 HOH HOH A . 
C 3 HOH 44 2044 53 HOH HOH A . 
C 3 HOH 45 2045 47 HOH HOH A . 
C 3 HOH 46 2046 52 HOH HOH A . 
C 3 HOH 47 2047 50 HOH HOH A . 
C 3 HOH 48 2048 43 HOH HOH A . 
C 3 HOH 49 2049 48 HOH HOH A . 
C 3 HOH 50 2050 54 HOH HOH A . 
C 3 HOH 51 2051 51 HOH HOH A . 
# 
loop_
_software.citation_id 
_software.classification 
_software.compiler_name 
_software.compiler_version 
_software.contact_author 
_software.contact_author_email 
_software.date 
_software.description 
_software.dependencies 
_software.hardware 
_software.language 
_software.location 
_software.mods 
_software.name 
_software.os 
_software.os_version 
_software.type 
_software.version 
_software.pdbx_ordinal 
? 'data scaling'    ? ? ? ? ? ? ? ? ? ? ? Aimless     ? ? ? 0.3.11 1 
? phasing           ? ? ? ? ? ? ? ? ? ? ? PHASER      ? ? ? .      2 
? refinement        ? ? ? ? ? ? ? ? ? ? ? PHENIX      ? ? ? .      3 
? 'data extraction' ? ? ? ? ? ? ? ? ? ? ? PDB_EXTRACT ? ? ? 3.20   4 
? 'data reduction'  ? ? ? ? ? ? ? ? ? ? ? MOSFLM      ? ? ? .      5 
# 
_cell.angle_alpha                  90.000 
_cell.angle_alpha_esd              ? 
_cell.angle_beta                   90.000 
_cell.angle_beta_esd               ? 
_cell.angle_gamma                  120.000 
_cell.angle_gamma_esd              ? 
_cell.entry_id                     5MGL 
_cell.details                      ? 
_cell.formula_units_Z              ? 
_cell.length_a                     95.550 
_cell.length_a_esd                 ? 
_cell.length_b                     95.550 
_cell.length_b_esd                 ? 
_cell.length_c                     32.840 
_cell.length_c_esd                 ? 
_cell.volume                       ? 
_cell.volume_esd                   ? 
_cell.Z_PDB                        6 
_cell.reciprocal_angle_alpha       ? 
_cell.reciprocal_angle_beta        ? 
_cell.reciprocal_angle_gamma       ? 
_cell.reciprocal_angle_alpha_esd   ? 
_cell.reciprocal_angle_beta_esd    ? 
_cell.reciprocal_angle_gamma_esd   ? 
_cell.reciprocal_length_a          ? 
_cell.reciprocal_length_b          ? 
_cell.reciprocal_length_c          ? 
_cell.reciprocal_length_a_esd      ? 
_cell.reciprocal_length_b_esd      ? 
_cell.reciprocal_length_c_esd      ? 
_cell.pdbx_unique_axis             ? 
# 
_symmetry.entry_id                         5MGL 
_symmetry.cell_setting                     ? 
_symmetry.Int_Tables_number                152 
_symmetry.space_group_name_Hall            ? 
_symmetry.space_group_name_H-M             'P 31 2 1' 
_symmetry.pdbx_full_space_group_name_H-M   ? 
# 
_exptl.absorpt_coefficient_mu     ? 
_exptl.absorpt_correction_T_max   ? 
_exptl.absorpt_correction_T_min   ? 
_exptl.absorpt_correction_type    ? 
_exptl.absorpt_process_details    ? 
_exptl.entry_id                   5MGL 
_exptl.crystals_number            1 
_exptl.details                    ? 
_exptl.method                     'X-RAY DIFFRACTION' 
_exptl.method_details             ? 
# 
_exptl_crystal.colour                      ? 
_exptl_crystal.density_diffrn              ? 
_exptl_crystal.density_Matthews            3.50 
_exptl_crystal.density_method              ? 
_exptl_crystal.density_percent_sol         64.81 
_exptl_crystal.description                 ? 
_exptl_crystal.F_000                       ? 
_exptl_crystal.id                          1 
_exptl_crystal.preparation                 ? 
_exptl_crystal.size_max                    ? 
_exptl_crystal.size_mid                    ? 
_exptl_crystal.size_min                    ? 
_exptl_crystal.size_rad                    ? 
_exptl_crystal.colour_lustre               ? 
_exptl_crystal.colour_modifier             ? 
_exptl_crystal.colour_primary              ? 
_exptl_crystal.density_meas                ? 
_exptl_crystal.density_meas_esd            ? 
_exptl_crystal.density_meas_gt             ? 
_exptl_crystal.density_meas_lt             ? 
_exptl_crystal.density_meas_temp           ? 
_exptl_crystal.density_meas_temp_esd       ? 
_exptl_crystal.density_meas_temp_gt        ? 
_exptl_crystal.density_meas_temp_lt        ? 
_exptl_crystal.pdbx_crystal_image_url      ? 
_exptl_crystal.pdbx_crystal_image_format   ? 
_exptl_crystal.pdbx_mosaicity              ? 
_exptl_crystal.pdbx_mosaicity_esd          ? 
# 
_exptl_crystal_grow.apparatus       ? 
_exptl_crystal_grow.atmosphere      ? 
_exptl_crystal_grow.crystal_id      1 
_exptl_crystal_grow.details         ? 
_exptl_crystal_grow.method          'VAPOR DIFFUSION, SITTING DROP' 
_exptl_crystal_grow.method_ref      ? 
_exptl_crystal_grow.pH              7.5 
_exptl_crystal_grow.pressure        ? 
_exptl_crystal_grow.pressure_esd    ? 
_exptl_crystal_grow.seeding         ? 
_exptl_crystal_grow.seeding_ref     ? 
_exptl_crystal_grow.temp            277 
_exptl_crystal_grow.temp_details    ? 
_exptl_crystal_grow.temp_esd        ? 
_exptl_crystal_grow.time            ? 
_exptl_crystal_grow.pdbx_details    '20% PEG3350, 0.2 M MgCl2' 
_exptl_crystal_grow.pdbx_pH_range   ? 
# 
_diffrn.ambient_environment    ? 
_diffrn.ambient_temp           100 
_diffrn.ambient_temp_details   ? 
_diffrn.ambient_temp_esd       ? 
_diffrn.crystal_id             1 
_diffrn.crystal_support        ? 
_diffrn.crystal_treatment      ? 
_diffrn.details                ? 
_diffrn.id                     1 
_diffrn.ambient_pressure       ? 
_diffrn.ambient_pressure_esd   ? 
_diffrn.ambient_pressure_gt    ? 
_diffrn.ambient_pressure_lt    ? 
_diffrn.ambient_temp_gt        ? 
_diffrn.ambient_temp_lt        ? 
# 
_diffrn_detector.details                      ? 
_diffrn_detector.detector                     PIXEL 
_diffrn_detector.diffrn_id                    1 
_diffrn_detector.type                         'DECTRIS PILATUS 2M' 
_diffrn_detector.area_resol_mean              ? 
_diffrn_detector.dtime                        ? 
_diffrn_detector.pdbx_frames_total            ? 
_diffrn_detector.pdbx_collection_time_total   ? 
_diffrn_detector.pdbx_collection_date         2016-10-05 
# 
_diffrn_radiation.collimation                      ? 
_diffrn_radiation.diffrn_id                        1 
_diffrn_radiation.filter_edge                      ? 
_diffrn_radiation.inhomogeneity                    ? 
_diffrn_radiation.monochromator                    ? 
_diffrn_radiation.polarisn_norm                    ? 
_diffrn_radiation.polarisn_ratio                   ? 
_diffrn_radiation.probe                            ? 
_diffrn_radiation.type                             ? 
_diffrn_radiation.xray_symbol                      ? 
_diffrn_radiation.wavelength_id                    1 
_diffrn_radiation.pdbx_monochromatic_or_laue_m_l   M 
_diffrn_radiation.pdbx_wavelength_list             ? 
_diffrn_radiation.pdbx_wavelength                  ? 
_diffrn_radiation.pdbx_diffrn_protocol             'SINGLE WAVELENGTH' 
_diffrn_radiation.pdbx_analyzer                    ? 
_diffrn_radiation.pdbx_scattering_type             x-ray 
# 
_diffrn_radiation_wavelength.id           1 
_diffrn_radiation_wavelength.wavelength   1.00 
_diffrn_radiation_wavelength.wt           1.0 
# 
_diffrn_source.current                     ? 
_diffrn_source.details                     ? 
_diffrn_source.diffrn_id                   1 
_diffrn_source.power                       ? 
_diffrn_source.size                        ? 
_diffrn_source.source                      SYNCHROTRON 
_diffrn_source.target                      ? 
_diffrn_source.type                        'ELETTRA BEAMLINE 5.2R' 
_diffrn_source.voltage                     ? 
_diffrn_source.take-off_angle              ? 
_diffrn_source.pdbx_wavelength_list        1.00 
_diffrn_source.pdbx_wavelength             ? 
_diffrn_source.pdbx_synchrotron_beamline   5.2R 
_diffrn_source.pdbx_synchrotron_site       ELETTRA 
# 
_reflns.B_iso_Wilson_estimate            ? 
_reflns.entry_id                         5MGL 
_reflns.data_reduction_details           ? 
_reflns.data_reduction_method            ? 
_reflns.d_resolution_high                2.650 
_reflns.d_resolution_low                 27.063 
_reflns.details                          ? 
_reflns.limit_h_max                      ? 
_reflns.limit_h_min                      ? 
_reflns.limit_k_max                      ? 
_reflns.limit_k_min                      ? 
_reflns.limit_l_max                      ? 
_reflns.limit_l_min                      ? 
_reflns.number_all                       ? 
_reflns.number_obs                       5180 
_reflns.observed_criterion               ? 
_reflns.observed_criterion_F_max         ? 
_reflns.observed_criterion_F_min         ? 
_reflns.observed_criterion_I_max         ? 
_reflns.observed_criterion_I_min         ? 
_reflns.observed_criterion_sigma_F       ? 
_reflns.observed_criterion_sigma_I       ? 
_reflns.percent_possible_obs             99.900 
_reflns.R_free_details                   ? 
_reflns.Rmerge_F_all                     ? 
_reflns.Rmerge_F_obs                     ? 
_reflns.Friedel_coverage                 ? 
_reflns.number_gt                        ? 
_reflns.threshold_expression             ? 
_reflns.pdbx_redundancy                  9.600 
_reflns.pdbx_Rmerge_I_obs                0.268 
_reflns.pdbx_Rmerge_I_all                ? 
_reflns.pdbx_Rsym_value                  ? 
_reflns.pdbx_netI_over_av_sigmaI         ? 
_reflns.pdbx_netI_over_sigmaI            7.000 
_reflns.pdbx_res_netI_over_av_sigmaI_2   ? 
_reflns.pdbx_res_netI_over_sigmaI_2      ? 
_reflns.pdbx_chi_squared                 ? 
_reflns.pdbx_scaling_rejects             ? 
_reflns.pdbx_d_res_high_opt              ? 
_reflns.pdbx_d_res_low_opt               ? 
_reflns.pdbx_d_res_opt_method            ? 
_reflns.phase_calculation_details        ? 
_reflns.pdbx_Rrim_I_all                  ? 
_reflns.pdbx_Rpim_I_all                  ? 
_reflns.pdbx_d_opt                       ? 
_reflns.pdbx_number_measured_all         ? 
_reflns.pdbx_diffrn_id                   1 
_reflns.pdbx_ordinal                     1 
_reflns.pdbx_CC_half                     0.979 
_reflns.pdbx_R_split                     ? 
# 
loop_
_reflns_shell.d_res_high 
_reflns_shell.d_res_low 
_reflns_shell.meanI_over_sigI_all 
_reflns_shell.meanI_over_sigI_obs 
_reflns_shell.number_measured_all 
_reflns_shell.number_measured_obs 
_reflns_shell.number_possible 
_reflns_shell.number_unique_all 
_reflns_shell.number_unique_obs 
_reflns_shell.percent_possible_all 
_reflns_shell.percent_possible_obs 
_reflns_shell.Rmerge_F_all 
_reflns_shell.Rmerge_F_obs 
_reflns_shell.Rmerge_I_all 
_reflns_shell.Rmerge_I_obs 
_reflns_shell.meanI_over_sigI_gt 
_reflns_shell.meanI_over_uI_all 
_reflns_shell.meanI_over_uI_gt 
_reflns_shell.number_measured_gt 
_reflns_shell.number_unique_gt 
_reflns_shell.percent_possible_gt 
_reflns_shell.Rmerge_F_gt 
_reflns_shell.Rmerge_I_gt 
_reflns_shell.pdbx_redundancy 
_reflns_shell.pdbx_Rsym_value 
_reflns_shell.pdbx_chi_squared 
_reflns_shell.pdbx_netI_over_sigmaI_all 
_reflns_shell.pdbx_netI_over_sigmaI_obs 
_reflns_shell.pdbx_Rrim_I_all 
_reflns_shell.pdbx_Rpim_I_all 
_reflns_shell.pdbx_rejects 
_reflns_shell.pdbx_ordinal 
_reflns_shell.pdbx_diffrn_id 
_reflns_shell.pdbx_CC_half 
_reflns_shell.pdbx_R_split 
2.650 2.780  ? ? ? ? ? ? ? 100.000 ? ? ? ? 0.936 ? ? ? ? ? ? ? ? 8.200  ? ? ? ? ? ? ? 1 1 0.741 ? 
8.790 27.060 ? ? ? ? ? ? ? 96.900  ? ? ? ? 0.119 ? ? ? ? ? ? ? ? 10.300 ? ? ? ? ? ? ? 2 1 0.996 ? 
# 
_refine.aniso_B[1][1]                            ? 
_refine.aniso_B[1][2]                            ? 
_refine.aniso_B[1][3]                            ? 
_refine.aniso_B[2][2]                            ? 
_refine.aniso_B[2][3]                            ? 
_refine.aniso_B[3][3]                            ? 
_refine.B_iso_max                                86.140 
_refine.B_iso_mean                               35.1772 
_refine.B_iso_min                                10.000 
_refine.correlation_coeff_Fo_to_Fc               ? 
_refine.correlation_coeff_Fo_to_Fc_free          ? 
_refine.details                                  ? 
_refine.diff_density_max                         ? 
_refine.diff_density_max_esd                     ? 
_refine.diff_density_min                         ? 
_refine.diff_density_min_esd                     ? 
_refine.diff_density_rms                         ? 
_refine.diff_density_rms_esd                     ? 
_refine.entry_id                                 5MGL 
_refine.pdbx_refine_id                           'X-RAY DIFFRACTION' 
_refine.ls_abs_structure_details                 ? 
_refine.ls_abs_structure_Flack                   ? 
_refine.ls_abs_structure_Flack_esd               ? 
_refine.ls_abs_structure_Rogers                  ? 
_refine.ls_abs_structure_Rogers_esd              ? 
_refine.ls_d_res_high                            2.6510 
_refine.ls_d_res_low                             27.0630 
_refine.ls_extinction_coef                       ? 
_refine.ls_extinction_coef_esd                   ? 
_refine.ls_extinction_expression                 ? 
_refine.ls_extinction_method                     ? 
_refine.ls_goodness_of_fit_all                   ? 
_refine.ls_goodness_of_fit_all_esd               ? 
_refine.ls_goodness_of_fit_obs                   ? 
_refine.ls_goodness_of_fit_obs_esd               ? 
_refine.ls_hydrogen_treatment                    ? 
_refine.ls_matrix_type                           ? 
_refine.ls_number_constraints                    ? 
_refine.ls_number_parameters                     ? 
_refine.ls_number_reflns_all                     ? 
_refine.ls_number_reflns_obs                     5172 
_refine.ls_number_reflns_R_free                  275 
_refine.ls_number_reflns_R_work                  ? 
_refine.ls_number_restraints                     ? 
_refine.ls_percent_reflns_obs                    100.0000 
_refine.ls_percent_reflns_R_free                 5.3200 
_refine.ls_R_factor_all                          ? 
_refine.ls_R_factor_obs                          0.2155 
_refine.ls_R_factor_R_free                       0.2527 
_refine.ls_R_factor_R_free_error                 ? 
_refine.ls_R_factor_R_free_error_details         ? 
_refine.ls_R_factor_R_work                       0.2133 
_refine.ls_R_Fsqd_factor_obs                     ? 
_refine.ls_R_I_factor_obs                        ? 
_refine.ls_redundancy_reflns_all                 ? 
_refine.ls_redundancy_reflns_obs                 ? 
_refine.ls_restrained_S_all                      ? 
_refine.ls_restrained_S_obs                      ? 
_refine.ls_shift_over_esd_max                    ? 
_refine.ls_shift_over_esd_mean                   ? 
_refine.ls_structure_factor_coef                 ? 
_refine.ls_weighting_details                     ? 
_refine.ls_weighting_scheme                      ? 
_refine.ls_wR_factor_all                         ? 
_refine.ls_wR_factor_obs                         ? 
_refine.ls_wR_factor_R_free                      ? 
_refine.ls_wR_factor_R_work                      ? 
_refine.occupancy_max                            ? 
_refine.occupancy_min                            ? 
_refine.solvent_model_details                    ? 
_refine.solvent_model_param_bsol                 ? 
_refine.solvent_model_param_ksol                 ? 
_refine.ls_R_factor_gt                           ? 
_refine.ls_goodness_of_fit_gt                    ? 
_refine.ls_goodness_of_fit_ref                   ? 
_refine.ls_shift_over_su_max                     ? 
_refine.ls_shift_over_su_max_lt                  ? 
_refine.ls_shift_over_su_mean                    ? 
_refine.ls_shift_over_su_mean_lt                 ? 
_refine.pdbx_ls_sigma_I                          ? 
_refine.pdbx_ls_sigma_F                          1.330 
_refine.pdbx_ls_sigma_Fsqd                       ? 
_refine.pdbx_data_cutoff_high_absF               ? 
_refine.pdbx_data_cutoff_high_rms_absF           ? 
_refine.pdbx_data_cutoff_low_absF                ? 
_refine.pdbx_isotropic_thermal_model             ? 
_refine.pdbx_ls_cross_valid_method               'FREE R-VALUE' 
_refine.pdbx_method_to_determine_struct          'MOLECULAR REPLACEMENT' 
_refine.pdbx_starting_model                      4LZ2 
_refine.pdbx_stereochemistry_target_values       ? 
_refine.pdbx_R_Free_selection_details            ? 
_refine.pdbx_stereochem_target_val_spec_case     ? 
_refine.pdbx_overall_ESU_R                       ? 
_refine.pdbx_overall_ESU_R_Free                  ? 
_refine.pdbx_solvent_vdw_probe_radii             1.1100 
_refine.pdbx_solvent_ion_probe_radii             ? 
_refine.pdbx_solvent_shrinkage_radii             0.9000 
_refine.pdbx_real_space_R                        ? 
_refine.pdbx_density_correlation                 ? 
_refine.pdbx_pd_number_of_powder_patterns        ? 
_refine.pdbx_pd_number_of_points                 ? 
_refine.pdbx_pd_meas_number_of_points            ? 
_refine.pdbx_pd_proc_ls_prof_R_factor            ? 
_refine.pdbx_pd_proc_ls_prof_wR_factor           ? 
_refine.pdbx_pd_Marquardt_correlation_coeff      ? 
_refine.pdbx_pd_Fsqrd_R_factor                   ? 
_refine.pdbx_pd_ls_matrix_band_width             ? 
_refine.pdbx_overall_phase_error                 22.9900 
_refine.pdbx_overall_SU_R_free_Cruickshank_DPI   ? 
_refine.pdbx_overall_SU_R_free_Blow_DPI          ? 
_refine.pdbx_overall_SU_R_Blow_DPI               ? 
_refine.pdbx_TLS_residual_ADP_flag               ? 
_refine.pdbx_diffrn_id                           1 
_refine.overall_SU_B                             ? 
_refine.overall_SU_ML                            0.3000 
_refine.overall_SU_R_Cruickshank_DPI             ? 
_refine.overall_SU_R_free                        ? 
_refine.overall_FOM_free_R_set                   ? 
_refine.overall_FOM_work_R_set                   ? 
_refine.pdbx_average_fsc_overall                 ? 
_refine.pdbx_average_fsc_work                    ? 
_refine.pdbx_average_fsc_free                    ? 
# 
_refine_hist.cycle_id                         final 
_refine_hist.pdbx_refine_id                   'X-RAY DIFFRACTION' 
_refine_hist.d_res_high                       2.6510 
_refine_hist.d_res_low                        27.0630 
_refine_hist.pdbx_number_atoms_ligand         11 
_refine_hist.number_atoms_solvent             51 
_refine_hist.number_atoms_total               891 
_refine_hist.pdbx_number_residues_total       100 
_refine_hist.pdbx_B_iso_mean_ligand           29.02 
_refine_hist.pdbx_B_iso_mean_solvent          29.38 
_refine_hist.pdbx_number_atoms_protein        829 
_refine_hist.pdbx_number_atoms_nucleic_acid   0 
# 
loop_
_refine_ls_restr.pdbx_refine_id 
_refine_ls_restr.criterion 
_refine_ls_restr.dev_ideal 
_refine_ls_restr.dev_ideal_target 
_refine_ls_restr.number 
_refine_ls_restr.rejects 
_refine_ls_restr.type 
_refine_ls_restr.weight 
_refine_ls_restr.pdbx_restraint_function 
'X-RAY DIFFRACTION' ? 0.002  ? 867  ? f_bond_d           ? ? 
'X-RAY DIFFRACTION' ? 0.611  ? 1168 ? f_angle_d          ? ? 
'X-RAY DIFFRACTION' ? 0.021  ? 117  ? f_chiral_restr     ? ? 
'X-RAY DIFFRACTION' ? 0.004  ? 154  ? f_plane_restr      ? ? 
'X-RAY DIFFRACTION' ? 12.755 ? 322  ? f_dihedral_angle_d ? ? 
# 
loop_
_refine_ls_shell.pdbx_refine_id 
_refine_ls_shell.d_res_high 
_refine_ls_shell.d_res_low 
_refine_ls_shell.number_reflns_all 
_refine_ls_shell.number_reflns_obs 
_refine_ls_shell.number_reflns_R_free 
_refine_ls_shell.number_reflns_R_work 
_refine_ls_shell.percent_reflns_obs 
_refine_ls_shell.percent_reflns_R_free 
_refine_ls_shell.R_factor_all 
_refine_ls_shell.R_factor_obs 
_refine_ls_shell.R_factor_R_free 
_refine_ls_shell.R_factor_R_free_error 
_refine_ls_shell.R_factor_R_work 
_refine_ls_shell.redundancy_reflns_all 
_refine_ls_shell.redundancy_reflns_obs 
_refine_ls_shell.wR_factor_all 
_refine_ls_shell.wR_factor_obs 
_refine_ls_shell.wR_factor_R_free 
_refine_ls_shell.wR_factor_R_work 
_refine_ls_shell.pdbx_total_number_of_bins_used 
_refine_ls_shell.pdbx_phase_error 
_refine_ls_shell.pdbx_fsc_work 
_refine_ls_shell.pdbx_fsc_free 
'X-RAY DIFFRACTION' 2.6507 3.3386  2549 . 150 2399 100.0000 . . . 0.2772 . 0.2587 . . . . . . 2 . . . 
'X-RAY DIFFRACTION' 3.3386 27.0645 2623 . 125 2498 100.0000 . . . 0.2353 . 0.1883 . . . . . . 2 . . . 
# 
_struct.entry_id                     5MGL 
_struct.title                        'Crystal Structure of BAZ2A bromodomain in complex with 4-chloropyridine derivative 3' 
_struct.pdbx_model_details           ? 
_struct.pdbx_formula_weight          ? 
_struct.pdbx_formula_weight_method   ? 
_struct.pdbx_model_type_details      ? 
_struct.pdbx_CASP_flag               N 
# 
_struct_keywords.entry_id        5MGL 
_struct_keywords.text            'four helical bundle, transcription' 
_struct_keywords.pdbx_keywords   TRANSCRIPTION 
# 
loop_
_struct_asym.id 
_struct_asym.pdbx_blank_PDB_chainid_flag 
_struct_asym.pdbx_modified 
_struct_asym.entity_id 
_struct_asym.details 
A N N 1 ? 
B N N 2 ? 
C N N 3 ? 
# 
_struct_ref.id                         1 
_struct_ref.db_name                    UNP 
_struct_ref.db_code                    BAZ2A_HUMAN 
_struct_ref.pdbx_db_accession          Q9UIF9 
_struct_ref.pdbx_db_isoform            ? 
_struct_ref.entity_id                  1 
_struct_ref.pdbx_seq_one_letter_code   
;HSDLTFCEIILMEMESHDAAWPFLEPVNPRLVSGYRRIIKNPMDFSTMRERLLRGGYTSSEEFAADALLVFDNCQTFNED
DSEVGKAGHIMRRFFESRWEEFY
;
_struct_ref.pdbx_align_begin           1796 
# 
_struct_ref_seq.align_id                      1 
_struct_ref_seq.ref_id                        1 
_struct_ref_seq.pdbx_PDB_id_code              5MGL 
_struct_ref_seq.pdbx_strand_id                A 
_struct_ref_seq.seq_align_beg                 3 
_struct_ref_seq.pdbx_seq_align_beg_ins_code   ? 
_struct_ref_seq.seq_align_end                 105 
_struct_ref_seq.pdbx_seq_align_end_ins_code   ? 
_struct_ref_seq.pdbx_db_accession             Q9UIF9 
_struct_ref_seq.db_align_beg                  1796 
_struct_ref_seq.pdbx_db_align_beg_ins_code    ? 
_struct_ref_seq.db_align_end                  1898 
_struct_ref_seq.pdbx_db_align_end_ins_code    ? 
_struct_ref_seq.pdbx_auth_seq_align_beg       1796 
_struct_ref_seq.pdbx_auth_seq_align_end       1898 
# 
loop_
_struct_ref_seq_dif.align_id 
_struct_ref_seq_dif.pdbx_pdb_id_code 
_struct_ref_seq_dif.mon_id 
_struct_ref_seq_dif.pdbx_pdb_strand_id 
_struct_ref_seq_dif.seq_num 
_struct_ref_seq_dif.pdbx_pdb_ins_code 
_struct_ref_seq_dif.pdbx_seq_db_name 
_struct_ref_seq_dif.pdbx_seq_db_accession_code 
_struct_ref_seq_dif.db_mon_id 
_struct_ref_seq_dif.pdbx_seq_db_seq_num 
_struct_ref_seq_dif.details 
_struct_ref_seq_dif.pdbx_auth_seq_num 
_struct_ref_seq_dif.pdbx_ordinal 
1 5MGL SER A 1 ? UNP Q9UIF9 ? ? 'expression tag' 1794 1 
1 5MGL MET A 2 ? UNP Q9UIF9 ? ? 'expression tag' 1795 2 
# 
_pdbx_struct_assembly.id                   1 
_pdbx_struct_assembly.details              author_and_software_defined_assembly 
_pdbx_struct_assembly.method_details       PISA 
_pdbx_struct_assembly.oligomeric_details   monomeric 
_pdbx_struct_assembly.oligomeric_count     1 
# 
loop_
_pdbx_struct_assembly_prop.biol_id 
_pdbx_struct_assembly_prop.type 
_pdbx_struct_assembly_prop.value 
_pdbx_struct_assembly_prop.details 
1 'ABSA (A^2)' 0    ? 
1 MORE         0    ? 
1 'SSA (A^2)'  6070 ? 
# 
_pdbx_struct_assembly_gen.assembly_id       1 
_pdbx_struct_assembly_gen.oper_expression   1 
_pdbx_struct_assembly_gen.asym_id_list      A,B,C 
# 
_pdbx_struct_oper_list.id                   1 
_pdbx_struct_oper_list.type                 'identity operation' 
_pdbx_struct_oper_list.name                 1_555 
_pdbx_struct_oper_list.symmetry_operation   x,y,z 
_pdbx_struct_oper_list.matrix[1][1]         1.0000000000 
_pdbx_struct_oper_list.matrix[1][2]         0.0000000000 
_pdbx_struct_oper_list.matrix[1][3]         0.0000000000 
_pdbx_struct_oper_list.vector[1]            0.0000000000 
_pdbx_struct_oper_list.matrix[2][1]         0.0000000000 
_pdbx_struct_oper_list.matrix[2][2]         1.0000000000 
_pdbx_struct_oper_list.matrix[2][3]         0.0000000000 
_pdbx_struct_oper_list.vector[2]            0.0000000000 
_pdbx_struct_oper_list.matrix[3][1]         0.0000000000 
_pdbx_struct_oper_list.matrix[3][2]         0.0000000000 
_pdbx_struct_oper_list.matrix[3][3]         1.0000000000 
_pdbx_struct_oper_list.vector[3]            0.0000000000 
# 
loop_
_struct_conf.conf_type_id 
_struct_conf.id 
_struct_conf.pdbx_PDB_helix_id 
_struct_conf.beg_label_comp_id 
_struct_conf.beg_label_asym_id 
_struct_conf.beg_label_seq_id 
_struct_conf.pdbx_beg_PDB_ins_code 
_struct_conf.end_label_comp_id 
_struct_conf.end_label_asym_id 
_struct_conf.end_label_seq_id 
_struct_conf.pdbx_end_PDB_ins_code 
_struct_conf.beg_auth_comp_id 
_struct_conf.beg_auth_asym_id 
_struct_conf.beg_auth_seq_id 
_struct_conf.end_auth_comp_id 
_struct_conf.end_auth_asym_id 
_struct_conf.end_auth_seq_id 
_struct_conf.pdbx_PDB_helix_class 
_struct_conf.details 
_struct_conf.pdbx_PDB_helix_length 
HELX_P HELX_P1 AA1 LEU A 6  ? SER A 18  ? LEU A 1799 SER A 1811 1 ? 13 
HELX_P HELX_P2 AA2 HIS A 19 ? TRP A 23  ? HIS A 1812 TRP A 1816 5 ? 5  
HELX_P HELX_P3 AA3 GLY A 36 ? ILE A 41  ? GLY A 1829 ILE A 1834 1 ? 6  
HELX_P HELX_P4 AA4 ASP A 46 ? GLY A 57  ? ASP A 1839 GLY A 1850 1 ? 12 
HELX_P HELX_P5 AA5 SER A 61 ? ASN A 80  ? SER A 1854 ASN A 1873 1 ? 20 
HELX_P HELX_P6 AA6 SER A 84 ? TYR A 105 ? SER A 1877 TYR A 1898 1 ? 22 
# 
_struct_conf_type.id          HELX_P 
_struct_conf_type.criteria    ? 
_struct_conf_type.reference   ? 
# 
_struct_site.id                   AC1 
_struct_site.pdbx_evidence_code   Software 
_struct_site.pdbx_auth_asym_id    A 
_struct_site.pdbx_auth_comp_id    7MU 
_struct_site.pdbx_auth_seq_id     1901 
_struct_site.pdbx_auth_ins_code   ? 
_struct_site.pdbx_num_residues    7 
_struct_site.details              'binding site for residue 7MU A 1901' 
# 
loop_
_struct_site_gen.id 
_struct_site_gen.site_id 
_struct_site_gen.pdbx_num_res 
_struct_site_gen.label_comp_id 
_struct_site_gen.label_asym_id 
_struct_site_gen.label_seq_id 
_struct_site_gen.pdbx_auth_ins_code 
_struct_site_gen.auth_comp_id 
_struct_site_gen.auth_asym_id 
_struct_site_gen.auth_seq_id 
_struct_site_gen.label_atom_id 
_struct_site_gen.label_alt_id 
_struct_site_gen.symmetry 
_struct_site_gen.details 
1 AC1 7 PRO A 24 ? PRO A 1817 . ? 1_555 ? 
2 AC1 7 PHE A 25 ? PHE A 1818 . ? 1_555 ? 
3 AC1 7 VAL A 29 ? VAL A 1822 . ? 1_555 ? 
4 AC1 7 TYR A 37 ? TYR A 1830 . ? 1_555 ? 
5 AC1 7 PHE A 79 ? PHE A 1872 . ? 1_555 ? 
6 AC1 7 ASN A 80 ? ASN A 1873 . ? 1_555 ? 
7 AC1 7 HOH C .  ? HOH A 2003 . ? 1_555 ? 
# 
loop_
_pdbx_refine_tls.pdbx_refine_id 
_pdbx_refine_tls.id 
_pdbx_refine_tls.details 
_pdbx_refine_tls.method 
_pdbx_refine_tls.origin_x 
_pdbx_refine_tls.origin_y 
_pdbx_refine_tls.origin_z 
_pdbx_refine_tls.T[1][1] 
_pdbx_refine_tls.T[2][2] 
_pdbx_refine_tls.T[3][3] 
_pdbx_refine_tls.T[1][2] 
_pdbx_refine_tls.T[1][3] 
_pdbx_refine_tls.T[2][3] 
_pdbx_refine_tls.L[1][1] 
_pdbx_refine_tls.L[2][2] 
_pdbx_refine_tls.L[3][3] 
_pdbx_refine_tls.L[1][2] 
_pdbx_refine_tls.L[1][3] 
_pdbx_refine_tls.L[2][3] 
_pdbx_refine_tls.S[1][1] 
_pdbx_refine_tls.S[2][2] 
_pdbx_refine_tls.S[3][3] 
_pdbx_refine_tls.S[1][2] 
_pdbx_refine_tls.S[1][3] 
_pdbx_refine_tls.S[2][3] 
_pdbx_refine_tls.S[2][1] 
_pdbx_refine_tls.S[3][1] 
_pdbx_refine_tls.S[3][2] 
'X-RAY DIFFRACTION' 1 ? refined 5.5012  -9.1139 -4.5978 0.2844 0.1720 0.2340 -0.0515 0.0192  -0.1305 0.0799 0.0176 0.0481 0.0090  0.0447  -0.0093 -0.0450 -0.1250 -0.0671 0.0104  0.0126  -0.0064 -0.1092 -0.0135 0.0922  
'X-RAY DIFFRACTION' 2 ? refined -8.1273 4.5511  -0.3215 0.3597 0.2311 0.2971 -0.0608 -0.0999 0.0065  0.1085 0.0201 0.2304 0.0485  -0.1292 -0.0704 0.0631  0.1437  -0.0799 0.1226  -0.0806 0.2287  -0.1462 -0.1488 -0.0661 
'X-RAY DIFFRACTION' 3 ? refined 3.4647  1.9192  -4.3821 0.3537 0.0955 0.1446 -0.1058 0.0476  -0.0224 0.4116 0.4275 0.4944 -0.3019 0.1343  0.1226  -0.2361 -0.1789 -0.2523 0.0728  0.0376  0.0912  -0.0959 -0.3009 0.2892  
'X-RAY DIFFRACTION' 4 ? refined 2.5062  -3.1886 7.7687  0.1403 0.0700 0.1451 -0.0196 -0.0895 -0.0112 0.1611 0.1776 0.5364 -0.0623 -0.1251 0.0291  0.1355  0.0192  0.0400  -0.1436 -0.2251 -0.0462 0.1276  0.2543  0.0828 
# 
loop_
_pdbx_refine_tls_group.pdbx_refine_id 
_pdbx_refine_tls_group.id 
_pdbx_refine_tls_group.refine_tls_id 
_pdbx_refine_tls_group.beg_auth_asym_id 
_pdbx_refine_tls_group.beg_auth_seq_id 
_pdbx_refine_tls_group.end_auth_asym_id 
_pdbx_refine_tls_group.end_auth_seq_id 
_pdbx_refine_tls_group.selection_details 
_pdbx_refine_tls_group.beg_label_asym_id 
_pdbx_refine_tls_group.beg_label_seq_id 
_pdbx_refine_tls_group.end_label_asym_id 
_pdbx_refine_tls_group.end_label_seq_id 
_pdbx_refine_tls_group.selection 
'X-RAY DIFFRACTION' 1 1 A 0 A 0 
;chain 'A' and (resid 1799 through 1810 )
;
? ? ? ? ? 
'X-RAY DIFFRACTION' 2 2 A 0 A 0 
;chain 'A' and (resid 1811 through 1839 )
;
? ? ? ? ? 
'X-RAY DIFFRACTION' 3 3 A 0 A 0 
;chain 'A' and (resid 1840 through 1872 )
;
? ? ? ? ? 
'X-RAY DIFFRACTION' 4 4 A 0 A 0 
;chain 'A' and (resid 1873 through 1898 )
;
? ? ? ? ? 
# 
_phasing.method   MR 
# 
_pdbx_distant_solvent_atoms.id                                1 
_pdbx_distant_solvent_atoms.PDB_model_num                     1 
_pdbx_distant_solvent_atoms.auth_atom_id                      O 
_pdbx_distant_solvent_atoms.label_alt_id                      ? 
_pdbx_distant_solvent_atoms.auth_asym_id                      A 
_pdbx_distant_solvent_atoms.auth_comp_id                      HOH 
_pdbx_distant_solvent_atoms.auth_seq_id                       2051 
_pdbx_distant_solvent_atoms.PDB_ins_code                      ? 
_pdbx_distant_solvent_atoms.neighbor_macromolecule_distance   6.16 
_pdbx_distant_solvent_atoms.neighbor_ligand_distance          . 
# 
loop_
_pdbx_unobs_or_zero_occ_residues.id 
_pdbx_unobs_or_zero_occ_residues.PDB_model_num 
_pdbx_unobs_or_zero_occ_residues.polymer_flag 
_pdbx_unobs_or_zero_occ_residues.occupancy_flag 
_pdbx_unobs_or_zero_occ_residues.auth_asym_id 
_pdbx_unobs_or_zero_occ_residues.auth_comp_id 
_pdbx_unobs_or_zero_occ_residues.auth_seq_id 
_pdbx_unobs_or_zero_occ_residues.PDB_ins_code 
_pdbx_unobs_or_zero_occ_residues.label_asym_id 
_pdbx_unobs_or_zero_occ_residues.label_comp_id 
_pdbx_unobs_or_zero_occ_residues.label_seq_id 
1 1 Y 1 A SER 1794 ? A SER 1 
2 1 Y 1 A MET 1795 ? A MET 2 
3 1 Y 1 A HIS 1796 ? A HIS 3 
4 1 Y 1 A SER 1797 ? A SER 4 
5 1 Y 1 A ASP 1798 ? A ASP 5 
# 
loop_
_chem_comp_atom.comp_id 
_chem_comp_atom.atom_id 
_chem_comp_atom.type_symbol 
_chem_comp_atom.pdbx_aromatic_flag 
_chem_comp_atom.pdbx_stereo_config 
_chem_comp_atom.pdbx_ordinal 
7MU C01  C  N N 1   
7MU N02  N  N N 2   
7MU C03  C  N N 3   
7MU O04  O  N N 4   
7MU C05  C  Y N 5   
7MU N06  N  Y N 6   
7MU C07  C  Y N 7   
7MU C08  C  Y N 8   
7MU C09  C  Y N 9   
7MU C10  C  Y N 10  
7MU CL   CL N N 11  
7MU H1   H  N N 12  
7MU H2   H  N N 13  
7MU H3   H  N N 14  
7MU H4   H  N N 15  
7MU H5   H  N N 16  
7MU H6   H  N N 17  
7MU H7   H  N N 18  
ALA N    N  N N 19  
ALA CA   C  N S 20  
ALA C    C  N N 21  
ALA O    O  N N 22  
ALA CB   C  N N 23  
ALA OXT  O  N N 24  
ALA H    H  N N 25  
ALA H2   H  N N 26  
ALA HA   H  N N 27  
ALA HB1  H  N N 28  
ALA HB2  H  N N 29  
ALA HB3  H  N N 30  
ALA HXT  H  N N 31  
ARG N    N  N N 32  
ARG CA   C  N S 33  
ARG C    C  N N 34  
ARG O    O  N N 35  
ARG CB   C  N N 36  
ARG CG   C  N N 37  
ARG CD   C  N N 38  
ARG NE   N  N N 39  
ARG CZ   C  N N 40  
ARG NH1  N  N N 41  
ARG NH2  N  N N 42  
ARG OXT  O  N N 43  
ARG H    H  N N 44  
ARG H2   H  N N 45  
ARG HA   H  N N 46  
ARG HB2  H  N N 47  
ARG HB3  H  N N 48  
ARG HG2  H  N N 49  
ARG HG3  H  N N 50  
ARG HD2  H  N N 51  
ARG HD3  H  N N 52  
ARG HE   H  N N 53  
ARG HH11 H  N N 54  
ARG HH12 H  N N 55  
ARG HH21 H  N N 56  
ARG HH22 H  N N 57  
ARG HXT  H  N N 58  
ASN N    N  N N 59  
ASN CA   C  N S 60  
ASN C    C  N N 61  
ASN O    O  N N 62  
ASN CB   C  N N 63  
ASN CG   C  N N 64  
ASN OD1  O  N N 65  
ASN ND2  N  N N 66  
ASN OXT  O  N N 67  
ASN H    H  N N 68  
ASN H2   H  N N 69  
ASN HA   H  N N 70  
ASN HB2  H  N N 71  
ASN HB3  H  N N 72  
ASN HD21 H  N N 73  
ASN HD22 H  N N 74  
ASN HXT  H  N N 75  
ASP N    N  N N 76  
ASP CA   C  N S 77  
ASP C    C  N N 78  
ASP O    O  N N 79  
ASP CB   C  N N 80  
ASP CG   C  N N 81  
ASP OD1  O  N N 82  
ASP OD2  O  N N 83  
ASP OXT  O  N N 84  
ASP H    H  N N 85  
ASP H2   H  N N 86  
ASP HA   H  N N 87  
ASP HB2  H  N N 88  
ASP HB3  H  N N 89  
ASP HD2  H  N N 90  
ASP HXT  H  N N 91  
CYS N    N  N N 92  
CYS CA   C  N R 93  
CYS C    C  N N 94  
CYS O    O  N N 95  
CYS CB   C  N N 96  
CYS SG   S  N N 97  
CYS OXT  O  N N 98  
CYS H    H  N N 99  
CYS H2   H  N N 100 
CYS HA   H  N N 101 
CYS HB2  H  N N 102 
CYS HB3  H  N N 103 
CYS HG   H  N N 104 
CYS HXT  H  N N 105 
GLN N    N  N N 106 
GLN CA   C  N S 107 
GLN C    C  N N 108 
GLN O    O  N N 109 
GLN CB   C  N N 110 
GLN CG   C  N N 111 
GLN CD   C  N N 112 
GLN OE1  O  N N 113 
GLN NE2  N  N N 114 
GLN OXT  O  N N 115 
GLN H    H  N N 116 
GLN H2   H  N N 117 
GLN HA   H  N N 118 
GLN HB2  H  N N 119 
GLN HB3  H  N N 120 
GLN HG2  H  N N 121 
GLN HG3  H  N N 122 
GLN HE21 H  N N 123 
GLN HE22 H  N N 124 
GLN HXT  H  N N 125 
GLU N    N  N N 126 
GLU CA   C  N S 127 
GLU C    C  N N 128 
GLU O    O  N N 129 
GLU CB   C  N N 130 
GLU CG   C  N N 131 
GLU CD   C  N N 132 
GLU OE1  O  N N 133 
GLU OE2  O  N N 134 
GLU OXT  O  N N 135 
GLU H    H  N N 136 
GLU H2   H  N N 137 
GLU HA   H  N N 138 
GLU HB2  H  N N 139 
GLU HB3  H  N N 140 
GLU HG2  H  N N 141 
GLU HG3  H  N N 142 
GLU HE2  H  N N 143 
GLU HXT  H  N N 144 
GLY N    N  N N 145 
GLY CA   C  N N 146 
GLY C    C  N N 147 
GLY O    O  N N 148 
GLY OXT  O  N N 149 
GLY H    H  N N 150 
GLY H2   H  N N 151 
GLY HA2  H  N N 152 
GLY HA3  H  N N 153 
GLY HXT  H  N N 154 
HIS N    N  N N 155 
HIS CA   C  N S 156 
HIS C    C  N N 157 
HIS O    O  N N 158 
HIS CB   C  N N 159 
HIS CG   C  Y N 160 
HIS ND1  N  Y N 161 
HIS CD2  C  Y N 162 
HIS CE1  C  Y N 163 
HIS NE2  N  Y N 164 
HIS OXT  O  N N 165 
HIS H    H  N N 166 
HIS H2   H  N N 167 
HIS HA   H  N N 168 
HIS HB2  H  N N 169 
HIS HB3  H  N N 170 
HIS HD1  H  N N 171 
HIS HD2  H  N N 172 
HIS HE1  H  N N 173 
HIS HE2  H  N N 174 
HIS HXT  H  N N 175 
HOH O    O  N N 176 
HOH H1   H  N N 177 
HOH H2   H  N N 178 
ILE N    N  N N 179 
ILE CA   C  N S 180 
ILE C    C  N N 181 
ILE O    O  N N 182 
ILE CB   C  N S 183 
ILE CG1  C  N N 184 
ILE CG2  C  N N 185 
ILE CD1  C  N N 186 
ILE OXT  O  N N 187 
ILE H    H  N N 188 
ILE H2   H  N N 189 
ILE HA   H  N N 190 
ILE HB   H  N N 191 
ILE HG12 H  N N 192 
ILE HG13 H  N N 193 
ILE HG21 H  N N 194 
ILE HG22 H  N N 195 
ILE HG23 H  N N 196 
ILE HD11 H  N N 197 
ILE HD12 H  N N 198 
ILE HD13 H  N N 199 
ILE HXT  H  N N 200 
LEU N    N  N N 201 
LEU CA   C  N S 202 
LEU C    C  N N 203 
LEU O    O  N N 204 
LEU CB   C  N N 205 
LEU CG   C  N N 206 
LEU CD1  C  N N 207 
LEU CD2  C  N N 208 
LEU OXT  O  N N 209 
LEU H    H  N N 210 
LEU H2   H  N N 211 
LEU HA   H  N N 212 
LEU HB2  H  N N 213 
LEU HB3  H  N N 214 
LEU HG   H  N N 215 
LEU HD11 H  N N 216 
LEU HD12 H  N N 217 
LEU HD13 H  N N 218 
LEU HD21 H  N N 219 
LEU HD22 H  N N 220 
LEU HD23 H  N N 221 
LEU HXT  H  N N 222 
LYS N    N  N N 223 
LYS CA   C  N S 224 
LYS C    C  N N 225 
LYS O    O  N N 226 
LYS CB   C  N N 227 
LYS CG   C  N N 228 
LYS CD   C  N N 229 
LYS CE   C  N N 230 
LYS NZ   N  N N 231 
LYS OXT  O  N N 232 
LYS H    H  N N 233 
LYS H2   H  N N 234 
LYS HA   H  N N 235 
LYS HB2  H  N N 236 
LYS HB3  H  N N 237 
LYS HG2  H  N N 238 
LYS HG3  H  N N 239 
LYS HD2  H  N N 240 
LYS HD3  H  N N 241 
LYS HE2  H  N N 242 
LYS HE3  H  N N 243 
LYS HZ1  H  N N 244 
LYS HZ2  H  N N 245 
LYS HZ3  H  N N 246 
LYS HXT  H  N N 247 
MET N    N  N N 248 
MET CA   C  N S 249 
MET C    C  N N 250 
MET O    O  N N 251 
MET CB   C  N N 252 
MET CG   C  N N 253 
MET SD   S  N N 254 
MET CE   C  N N 255 
MET OXT  O  N N 256 
MET H    H  N N 257 
MET H2   H  N N 258 
MET HA   H  N N 259 
MET HB2  H  N N 260 
MET HB3  H  N N 261 
MET HG2  H  N N 262 
MET HG3  H  N N 263 
MET HE1  H  N N 264 
MET HE2  H  N N 265 
MET HE3  H  N N 266 
MET HXT  H  N N 267 
PHE N    N  N N 268 
PHE CA   C  N S 269 
PHE C    C  N N 270 
PHE O    O  N N 271 
PHE CB   C  N N 272 
PHE CG   C  Y N 273 
PHE CD1  C  Y N 274 
PHE CD2  C  Y N 275 
PHE CE1  C  Y N 276 
PHE CE2  C  Y N 277 
PHE CZ   C  Y N 278 
PHE OXT  O  N N 279 
PHE H    H  N N 280 
PHE H2   H  N N 281 
PHE HA   H  N N 282 
PHE HB2  H  N N 283 
PHE HB3  H  N N 284 
PHE HD1  H  N N 285 
PHE HD2  H  N N 286 
PHE HE1  H  N N 287 
PHE HE2  H  N N 288 
PHE HZ   H  N N 289 
PHE HXT  H  N N 290 
PRO N    N  N N 291 
PRO CA   C  N S 292 
PRO C    C  N N 293 
PRO O    O  N N 294 
PRO CB   C  N N 295 
PRO CG   C  N N 296 
PRO CD   C  N N 297 
PRO OXT  O  N N 298 
PRO H    H  N N 299 
PRO HA   H  N N 300 
PRO HB2  H  N N 301 
PRO HB3  H  N N 302 
PRO HG2  H  N N 303 
PRO HG3  H  N N 304 
PRO HD2  H  N N 305 
PRO HD3  H  N N 306 
PRO HXT  H  N N 307 
SER N    N  N N 308 
SER CA   C  N S 309 
SER C    C  N N 310 
SER O    O  N N 311 
SER CB   C  N N 312 
SER OG   O  N N 313 
SER OXT  O  N N 314 
SER H    H  N N 315 
SER H2   H  N N 316 
SER HA   H  N N 317 
SER HB2  H  N N 318 
SER HB3  H  N N 319 
SER HG   H  N N 320 
SER HXT  H  N N 321 
THR N    N  N N 322 
THR CA   C  N S 323 
THR C    C  N N 324 
THR O    O  N N 325 
THR CB   C  N R 326 
THR OG1  O  N N 327 
THR CG2  C  N N 328 
THR OXT  O  N N 329 
THR H    H  N N 330 
THR H2   H  N N 331 
THR HA   H  N N 332 
THR HB   H  N N 333 
THR HG1  H  N N 334 
THR HG21 H  N N 335 
THR HG22 H  N N 336 
THR HG23 H  N N 337 
THR HXT  H  N N 338 
TRP N    N  N N 339 
TRP CA   C  N S 340 
TRP C    C  N N 341 
TRP O    O  N N 342 
TRP CB   C  N N 343 
TRP CG   C  Y N 344 
TRP CD1  C  Y N 345 
TRP CD2  C  Y N 346 
TRP NE1  N  Y N 347 
TRP CE2  C  Y N 348 
TRP CE3  C  Y N 349 
TRP CZ2  C  Y N 350 
TRP CZ3  C  Y N 351 
TRP CH2  C  Y N 352 
TRP OXT  O  N N 353 
TRP H    H  N N 354 
TRP H2   H  N N 355 
TRP HA   H  N N 356 
TRP HB2  H  N N 357 
TRP HB3  H  N N 358 
TRP HD1  H  N N 359 
TRP HE1  H  N N 360 
TRP HE3  H  N N 361 
TRP HZ2  H  N N 362 
TRP HZ3  H  N N 363 
TRP HH2  H  N N 364 
TRP HXT  H  N N 365 
TYR N    N  N N 366 
TYR CA   C  N S 367 
TYR C    C  N N 368 
TYR O    O  N N 369 
TYR CB   C  N N 370 
TYR CG   C  Y N 371 
TYR CD1  C  Y N 372 
TYR CD2  C  Y N 373 
TYR CE1  C  Y N 374 
TYR CE2  C  Y N 375 
TYR CZ   C  Y N 376 
TYR OH   O  N N 377 
TYR OXT  O  N N 378 
TYR H    H  N N 379 
TYR H2   H  N N 380 
TYR HA   H  N N 381 
TYR HB2  H  N N 382 
TYR HB3  H  N N 383 
TYR HD1  H  N N 384 
TYR HD2  H  N N 385 
TYR HE1  H  N N 386 
TYR HE2  H  N N 387 
TYR HH   H  N N 388 
TYR HXT  H  N N 389 
VAL N    N  N N 390 
VAL CA   C  N S 391 
VAL C    C  N N 392 
VAL O    O  N N 393 
VAL CB   C  N N 394 
VAL CG1  C  N N 395 
VAL CG2  C  N N 396 
VAL OXT  O  N N 397 
VAL H    H  N N 398 
VAL H2   H  N N 399 
VAL HA   H  N N 400 
VAL HB   H  N N 401 
VAL HG11 H  N N 402 
VAL HG12 H  N N 403 
VAL HG13 H  N N 404 
VAL HG21 H  N N 405 
VAL HG22 H  N N 406 
VAL HG23 H  N N 407 
VAL HXT  H  N N 408 
# 
loop_
_chem_comp_bond.comp_id 
_chem_comp_bond.atom_id_1 
_chem_comp_bond.atom_id_2 
_chem_comp_bond.value_order 
_chem_comp_bond.pdbx_aromatic_flag 
_chem_comp_bond.pdbx_stereo_config 
_chem_comp_bond.pdbx_ordinal 
7MU CL  C09  sing N N 1   
7MU C08 C09  doub Y N 2   
7MU C08 C07  sing Y N 3   
7MU C09 C10  sing Y N 4   
7MU C07 N06  doub Y N 5   
7MU C10 C05  doub Y N 6   
7MU N06 C05  sing Y N 7   
7MU C05 C03  sing N N 8   
7MU O04 C03  doub N N 9   
7MU C03 N02  sing N N 10  
7MU N02 C01  sing N N 11  
7MU C01 H1   sing N N 12  
7MU C01 H2   sing N N 13  
7MU C01 H3   sing N N 14  
7MU N02 H4   sing N N 15  
7MU C07 H5   sing N N 16  
7MU C08 H6   sing N N 17  
7MU C10 H7   sing N N 18  
ALA N   CA   sing N N 19  
ALA N   H    sing N N 20  
ALA N   H2   sing N N 21  
ALA CA  C    sing N N 22  
ALA CA  CB   sing N N 23  
ALA CA  HA   sing N N 24  
ALA C   O    doub N N 25  
ALA C   OXT  sing N N 26  
ALA CB  HB1  sing N N 27  
ALA CB  HB2  sing N N 28  
ALA CB  HB3  sing N N 29  
ALA OXT HXT  sing N N 30  
ARG N   CA   sing N N 31  
ARG N   H    sing N N 32  
ARG N   H2   sing N N 33  
ARG CA  C    sing N N 34  
ARG CA  CB   sing N N 35  
ARG CA  HA   sing N N 36  
ARG C   O    doub N N 37  
ARG C   OXT  sing N N 38  
ARG CB  CG   sing N N 39  
ARG CB  HB2  sing N N 40  
ARG CB  HB3  sing N N 41  
ARG CG  CD   sing N N 42  
ARG CG  HG2  sing N N 43  
ARG CG  HG3  sing N N 44  
ARG CD  NE   sing N N 45  
ARG CD  HD2  sing N N 46  
ARG CD  HD3  sing N N 47  
ARG NE  CZ   sing N N 48  
ARG NE  HE   sing N N 49  
ARG CZ  NH1  sing N N 50  
ARG CZ  NH2  doub N N 51  
ARG NH1 HH11 sing N N 52  
ARG NH1 HH12 sing N N 53  
ARG NH2 HH21 sing N N 54  
ARG NH2 HH22 sing N N 55  
ARG OXT HXT  sing N N 56  
ASN N   CA   sing N N 57  
ASN N   H    sing N N 58  
ASN N   H2   sing N N 59  
ASN CA  C    sing N N 60  
ASN CA  CB   sing N N 61  
ASN CA  HA   sing N N 62  
ASN C   O    doub N N 63  
ASN C   OXT  sing N N 64  
ASN CB  CG   sing N N 65  
ASN CB  HB2  sing N N 66  
ASN CB  HB3  sing N N 67  
ASN CG  OD1  doub N N 68  
ASN CG  ND2  sing N N 69  
ASN ND2 HD21 sing N N 70  
ASN ND2 HD22 sing N N 71  
ASN OXT HXT  sing N N 72  
ASP N   CA   sing N N 73  
ASP N   H    sing N N 74  
ASP N   H2   sing N N 75  
ASP CA  C    sing N N 76  
ASP CA  CB   sing N N 77  
ASP CA  HA   sing N N 78  
ASP C   O    doub N N 79  
ASP C   OXT  sing N N 80  
ASP CB  CG   sing N N 81  
ASP CB  HB2  sing N N 82  
ASP CB  HB3  sing N N 83  
ASP CG  OD1  doub N N 84  
ASP CG  OD2  sing N N 85  
ASP OD2 HD2  sing N N 86  
ASP OXT HXT  sing N N 87  
CYS N   CA   sing N N 88  
CYS N   H    sing N N 89  
CYS N   H2   sing N N 90  
CYS CA  C    sing N N 91  
CYS CA  CB   sing N N 92  
CYS CA  HA   sing N N 93  
CYS C   O    doub N N 94  
CYS C   OXT  sing N N 95  
CYS CB  SG   sing N N 96  
CYS CB  HB2  sing N N 97  
CYS CB  HB3  sing N N 98  
CYS SG  HG   sing N N 99  
CYS OXT HXT  sing N N 100 
GLN N   CA   sing N N 101 
GLN N   H    sing N N 102 
GLN N   H2   sing N N 103 
GLN CA  C    sing N N 104 
GLN CA  CB   sing N N 105 
GLN CA  HA   sing N N 106 
GLN C   O    doub N N 107 
GLN C   OXT  sing N N 108 
GLN CB  CG   sing N N 109 
GLN CB  HB2  sing N N 110 
GLN CB  HB3  sing N N 111 
GLN CG  CD   sing N N 112 
GLN CG  HG2  sing N N 113 
GLN CG  HG3  sing N N 114 
GLN CD  OE1  doub N N 115 
GLN CD  NE2  sing N N 116 
GLN NE2 HE21 sing N N 117 
GLN NE2 HE22 sing N N 118 
GLN OXT HXT  sing N N 119 
GLU N   CA   sing N N 120 
GLU N   H    sing N N 121 
GLU N   H2   sing N N 122 
GLU CA  C    sing N N 123 
GLU CA  CB   sing N N 124 
GLU CA  HA   sing N N 125 
GLU C   O    doub N N 126 
GLU C   OXT  sing N N 127 
GLU CB  CG   sing N N 128 
GLU CB  HB2  sing N N 129 
GLU CB  HB3  sing N N 130 
GLU CG  CD   sing N N 131 
GLU CG  HG2  sing N N 132 
GLU CG  HG3  sing N N 133 
GLU CD  OE1  doub N N 134 
GLU CD  OE2  sing N N 135 
GLU OE2 HE2  sing N N 136 
GLU OXT HXT  sing N N 137 
GLY N   CA   sing N N 138 
GLY N   H    sing N N 139 
GLY N   H2   sing N N 140 
GLY CA  C    sing N N 141 
GLY CA  HA2  sing N N 142 
GLY CA  HA3  sing N N 143 
GLY C   O    doub N N 144 
GLY C   OXT  sing N N 145 
GLY OXT HXT  sing N N 146 
HIS N   CA   sing N N 147 
HIS N   H    sing N N 148 
HIS N   H2   sing N N 149 
HIS CA  C    sing N N 150 
HIS CA  CB   sing N N 151 
HIS CA  HA   sing N N 152 
HIS C   O    doub N N 153 
HIS C   OXT  sing N N 154 
HIS CB  CG   sing N N 155 
HIS CB  HB2  sing N N 156 
HIS CB  HB3  sing N N 157 
HIS CG  ND1  sing Y N 158 
HIS CG  CD2  doub Y N 159 
HIS ND1 CE1  doub Y N 160 
HIS ND1 HD1  sing N N 161 
HIS CD2 NE2  sing Y N 162 
HIS CD2 HD2  sing N N 163 
HIS CE1 NE2  sing Y N 164 
HIS CE1 HE1  sing N N 165 
HIS NE2 HE2  sing N N 166 
HIS OXT HXT  sing N N 167 
HOH O   H1   sing N N 168 
HOH O   H2   sing N N 169 
ILE N   CA   sing N N 170 
ILE N   H    sing N N 171 
ILE N   H2   sing N N 172 
ILE CA  C    sing N N 173 
ILE CA  CB   sing N N 174 
ILE CA  HA   sing N N 175 
ILE C   O    doub N N 176 
ILE C   OXT  sing N N 177 
ILE CB  CG1  sing N N 178 
ILE CB  CG2  sing N N 179 
ILE CB  HB   sing N N 180 
ILE CG1 CD1  sing N N 181 
ILE CG1 HG12 sing N N 182 
ILE CG1 HG13 sing N N 183 
ILE CG2 HG21 sing N N 184 
ILE CG2 HG22 sing N N 185 
ILE CG2 HG23 sing N N 186 
ILE CD1 HD11 sing N N 187 
ILE CD1 HD12 sing N N 188 
ILE CD1 HD13 sing N N 189 
ILE OXT HXT  sing N N 190 
LEU N   CA   sing N N 191 
LEU N   H    sing N N 192 
LEU N   H2   sing N N 193 
LEU CA  C    sing N N 194 
LEU CA  CB   sing N N 195 
LEU CA  HA   sing N N 196 
LEU C   O    doub N N 197 
LEU C   OXT  sing N N 198 
LEU CB  CG   sing N N 199 
LEU CB  HB2  sing N N 200 
LEU CB  HB3  sing N N 201 
LEU CG  CD1  sing N N 202 
LEU CG  CD2  sing N N 203 
LEU CG  HG   sing N N 204 
LEU CD1 HD11 sing N N 205 
LEU CD1 HD12 sing N N 206 
LEU CD1 HD13 sing N N 207 
LEU CD2 HD21 sing N N 208 
LEU CD2 HD22 sing N N 209 
LEU CD2 HD23 sing N N 210 
LEU OXT HXT  sing N N 211 
LYS N   CA   sing N N 212 
LYS N   H    sing N N 213 
LYS N   H2   sing N N 214 
LYS CA  C    sing N N 215 
LYS CA  CB   sing N N 216 
LYS CA  HA   sing N N 217 
LYS C   O    doub N N 218 
LYS C   OXT  sing N N 219 
LYS CB  CG   sing N N 220 
LYS CB  HB2  sing N N 221 
LYS CB  HB3  sing N N 222 
LYS CG  CD   sing N N 223 
LYS CG  HG2  sing N N 224 
LYS CG  HG3  sing N N 225 
LYS CD  CE   sing N N 226 
LYS CD  HD2  sing N N 227 
LYS CD  HD3  sing N N 228 
LYS CE  NZ   sing N N 229 
LYS CE  HE2  sing N N 230 
LYS CE  HE3  sing N N 231 
LYS NZ  HZ1  sing N N 232 
LYS NZ  HZ2  sing N N 233 
LYS NZ  HZ3  sing N N 234 
LYS OXT HXT  sing N N 235 
MET N   CA   sing N N 236 
MET N   H    sing N N 237 
MET N   H2   sing N N 238 
MET CA  C    sing N N 239 
MET CA  CB   sing N N 240 
MET CA  HA   sing N N 241 
MET C   O    doub N N 242 
MET C   OXT  sing N N 243 
MET CB  CG   sing N N 244 
MET CB  HB2  sing N N 245 
MET CB  HB3  sing N N 246 
MET CG  SD   sing N N 247 
MET CG  HG2  sing N N 248 
MET CG  HG3  sing N N 249 
MET SD  CE   sing N N 250 
MET CE  HE1  sing N N 251 
MET CE  HE2  sing N N 252 
MET CE  HE3  sing N N 253 
MET OXT HXT  sing N N 254 
PHE N   CA   sing N N 255 
PHE N   H    sing N N 256 
PHE N   H2   sing N N 257 
PHE CA  C    sing N N 258 
PHE CA  CB   sing N N 259 
PHE CA  HA   sing N N 260 
PHE C   O    doub N N 261 
PHE C   OXT  sing N N 262 
PHE CB  CG   sing N N 263 
PHE CB  HB2  sing N N 264 
PHE CB  HB3  sing N N 265 
PHE CG  CD1  doub Y N 266 
PHE CG  CD2  sing Y N 267 
PHE CD1 CE1  sing Y N 268 
PHE CD1 HD1  sing N N 269 
PHE CD2 CE2  doub Y N 270 
PHE CD2 HD2  sing N N 271 
PHE CE1 CZ   doub Y N 272 
PHE CE1 HE1  sing N N 273 
PHE CE2 CZ   sing Y N 274 
PHE CE2 HE2  sing N N 275 
PHE CZ  HZ   sing N N 276 
PHE OXT HXT  sing N N 277 
PRO N   CA   sing N N 278 
PRO N   CD   sing N N 279 
PRO N   H    sing N N 280 
PRO CA  C    sing N N 281 
PRO CA  CB   sing N N 282 
PRO CA  HA   sing N N 283 
PRO C   O    doub N N 284 
PRO C   OXT  sing N N 285 
PRO CB  CG   sing N N 286 
PRO CB  HB2  sing N N 287 
PRO CB  HB3  sing N N 288 
PRO CG  CD   sing N N 289 
PRO CG  HG2  sing N N 290 
PRO CG  HG3  sing N N 291 
PRO CD  HD2  sing N N 292 
PRO CD  HD3  sing N N 293 
PRO OXT HXT  sing N N 294 
SER N   CA   sing N N 295 
SER N   H    sing N N 296 
SER N   H2   sing N N 297 
SER CA  C    sing N N 298 
SER CA  CB   sing N N 299 
SER CA  HA   sing N N 300 
SER C   O    doub N N 301 
SER C   OXT  sing N N 302 
SER CB  OG   sing N N 303 
SER CB  HB2  sing N N 304 
SER CB  HB3  sing N N 305 
SER OG  HG   sing N N 306 
SER OXT HXT  sing N N 307 
THR N   CA   sing N N 308 
THR N   H    sing N N 309 
THR N   H2   sing N N 310 
THR CA  C    sing N N 311 
THR CA  CB   sing N N 312 
THR CA  HA   sing N N 313 
THR C   O    doub N N 314 
THR C   OXT  sing N N 315 
THR CB  OG1  sing N N 316 
THR CB  CG2  sing N N 317 
THR CB  HB   sing N N 318 
THR OG1 HG1  sing N N 319 
THR CG2 HG21 sing N N 320 
THR CG2 HG22 sing N N 321 
THR CG2 HG23 sing N N 322 
THR OXT HXT  sing N N 323 
TRP N   CA   sing N N 324 
TRP N   H    sing N N 325 
TRP N   H2   sing N N 326 
TRP CA  C    sing N N 327 
TRP CA  CB   sing N N 328 
TRP CA  HA   sing N N 329 
TRP C   O    doub N N 330 
TRP C   OXT  sing N N 331 
TRP CB  CG   sing N N 332 
TRP CB  HB2  sing N N 333 
TRP CB  HB3  sing N N 334 
TRP CG  CD1  doub Y N 335 
TRP CG  CD2  sing Y N 336 
TRP CD1 NE1  sing Y N 337 
TRP CD1 HD1  sing N N 338 
TRP CD2 CE2  doub Y N 339 
TRP CD2 CE3  sing Y N 340 
TRP NE1 CE2  sing Y N 341 
TRP NE1 HE1  sing N N 342 
TRP CE2 CZ2  sing Y N 343 
TRP CE3 CZ3  doub Y N 344 
TRP CE3 HE3  sing N N 345 
TRP CZ2 CH2  doub Y N 346 
TRP CZ2 HZ2  sing N N 347 
TRP CZ3 CH2  sing Y N 348 
TRP CZ3 HZ3  sing N N 349 
TRP CH2 HH2  sing N N 350 
TRP OXT HXT  sing N N 351 
TYR N   CA   sing N N 352 
TYR N   H    sing N N 353 
TYR N   H2   sing N N 354 
TYR CA  C    sing N N 355 
TYR CA  CB   sing N N 356 
TYR CA  HA   sing N N 357 
TYR C   O    doub N N 358 
TYR C   OXT  sing N N 359 
TYR CB  CG   sing N N 360 
TYR CB  HB2  sing N N 361 
TYR CB  HB3  sing N N 362 
TYR CG  CD1  doub Y N 363 
TYR CG  CD2  sing Y N 364 
TYR CD1 CE1  sing Y N 365 
TYR CD1 HD1  sing N N 366 
TYR CD2 CE2  doub Y N 367 
TYR CD2 HD2  sing N N 368 
TYR CE1 CZ   doub Y N 369 
TYR CE1 HE1  sing N N 370 
TYR CE2 CZ   sing Y N 371 
TYR CE2 HE2  sing N N 372 
TYR CZ  OH   sing N N 373 
TYR OH  HH   sing N N 374 
TYR OXT HXT  sing N N 375 
VAL N   CA   sing N N 376 
VAL N   H    sing N N 377 
VAL N   H2   sing N N 378 
VAL CA  C    sing N N 379 
VAL CA  CB   sing N N 380 
VAL CA  HA   sing N N 381 
VAL C   O    doub N N 382 
VAL C   OXT  sing N N 383 
VAL CB  CG1  sing N N 384 
VAL CB  CG2  sing N N 385 
VAL CB  HB   sing N N 386 
VAL CG1 HG11 sing N N 387 
VAL CG1 HG12 sing N N 388 
VAL CG1 HG13 sing N N 389 
VAL CG2 HG21 sing N N 390 
VAL CG2 HG22 sing N N 391 
VAL CG2 HG23 sing N N 392 
VAL OXT HXT  sing N N 393 
# 
_pdbx_audit_support.funding_organization   'Swiss National Science Foundation' 
_pdbx_audit_support.country                Switzerland 
_pdbx_audit_support.grant_number           31003A_169007 
_pdbx_audit_support.ordinal                1 
# 
_pdbx_initial_refinement_model.id               1 
_pdbx_initial_refinement_model.entity_id_list   ? 
_pdbx_initial_refinement_model.type             'experimental model' 
_pdbx_initial_refinement_model.source_name      PDB 
_pdbx_initial_refinement_model.accession_code   4LZ2 
_pdbx_initial_refinement_model.details          ? 
# 
_atom_sites.entry_id                    5MGL 
_atom_sites.fract_transf_matrix[1][1]   0.00397503 
_atom_sites.fract_transf_matrix[1][2]   0.00665399 
_atom_sites.fract_transf_matrix[1][3]   0.00927181 
_atom_sites.fract_transf_matrix[2][1]   -0.00731483 
_atom_sites.fract_transf_matrix[2][2]   0.00234230 
_atom_sites.fract_transf_matrix[2][3]   0.00933028 
_atom_sites.fract_transf_matrix[3][1]   0.00971804 
_atom_sites.fract_transf_matrix[3][2]   -0.02525667 
_atom_sites.fract_transf_matrix[3][3]   0.01395933 
_atom_sites.fract_transf_vector[1]      0.857977 
_atom_sites.fract_transf_vector[2]      0.377300 
_atom_sites.fract_transf_vector[3]      0.000682 
# 
loop_
_atom_type.symbol 
C  
CL 
N  
O  
S  
# 
loop_
_atom_site.group_PDB 
_atom_site.id 
_atom_site.type_symbol 
_atom_site.label_atom_id 
_atom_site.label_alt_id 
_atom_site.label_comp_id 
_atom_site.label_asym_id 
_atom_site.label_entity_id 
_atom_site.label_seq_id 
_atom_site.pdbx_PDB_ins_code 
_atom_site.Cartn_x 
_atom_site.Cartn_y 
_atom_site.Cartn_z 
_atom_site.occupancy 
_atom_site.B_iso_or_equiv 
_atom_site.pdbx_formal_charge 
_atom_site.auth_seq_id 
_atom_site.auth_comp_id 
_atom_site.auth_asym_id 
_atom_site.auth_atom_id 
_atom_site.pdbx_PDB_model_num 
ATOM   1   N  N   . LEU A 1 6   ? 13.745  -6.045  -8.887  1.00 54.68 ? 1799 LEU A N   1 
ATOM   2   C  CA  . LEU A 1 6   ? 12.327  -5.902  -9.216  1.00 54.11 ? 1799 LEU A CA  1 
ATOM   3   C  C   . LEU A 1 6   ? 11.602  -7.242  -9.162  1.00 53.70 ? 1799 LEU A C   1 
ATOM   4   O  O   . LEU A 1 6   ? 10.378  -7.296  -9.234  1.00 53.01 ? 1799 LEU A O   1 
ATOM   5   C  CB  . LEU A 1 6   ? 12.154  -5.276  -10.600 1.00 53.73 ? 1799 LEU A CB  1 
ATOM   6   C  CG  . LEU A 1 6   ? 11.616  -3.844  -10.643 1.00 53.14 ? 1799 LEU A CG  1 
ATOM   7   C  CD1 . LEU A 1 6   ? 12.537  -2.913  -9.873  1.00 52.99 ? 1799 LEU A CD1 1 
ATOM   8   C  CD2 . LEU A 1 6   ? 11.456  -3.379  -12.081 1.00 53.04 ? 1799 LEU A CD2 1 
ATOM   9   N  N   . THR A 1 7   ? 12.369  -8.323  -9.054  1.00 54.05 ? 1800 THR A N   1 
ATOM   10  C  CA  . THR A 1 7   ? 11.807  -9.662  -8.895  1.00 54.05 ? 1800 THR A CA  1 
ATOM   11  C  C   . THR A 1 7   ? 11.159  -9.791  -7.522  1.00 53.56 ? 1800 THR A C   1 
ATOM   12  O  O   . THR A 1 7   ? 10.057  -10.340 -7.394  1.00 53.06 ? 1800 THR A O   1 
ATOM   13  C  CB  . THR A 1 7   ? 12.878  -10.750 -9.065  1.00 54.28 ? 1800 THR A CB  1 
ATOM   14  O  OG1 . THR A 1 7   ? 13.313  -10.763 -10.427 1.00 54.57 ? 1800 THR A OG1 1 
ATOM   15  C  CG2 . THR A 1 7   ? 12.329  -12.118 -8.719  1.00 54.22 ? 1800 THR A CG2 1 
ATOM   16  N  N   . PHE A 1 8   ? 11.844  -9.281  -6.502  1.00 53.32 ? 1801 PHE A N   1 
ATOM   17  C  CA  . PHE A 1 8   ? 11.330  -9.326  -5.144  1.00 52.32 ? 1801 PHE A CA  1 
ATOM   18  C  C   . PHE A 1 8   ? 10.131  -8.398  -4.998  1.00 49.53 ? 1801 PHE A C   1 
ATOM   19  O  O   . PHE A 1 8   ? 9.228   -8.663  -4.203  1.00 49.40 ? 1801 PHE A O   1 
ATOM   20  C  CB  . PHE A 1 8   ? 12.410  -8.948  -4.140  1.00 53.92 ? 1801 PHE A CB  1 
ATOM   21  C  CG  . PHE A 1 8   ? 12.001  -9.161  -2.711  1.00 55.06 ? 1801 PHE A CG  1 
ATOM   22  C  CD1 . PHE A 1 8   ? 11.967  -10.438 -2.174  1.00 55.25 ? 1801 PHE A CD1 1 
ATOM   23  C  CD2 . PHE A 1 8   ? 11.638  -8.090  -1.907  1.00 55.29 ? 1801 PHE A CD2 1 
ATOM   24  C  CE1 . PHE A 1 8   ? 11.586  -10.645 -0.865  1.00 55.02 ? 1801 PHE A CE1 1 
ATOM   25  C  CE2 . PHE A 1 8   ? 11.256  -8.292  -0.595  1.00 55.07 ? 1801 PHE A CE2 1 
ATOM   26  C  CZ  . PHE A 1 8   ? 11.228  -9.572  -0.074  1.00 54.90 ? 1801 PHE A CZ  1 
ATOM   27  N  N   . CYS A 1 9   ? 10.129  -7.311  -5.768  1.00 47.12 ? 1802 CYS A N   1 
ATOM   28  C  CA  . CYS A 1 9   ? 9.002   -6.384  -5.782  1.00 44.85 ? 1802 CYS A CA  1 
ATOM   29  C  C   . CYS A 1 9   ? 7.737   -7.095  -6.248  1.00 42.24 ? 1802 CYS A C   1 
ATOM   30  O  O   . CYS A 1 9   ? 6.639   -6.797  -5.784  1.00 41.68 ? 1802 CYS A O   1 
ATOM   31  C  CB  . CYS A 1 9   ? 9.297   -5.182  -6.681  1.00 45.34 ? 1802 CYS A CB  1 
ATOM   32  S  SG  . CYS A 1 9   ? 10.634  -4.117  -6.093  1.00 44.83 ? 1802 CYS A SG  1 
ATOM   33  N  N   . GLU A 1 10  ? 7.904   -8.036  -7.169  1.00 40.36 ? 1803 GLU A N   1 
ATOM   34  C  CA  . GLU A 1 10  ? 6.796   -8.860  -7.626  1.00 38.82 ? 1803 GLU A CA  1 
ATOM   35  C  C   . GLU A 1 10  ? 6.354   -9.821  -6.532  1.00 37.40 ? 1803 GLU A C   1 
ATOM   36  O  O   . GLU A 1 10  ? 5.161   -9.997  -6.287  1.00 37.20 ? 1803 GLU A O   1 
ATOM   37  C  CB  . GLU A 1 10  ? 7.188   -9.637  -8.885  1.00 38.97 ? 1803 GLU A CB  1 
ATOM   38  C  CG  . GLU A 1 10  ? 6.185   -10.700 -9.291  1.00 39.17 ? 1803 GLU A CG  1 
ATOM   39  C  CD  . GLU A 1 10  ? 4.800   -10.133 -9.511  1.00 39.35 ? 1803 GLU A CD  1 
ATOM   40  O  OE1 . GLU A 1 10  ? 4.691   -9.051  -10.126 1.00 39.52 ? 1803 GLU A OE1 1 
ATOM   41  O  OE2 . GLU A 1 10  ? 3.823   -10.766 -9.059  1.00 39.21 ? 1803 GLU A OE2 1 
ATOM   42  N  N   . ILE A 1 11  ? 7.331   -10.446 -5.884  1.00 36.35 ? 1804 ILE A N   1 
ATOM   43  C  CA  . ILE A 1 11  ? 7.070   -11.404 -4.817  1.00 35.05 ? 1804 ILE A CA  1 
ATOM   44  C  C   . ILE A 1 11  ? 6.306   -10.775 -3.658  1.00 34.59 ? 1804 ILE A C   1 
ATOM   45  O  O   . ILE A 1 11  ? 5.294   -11.311 -3.206  1.00 34.82 ? 1804 ILE A O   1 
ATOM   46  C  CB  . ILE A 1 11  ? 8.384   -12.010 -4.275  1.00 34.19 ? 1804 ILE A CB  1 
ATOM   47  C  CG1 . ILE A 1 11  ? 9.084   -12.821 -5.364  1.00 33.93 ? 1804 ILE A CG1 1 
ATOM   48  C  CG2 . ILE A 1 11  ? 8.113   -12.877 -3.054  1.00 33.65 ? 1804 ILE A CG2 1 
ATOM   49  C  CD1 . ILE A 1 11  ? 10.369  -13.477 -4.908  1.00 33.95 ? 1804 ILE A CD1 1 
ATOM   50  N  N   . ILE A 1 12  ? 6.788   -9.629  -3.192  1.00 33.84 ? 1805 ILE A N   1 
ATOM   51  C  CA  . ILE A 1 12  ? 6.222   -8.986  -2.014  1.00 33.11 ? 1805 ILE A CA  1 
ATOM   52  C  C   . ILE A 1 12  ? 4.897   -8.285  -2.322  1.00 33.23 ? 1805 ILE A C   1 
ATOM   53  O  O   . ILE A 1 12  ? 4.056   -8.126  -1.437  1.00 33.51 ? 1805 ILE A O   1 
ATOM   54  C  CB  . ILE A 1 12  ? 7.220   -7.974  -1.400  1.00 32.36 ? 1805 ILE A CB  1 
ATOM   55  C  CG1 . ILE A 1 12  ? 6.788   -7.581  0.014   1.00 33.08 ? 1805 ILE A CG1 1 
ATOM   56  C  CG2 . ILE A 1 12  ? 7.384   -6.753  -2.294  1.00 30.90 ? 1805 ILE A CG2 1 
ATOM   57  C  CD1 . ILE A 1 12  ? 7.826   -6.781  0.758   1.00 33.61 ? 1805 ILE A CD1 1 
ATOM   58  N  N   . LEU A 1 13  ? 4.700   -7.881  -3.574  1.00 32.70 ? 1806 LEU A N   1 
ATOM   59  C  CA  . LEU A 1 13  ? 3.442   -7.252  -3.964  1.00 31.94 ? 1806 LEU A CA  1 
ATOM   60  C  C   . LEU A 1 13  ? 2.343   -8.301  -4.050  1.00 31.48 ? 1806 LEU A C   1 
ATOM   61  O  O   . LEU A 1 13  ? 1.217   -8.069  -3.612  1.00 31.30 ? 1806 LEU A O   1 
ATOM   62  C  CB  . LEU A 1 13  ? 3.578   -6.518  -5.297  1.00 31.81 ? 1806 LEU A CB  1 
ATOM   63  C  CG  . LEU A 1 13  ? 2.309   -5.839  -5.820  1.00 31.37 ? 1806 LEU A CG  1 
ATOM   64  C  CD1 . LEU A 1 13  ? 1.754   -4.855  -4.797  1.00 30.90 ? 1806 LEU A CD1 1 
ATOM   65  C  CD2 . LEU A 1 13  ? 2.580   -5.143  -7.144  1.00 31.58 ? 1806 LEU A CD2 1 
ATOM   66  N  N   . MET A 1 14  ? 2.679   -9.455  -4.616  1.00 31.12 ? 1807 MET A N   1 
ATOM   67  C  CA  A MET A 1 14  ? 1.749   -10.574 -4.720  0.52 31.00 ? 1807 MET A CA  1 
ATOM   68  C  CA  B MET A 1 14  ? 1.716   -10.543 -4.720  0.48 31.00 ? 1807 MET A CA  1 
ATOM   69  C  C   . MET A 1 14  ? 1.317   -11.052 -3.338  1.00 30.72 ? 1807 MET A C   1 
ATOM   70  O  O   . MET A 1 14  ? 0.146   -11.354 -3.101  1.00 30.86 ? 1807 MET A O   1 
ATOM   71  C  CB  A MET A 1 14  ? 2.392   -11.720 -5.506  0.52 31.00 ? 1807 MET A CB  1 
ATOM   72  C  CB  B MET A 1 14  ? 2.271   -11.692 -5.563  0.48 30.86 ? 1807 MET A CB  1 
ATOM   73  C  CG  A MET A 1 14  ? 1.940   -13.112 -5.090  0.52 30.99 ? 1807 MET A CG  1 
ATOM   74  C  CG  B MET A 1 14  ? 1.265   -12.810 -5.777  0.48 31.00 ? 1807 MET A CG  1 
ATOM   75  S  SD  A MET A 1 14  ? 2.834   -14.418 -5.957  0.52 42.56 ? 1807 MET A SD  1 
ATOM   76  S  SD  B MET A 1 14  ? -0.307  -12.177 -6.394  0.48 26.31 ? 1807 MET A SD  1 
ATOM   77  C  CE  A MET A 1 14  ? 4.529   -14.002 -5.555  0.52 18.10 ? 1807 MET A CE  1 
ATOM   78  C  CE  B MET A 1 14  ? -1.465  -13.227 -5.521  0.48 26.70 ? 1807 MET A CE  1 
ATOM   79  N  N   . GLU A 1 15  ? 2.282   -11.126 -2.427  1.00 30.52 ? 1808 GLU A N   1 
ATOM   80  C  CA  . GLU A 1 15  ? 2.008   -11.554 -1.062  1.00 30.38 ? 1808 GLU A CA  1 
ATOM   81  C  C   . GLU A 1 15  ? 1.161   -10.518 -0.333  1.00 29.68 ? 1808 GLU A C   1 
ATOM   82  O  O   . GLU A 1 15  ? 0.304   -10.866 0.480   1.00 29.91 ? 1808 GLU A O   1 
ATOM   83  C  CB  . GLU A 1 15  ? 3.312   -11.804 -0.302  1.00 31.34 ? 1808 GLU A CB  1 
ATOM   84  C  CG  . GLU A 1 15  ? 4.076   -13.029 -0.771  1.00 32.68 ? 1808 GLU A CG  1 
ATOM   85  C  CD  . GLU A 1 15  ? 5.360   -13.247 0.003   1.00 34.03 ? 1808 GLU A CD  1 
ATOM   86  O  OE1 . GLU A 1 15  ? 5.741   -12.355 0.791   1.00 34.88 ? 1808 GLU A OE1 1 
ATOM   87  O  OE2 . GLU A 1 15  ? 5.987   -14.311 -0.174  1.00 33.98 ? 1808 GLU A OE2 1 
ATOM   88  N  N   . MET A 1 16  ? 1.403   -9.245  -0.631  1.00 28.66 ? 1809 MET A N   1 
ATOM   89  C  CA  . MET A 1 16  ? 0.606   -8.171  -0.053  1.00 27.67 ? 1809 MET A CA  1 
ATOM   90  C  C   . MET A 1 16  ? -0.812  -8.179  -0.610  1.00 28.14 ? 1809 MET A C   1 
ATOM   91  O  O   . MET A 1 16  ? -1.771  -8.008  0.134   1.00 28.02 ? 1809 MET A O   1 
ATOM   92  C  CB  . MET A 1 16  ? 1.259   -6.809  -0.300  1.00 26.67 ? 1809 MET A CB  1 
ATOM   93  C  CG  . MET A 1 16  ? 2.351   -6.451  0.699   1.00 26.31 ? 1809 MET A CG  1 
ATOM   94  S  SD  . MET A 1 16  ? 2.789   -4.702  0.677   1.00 34.35 ? 1809 MET A SD  1 
ATOM   95  C  CE  . MET A 1 16  ? 3.434   -4.523  -0.985  1.00 17.74 ? 1809 MET A CE  1 
ATOM   96  N  N   . GLU A 1 17  ? -0.939  -8.385  -1.918  1.00 28.84 ? 1810 GLU A N   1 
ATOM   97  C  CA  . GLU A 1 17  ? -2.247  -8.423  -2.571  1.00 28.97 ? 1810 GLU A CA  1 
ATOM   98  C  C   . GLU A 1 17  ? -3.122  -9.558  -2.041  1.00 28.63 ? 1810 GLU A C   1 
ATOM   99  O  O   . GLU A 1 17  ? -4.347  -9.441  -1.995  1.00 29.20 ? 1810 GLU A O   1 
ATOM   100 C  CB  . GLU A 1 17  ? -2.086  -8.562  -4.088  1.00 28.75 ? 1810 GLU A CB  1 
ATOM   101 C  CG  . GLU A 1 17  ? -1.626  -7.299  -4.802  1.00 28.82 ? 1810 GLU A CG  1 
ATOM   102 C  CD  . GLU A 1 17  ? -1.188  -7.566  -6.230  1.00 29.03 ? 1810 GLU A CD  1 
ATOM   103 O  OE1 . GLU A 1 17  ? -0.859  -8.731  -6.543  1.00 29.23 ? 1810 GLU A OE1 1 
ATOM   104 O  OE2 . GLU A 1 17  ? -1.172  -6.616  -7.041  1.00 29.17 ? 1810 GLU A OE2 1 
ATOM   105 N  N   . SER A 1 18  ? -2.485  -10.652 -1.636  1.00 31.72 ? 1811 SER A N   1 
ATOM   106 C  CA  . SER A 1 18  ? -3.205  -11.842 -1.192  1.00 29.72 ? 1811 SER A CA  1 
ATOM   107 C  C   . SER A 1 18  ? -3.263  -11.965 0.328   1.00 27.81 ? 1811 SER A C   1 
ATOM   108 O  O   . SER A 1 18  ? -3.729  -12.974 0.859   1.00 26.99 ? 1811 SER A O   1 
ATOM   109 C  CB  . SER A 1 18  ? -2.562  -13.095 -1.787  1.00 29.15 ? 1811 SER A CB  1 
ATOM   110 O  OG  . SER A 1 18  ? -1.180  -13.152 -1.478  1.00 28.38 ? 1811 SER A OG  1 
ATOM   111 N  N   . HIS A 1 19  ? -2.792  -10.937 1.026   1.00 27.28 ? 1812 HIS A N   1 
ATOM   112 C  CA  . HIS A 1 19  ? -2.801  -10.935 2.485   1.00 26.39 ? 1812 HIS A CA  1 
ATOM   113 C  C   . HIS A 1 19  ? -4.223  -10.775 3.020   1.00 27.32 ? 1812 HIS A C   1 
ATOM   114 O  O   . HIS A 1 19  ? -5.070  -10.169 2.367   1.00 28.12 ? 1812 HIS A O   1 
ATOM   115 C  CB  . HIS A 1 19  ? -1.901  -9.820  3.020   1.00 24.47 ? 1812 HIS A CB  1 
ATOM   116 C  CG  . HIS A 1 19  ? -1.455  -10.020 4.434   1.00 22.74 ? 1812 HIS A CG  1 
ATOM   117 N  ND1 . HIS A 1 19  ? -2.298  -9.853  5.515   1.00 22.40 ? 1812 HIS A ND1 1 
ATOM   118 C  CD2 . HIS A 1 19  ? -0.251  -10.361 4.951   1.00 21.68 ? 1812 HIS A CD2 1 
ATOM   119 C  CE1 . HIS A 1 19  ? -1.636  -10.091 6.629   1.00 21.62 ? 1812 HIS A CE1 1 
ATOM   120 N  NE2 . HIS A 1 19  ? -0.386  -10.400 6.316   1.00 21.24 ? 1812 HIS A NE2 1 
ATOM   121 N  N   . ASP A 1 20  ? -4.478  -11.325 4.204   1.00 26.97 ? 1813 ASP A N   1 
ATOM   122 C  CA  . ASP A 1 20  ? -5.797  -11.251 4.826   1.00 26.94 ? 1813 ASP A CA  1 
ATOM   123 C  C   . ASP A 1 20  ? -6.234  -9.815  5.093   1.00 27.06 ? 1813 ASP A C   1 
ATOM   124 O  O   . ASP A 1 20  ? -7.383  -9.452  4.847   1.00 28.10 ? 1813 ASP A O   1 
ATOM   125 C  CB  . ASP A 1 20  ? -5.811  -12.041 6.138   1.00 26.78 ? 1813 ASP A CB  1 
ATOM   126 C  CG  . ASP A 1 20  ? -5.986  -13.533 5.921   1.00 27.36 ? 1813 ASP A CG  1 
ATOM   127 O  OD1 . ASP A 1 20  ? -5.912  -13.979 4.757   1.00 27.85 ? 1813 ASP A OD1 1 
ATOM   128 O  OD2 . ASP A 1 20  ? -6.201  -14.255 6.918   1.00 27.22 ? 1813 ASP A OD2 1 
ATOM   129 N  N   . ALA A 1 21  ? -5.313  -9.003  5.601   1.00 25.97 ? 1814 ALA A N   1 
ATOM   130 C  CA  . ALA A 1 21  ? -5.630  -7.632  5.992   1.00 24.96 ? 1814 ALA A CA  1 
ATOM   131 C  C   . ALA A 1 21  ? -5.409  -6.637  4.856   1.00 24.79 ? 1814 ALA A C   1 
ATOM   132 O  O   . ALA A 1 21  ? -5.226  -5.444  5.095   1.00 24.52 ? 1814 ALA A O   1 
ATOM   133 C  CB  . ALA A 1 21  ? -4.802  -7.229  7.207   1.00 23.78 ? 1814 ALA A CB  1 
ATOM   134 N  N   . ALA A 1 22  ? -5.441  -7.126  3.621   1.00 25.15 ? 1815 ALA A N   1 
ATOM   135 C  CA  . ALA A 1 22  ? -5.123  -6.293  2.465   1.00 25.72 ? 1815 ALA A CA  1 
ATOM   136 C  C   . ALA A 1 22  ? -6.355  -5.651  1.836   1.00 26.86 ? 1815 ALA A C   1 
ATOM   137 O  O   . ALA A 1 22  ? -6.241  -4.893  0.874   1.00 27.35 ? 1815 ALA A O   1 
ATOM   138 C  CB  . ALA A 1 22  ? -4.387  -7.109  1.430   1.00 25.40 ? 1815 ALA A CB  1 
ATOM   139 N  N   . TRP A 1 23  ? -7.530  -5.947  2.384   1.00 26.96 ? 1816 TRP A N   1 
ATOM   140 C  CA  . TRP A 1 23  ? -8.782  -5.447  1.817   1.00 26.74 ? 1816 TRP A CA  1 
ATOM   141 C  C   . TRP A 1 23  ? -8.938  -3.915  1.739   1.00 26.23 ? 1816 TRP A C   1 
ATOM   142 O  O   . TRP A 1 23  ? -9.654  -3.427  0.864   1.00 26.39 ? 1816 TRP A O   1 
ATOM   143 C  CB  . TRP A 1 23  ? -9.975  -6.036  2.585   1.00 26.72 ? 1816 TRP A CB  1 
ATOM   144 C  CG  . TRP A 1 23  ? -9.972  -5.778  4.061   1.00 26.46 ? 1816 TRP A CG  1 
ATOM   145 C  CD1 . TRP A 1 23  ? -9.384  -6.541  5.027   1.00 26.07 ? 1816 TRP A CD1 1 
ATOM   146 C  CD2 . TRP A 1 23  ? -10.607 -4.688  4.743   1.00 26.06 ? 1816 TRP A CD2 1 
ATOM   147 N  NE1 . TRP A 1 23  ? -9.604  -5.990  6.266   1.00 25.55 ? 1816 TRP A NE1 1 
ATOM   148 C  CE2 . TRP A 1 23  ? -10.351 -4.852  6.120   1.00 25.51 ? 1816 TRP A CE2 1 
ATOM   149 C  CE3 . TRP A 1 23  ? -11.358 -3.585  4.323   1.00 25.71 ? 1816 TRP A CE3 1 
ATOM   150 C  CZ2 . TRP A 1 23  ? -10.821 -3.956  7.078   1.00 24.91 ? 1816 TRP A CZ2 1 
ATOM   151 C  CZ3 . TRP A 1 23  ? -11.823 -2.698  5.275   1.00 25.42 ? 1816 TRP A CZ3 1 
ATOM   152 C  CH2 . TRP A 1 23  ? -11.554 -2.889  6.637   1.00 25.07 ? 1816 TRP A CH2 1 
ATOM   153 N  N   . PRO A 1 24  ? -8.286  -3.141  2.632   1.00 25.53 ? 1817 PRO A N   1 
ATOM   154 C  CA  . PRO A 1 24  ? -8.499  -1.704  2.415   1.00 25.62 ? 1817 PRO A CA  1 
ATOM   155 C  C   . PRO A 1 24  ? -7.619  -1.106  1.318   1.00 25.92 ? 1817 PRO A C   1 
ATOM   156 O  O   . PRO A 1 24  ? -7.843  0.038   0.925   1.00 26.29 ? 1817 PRO A O   1 
ATOM   157 C  CB  . PRO A 1 24  ? -8.138  -1.082  3.775   1.00 25.35 ? 1817 PRO A CB  1 
ATOM   158 C  CG  . PRO A 1 24  ? -8.067  -2.223  4.736   1.00 25.07 ? 1817 PRO A CG  1 
ATOM   159 C  CD  . PRO A 1 24  ? -7.628  -3.389  3.925   1.00 24.98 ? 1817 PRO A CD  1 
ATOM   160 N  N   . PHE A 1 25  ? -6.641  -1.861  0.826   1.00 25.90 ? 1818 PHE A N   1 
ATOM   161 C  CA  . PHE A 1 25  ? -5.630  -1.288  -0.061  1.00 25.24 ? 1818 PHE A CA  1 
ATOM   162 C  C   . PHE A 1 25  ? -5.551  -1.968  -1.426  1.00 25.29 ? 1818 PHE A C   1 
ATOM   163 O  O   . PHE A 1 25  ? -4.624  -1.715  -2.195  1.00 24.87 ? 1818 PHE A O   1 
ATOM   164 C  CB  . PHE A 1 25  ? -4.261  -1.338  0.621   1.00 24.41 ? 1818 PHE A CB  1 
ATOM   165 C  CG  . PHE A 1 25  ? -4.317  -1.090  2.099   1.00 23.95 ? 1818 PHE A CG  1 
ATOM   166 C  CD1 . PHE A 1 25  ? -4.465  0.194   2.593   1.00 23.81 ? 1818 PHE A CD1 1 
ATOM   167 C  CD2 . PHE A 1 25  ? -4.230  -2.144  2.996   1.00 23.66 ? 1818 PHE A CD2 1 
ATOM   168 C  CE1 . PHE A 1 25  ? -4.522  0.426   3.950   1.00 23.67 ? 1818 PHE A CE1 1 
ATOM   169 C  CE2 . PHE A 1 25  ? -4.286  -1.916  4.356   1.00 23.33 ? 1818 PHE A CE2 1 
ATOM   170 C  CZ  . PHE A 1 25  ? -4.434  -0.630  4.831   1.00 23.31 ? 1818 PHE A CZ  1 
ATOM   171 N  N   . LEU A 1 26  ? -6.522  -2.824  -1.728  1.00 26.11 ? 1819 LEU A N   1 
ATOM   172 C  CA  . LEU A 1 26  ? -6.558  -3.505  -3.018  1.00 26.88 ? 1819 LEU A CA  1 
ATOM   173 C  C   . LEU A 1 26  ? -6.892  -2.532  -4.144  1.00 28.23 ? 1819 LEU A C   1 
ATOM   174 O  O   . LEU A 1 26  ? -6.274  -2.561  -5.208  1.00 28.36 ? 1819 LEU A O   1 
ATOM   175 C  CB  . LEU A 1 26  ? -7.573  -4.649  -2.996  1.00 26.44 ? 1819 LEU A CB  1 
ATOM   176 C  CG  . LEU A 1 26  ? -7.263  -5.809  -2.050  1.00 25.58 ? 1819 LEU A CG  1 
ATOM   177 C  CD1 . LEU A 1 26  ? -8.356  -6.864  -2.112  1.00 25.73 ? 1819 LEU A CD1 1 
ATOM   178 C  CD2 . LEU A 1 26  ? -5.907  -6.414  -2.375  1.00 25.31 ? 1819 LEU A CD2 1 
ATOM   179 N  N   . GLU A 1 27  ? -7.874  -1.670  -3.898  1.00 29.60 ? 1820 GLU A N   1 
ATOM   180 C  CA  . GLU A 1 27  ? -8.326  -0.708  -4.897  1.00 31.88 ? 1820 GLU A CA  1 
ATOM   181 C  C   . GLU A 1 27  ? -8.198  0.725   -4.382  1.00 31.99 ? 1820 GLU A C   1 
ATOM   182 O  O   . GLU A 1 27  ? -8.181  0.946   -3.171  1.00 31.63 ? 1820 GLU A O   1 
ATOM   183 C  CB  . GLU A 1 27  ? -9.775  -1.007  -5.296  1.00 34.21 ? 1820 GLU A CB  1 
ATOM   184 C  CG  . GLU A 1 27  ? -9.955  -2.335  -6.016  1.00 36.44 ? 1820 GLU A CG  1 
ATOM   185 C  CD  . GLU A 1 27  ? -9.170  -2.408  -7.316  1.00 38.42 ? 1820 GLU A CD  1 
ATOM   186 O  OE1 . GLU A 1 27  ? -9.018  -1.361  -7.983  1.00 39.61 ? 1820 GLU A OE1 1 
ATOM   187 O  OE2 . GLU A 1 27  ? -8.699  -3.511  -7.666  1.00 38.47 ? 1820 GLU A OE2 1 
ATOM   188 N  N   . PRO A 1 28  ? -8.099  1.703   -5.301  1.00 32.32 ? 1821 PRO A N   1 
ATOM   189 C  CA  . PRO A 1 28  ? -8.004  3.108   -4.887  1.00 31.52 ? 1821 PRO A CA  1 
ATOM   190 C  C   . PRO A 1 28  ? -9.220  3.554   -4.083  1.00 30.63 ? 1821 PRO A C   1 
ATOM   191 O  O   . PRO A 1 28  ? -10.340 3.138   -4.382  1.00 30.79 ? 1821 PRO A O   1 
ATOM   192 C  CB  . PRO A 1 28  ? -7.927  3.867   -6.217  1.00 32.35 ? 1821 PRO A CB  1 
ATOM   193 C  CG  . PRO A 1 28  ? -7.440  2.866   -7.206  1.00 33.02 ? 1821 PRO A CG  1 
ATOM   194 C  CD  . PRO A 1 28  ? -8.006  1.552   -6.764  1.00 33.06 ? 1821 PRO A CD  1 
ATOM   195 N  N   . VAL A 1 29  ? -8.991  4.382   -3.070  1.00 30.01 ? 1822 VAL A N   1 
ATOM   196 C  CA  . VAL A 1 29  ? -10.075 4.925   -2.260  1.00 30.70 ? 1822 VAL A CA  1 
ATOM   197 C  C   . VAL A 1 29  ? -11.005 5.773   -3.119  1.00 31.55 ? 1822 VAL A C   1 
ATOM   198 O  O   . VAL A 1 29  ? -10.549 6.641   -3.865  1.00 32.00 ? 1822 VAL A O   1 
ATOM   199 C  CB  . VAL A 1 29  ? -9.534  5.776   -1.093  1.00 30.89 ? 1822 VAL A CB  1 
ATOM   200 C  CG1 . VAL A 1 29  ? -10.668 6.499   -0.385  1.00 31.00 ? 1822 VAL A CG1 1 
ATOM   201 C  CG2 . VAL A 1 29  ? -8.751  4.908   -0.117  1.00 30.65 ? 1822 VAL A CG2 1 
ATOM   202 N  N   . ASN A 1 30  ? -12.304 5.507   -3.029  1.00 31.51 ? 1823 ASN A N   1 
ATOM   203 C  CA  . ASN A 1 30  ? -13.293 6.287   -3.766  1.00 31.21 ? 1823 ASN A CA  1 
ATOM   204 C  C   . ASN A 1 30  ? -13.687 7.535   -2.982  1.00 29.87 ? 1823 ASN A C   1 
ATOM   205 O  O   . ASN A 1 30  ? -14.391 7.444   -1.975  1.00 29.45 ? 1823 ASN A O   1 
ATOM   206 C  CB  . ASN A 1 30  ? -14.529 5.438   -4.074  1.00 32.16 ? 1823 ASN A CB  1 
ATOM   207 C  CG  . ASN A 1 30  ? -15.477 6.115   -5.051  1.00 33.27 ? 1823 ASN A CG  1 
ATOM   208 O  OD1 . ASN A 1 30  ? -15.212 7.215   -5.537  1.00 33.54 ? 1823 ASN A OD1 1 
ATOM   209 N  ND2 . ASN A 1 30  ? -16.586 5.451   -5.351  1.00 33.91 ? 1823 ASN A ND2 1 
ATOM   210 N  N   . PRO A 1 31  ? -13.233 8.709   -3.447  1.00 29.23 ? 1824 PRO A N   1 
ATOM   211 C  CA  . PRO A 1 31  ? -13.444 9.978   -2.741  1.00 28.85 ? 1824 PRO A CA  1 
ATOM   212 C  C   . PRO A 1 31  ? -14.920 10.359  -2.636  1.00 29.03 ? 1824 PRO A C   1 
ATOM   213 O  O   . PRO A 1 31  ? -15.289 11.155  -1.773  1.00 28.66 ? 1824 PRO A O   1 
ATOM   214 C  CB  . PRO A 1 31  ? -12.677 10.987  -3.600  1.00 28.87 ? 1824 PRO A CB  1 
ATOM   215 C  CG  . PRO A 1 31  ? -12.650 10.379  -4.955  1.00 28.95 ? 1824 PRO A CG  1 
ATOM   216 C  CD  . PRO A 1 31  ? -12.537 8.904   -4.731  1.00 28.91 ? 1824 PRO A CD  1 
ATOM   217 N  N   . ARG A 1 32  ? -15.748 9.790   -3.508  1.00 29.87 ? 1825 ARG A N   1 
ATOM   218 C  CA  . ARG A 1 32  ? -17.189 10.011  -3.455  1.00 30.92 ? 1825 ARG A CA  1 
ATOM   219 C  C   . ARG A 1 32  ? -17.803 9.310   -2.249  1.00 31.19 ? 1825 ARG A C   1 
ATOM   220 O  O   . ARG A 1 32  ? -18.816 9.752   -1.709  1.00 31.65 ? 1825 ARG A O   1 
ATOM   221 C  CB  . ARG A 1 32  ? -17.855 9.513   -4.736  1.00 31.55 ? 1825 ARG A CB  1 
ATOM   222 C  CG  . ARG A 1 32  ? -17.451 10.262  -5.990  1.00 32.00 ? 1825 ARG A CG  1 
ATOM   223 C  CD  . ARG A 1 32  ? -17.977 9.553   -7.224  1.00 32.70 ? 1825 ARG A CD  1 
ATOM   224 N  NE  . ARG A 1 32  ? -17.725 10.313  -8.444  1.00 32.67 ? 1825 ARG A NE  1 
ATOM   225 C  CZ  . ARG A 1 32  ? -17.983 9.862   -9.668  1.00 32.45 ? 1825 ARG A CZ  1 
ATOM   226 N  NH1 . ARG A 1 32  ? -18.495 8.650   -9.836  1.00 32.56 ? 1825 ARG A NH1 1 
ATOM   227 N  NH2 . ARG A 1 32  ? -17.724 10.619  -10.725 1.00 32.42 ? 1825 ARG A NH2 1 
ATOM   228 N  N   . LEU A 1 33  ? -17.177 8.214   -1.835  1.00 30.90 ? 1826 LEU A N   1 
ATOM   229 C  CA  . LEU A 1 33  ? -17.702 7.385   -0.757  1.00 30.64 ? 1826 LEU A CA  1 
ATOM   230 C  C   . LEU A 1 33  ? -17.049 7.708   0.580   1.00 30.95 ? 1826 LEU A C   1 
ATOM   231 O  O   . LEU A 1 33  ? -17.606 7.418   1.638   1.00 30.88 ? 1826 LEU A O   1 
ATOM   232 C  CB  . LEU A 1 33  ? -17.503 5.905   -1.086  1.00 29.87 ? 1826 LEU A CB  1 
ATOM   233 C  CG  . LEU A 1 33  ? -18.182 5.393   -2.356  1.00 29.99 ? 1826 LEU A CG  1 
ATOM   234 C  CD1 . LEU A 1 33  ? -17.810 3.942   -2.617  1.00 29.85 ? 1826 LEU A CD1 1 
ATOM   235 C  CD2 . LEU A 1 33  ? -19.688 5.551   -2.246  1.00 30.35 ? 1826 LEU A CD2 1 
ATOM   236 N  N   . VAL A 1 34  ? -15.864 8.306   0.528   1.00 31.43 ? 1827 VAL A N   1 
ATOM   237 C  CA  . VAL A 1 34  ? -15.110 8.604   1.738   1.00 31.54 ? 1827 VAL A CA  1 
ATOM   238 C  C   . VAL A 1 34  ? -14.961 10.109  1.940   1.00 31.84 ? 1827 VAL A C   1 
ATOM   239 O  O   . VAL A 1 34  ? -14.154 10.760  1.276   1.00 31.60 ? 1827 VAL A O   1 
ATOM   240 C  CB  . VAL A 1 34  ? -13.718 7.950   1.701   1.00 31.75 ? 1827 VAL A CB  1 
ATOM   241 C  CG1 . VAL A 1 34  ? -13.010 8.145   3.025   1.00 31.08 ? 1827 VAL A CG1 1 
ATOM   242 C  CG2 . VAL A 1 34  ? -13.842 6.468   1.381   1.00 32.11 ? 1827 VAL A CG2 1 
ATOM   243 N  N   . SER A 1 35  ? -15.744 10.652  2.869   1.00 32.66 ? 1828 SER A N   1 
ATOM   244 C  CA  . SER A 1 35  ? -15.784 12.089  3.111   1.00 33.70 ? 1828 SER A CA  1 
ATOM   245 C  C   . SER A 1 35  ? -14.457 12.641  3.619   1.00 32.63 ? 1828 SER A C   1 
ATOM   246 O  O   . SER A 1 35  ? -13.914 12.167  4.618   1.00 31.68 ? 1828 SER A O   1 
ATOM   247 C  CB  . SER A 1 35  ? -16.895 12.425  4.108   1.00 35.28 ? 1828 SER A CB  1 
ATOM   248 O  OG  . SER A 1 35  ? -16.880 13.802  4.445   1.00 36.16 ? 1828 SER A OG  1 
ATOM   249 N  N   . GLY A 1 36  ? -13.942 13.647  2.920   1.00 32.48 ? 1829 GLY A N   1 
ATOM   250 C  CA  . GLY A 1 36  ? -12.746 14.349  3.348   1.00 31.66 ? 1829 GLY A CA  1 
ATOM   251 C  C   . GLY A 1 36  ? -11.434 13.741  2.889   1.00 30.96 ? 1829 GLY A C   1 
ATOM   252 O  O   . GLY A 1 36  ? -10.367 14.288  3.171   1.00 30.40 ? 1829 GLY A O   1 
ATOM   253 N  N   . TYR A 1 37  ? -11.505 12.619  2.178   1.00 30.70 ? 1830 TYR A N   1 
ATOM   254 C  CA  . TYR A 1 37  ? -10.298 11.916  1.758   1.00 29.12 ? 1830 TYR A CA  1 
ATOM   255 C  C   . TYR A 1 37  ? -9.532  12.690  0.691   1.00 28.47 ? 1830 TYR A C   1 
ATOM   256 O  O   . TYR A 1 37  ? -8.302  12.672  0.669   1.00 27.75 ? 1830 TYR A O   1 
ATOM   257 C  CB  . TYR A 1 37  ? -10.636 10.515  1.242   1.00 28.02 ? 1830 TYR A CB  1 
ATOM   258 C  CG  . TYR A 1 37  ? -9.433  9.605   1.171   1.00 26.42 ? 1830 TYR A CG  1 
ATOM   259 C  CD1 . TYR A 1 37  ? -9.027  8.878   2.282   1.00 25.53 ? 1830 TYR A CD1 1 
ATOM   260 C  CD2 . TYR A 1 37  ? -8.693  9.482   0.000   1.00 25.61 ? 1830 TYR A CD2 1 
ATOM   261 C  CE1 . TYR A 1 37  ? -7.924  8.048   2.231   1.00 24.79 ? 1830 TYR A CE1 1 
ATOM   262 C  CE2 . TYR A 1 37  ? -7.586  8.654   -0.062  1.00 24.97 ? 1830 TYR A CE2 1 
ATOM   263 C  CZ  . TYR A 1 37  ? -7.207  7.939   1.059   1.00 24.63 ? 1830 TYR A CZ  1 
ATOM   264 O  OH  . TYR A 1 37  ? -6.107  7.113   1.011   1.00 24.17 ? 1830 TYR A OH  1 
ATOM   265 N  N   . ARG A 1 38  ? -10.262 13.368  -0.190  1.00 28.82 ? 1831 ARG A N   1 
ATOM   266 C  CA  . ARG A 1 38  ? -9.644  14.158  -1.252  1.00 29.01 ? 1831 ARG A CA  1 
ATOM   267 C  C   . ARG A 1 38  ? -8.875  15.336  -0.662  1.00 28.09 ? 1831 ARG A C   1 
ATOM   268 O  O   . ARG A 1 38  ? -7.871  15.782  -1.217  1.00 27.17 ? 1831 ARG A O   1 
ATOM   269 C  CB  . ARG A 1 38  ? -10.703 14.656  -2.244  1.00 30.55 ? 1831 ARG A CB  1 
ATOM   270 C  CG  . ARG A 1 38  ? -10.130 15.268  -3.517  1.00 31.93 ? 1831 ARG A CG  1 
ATOM   271 C  CD  . ARG A 1 38  ? -11.182 16.018  -4.311  1.00 34.09 ? 1831 ARG A CD  1 
ATOM   272 N  NE  . ARG A 1 38  ? -12.335 15.189  -4.652  1.00 36.40 ? 1831 ARG A NE  1 
ATOM   273 C  CZ  . ARG A 1 38  ? -12.419 14.429  -5.739  1.00 38.24 ? 1831 ARG A CZ  1 
ATOM   274 N  NH1 . ARG A 1 38  ? -11.411 14.380  -6.597  1.00 38.75 ? 1831 ARG A NH1 1 
ATOM   275 N  NH2 . ARG A 1 38  ? -13.511 13.711  -5.966  1.00 38.96 ? 1831 ARG A NH2 1 
ATOM   276 N  N   . ARG A 1 39  ? -9.349  15.823  0.481   1.00 28.73 ? 1832 ARG A N   1 
ATOM   277 C  CA  . ARG A 1 39  ? -8.768  16.989  1.133   1.00 29.41 ? 1832 ARG A CA  1 
ATOM   278 C  C   . ARG A 1 39  ? -7.554  16.632  1.991   1.00 28.67 ? 1832 ARG A C   1 
ATOM   279 O  O   . ARG A 1 39  ? -6.569  17.369  2.023   1.00 28.99 ? 1832 ARG A O   1 
ATOM   280 C  CB  . ARG A 1 39  ? -9.827  17.692  1.987   1.00 30.31 ? 1832 ARG A CB  1 
ATOM   281 C  CG  . ARG A 1 39  ? -9.271  18.739  2.929   1.00 30.79 ? 1832 ARG A CG  1 
ATOM   282 C  CD  . ARG A 1 39  ? -10.378 19.523  3.616   1.00 31.60 ? 1832 ARG A CD  1 
ATOM   283 N  NE  . ARG A 1 39  ? -11.313 18.658  4.330   1.00 32.09 ? 1832 ARG A NE  1 
ATOM   284 C  CZ  . ARG A 1 39  ? -11.095 18.160  5.543   1.00 31.66 ? 1832 ARG A CZ  1 
ATOM   285 N  NH1 . ARG A 1 39  ? -9.961  18.426  6.179   1.00 31.05 ? 1832 ARG A NH1 1 
ATOM   286 N  NH2 . ARG A 1 39  ? -12.006 17.386  6.117   1.00 31.86 ? 1832 ARG A NH2 1 
ATOM   287 N  N   . ILE A 1 40  ? -7.622  15.496  2.677   1.00 27.41 ? 1833 ILE A N   1 
ATOM   288 C  CA  . ILE A 1 40  ? -6.576  15.110  3.620   1.00 25.53 ? 1833 ILE A CA  1 
ATOM   289 C  C   . ILE A 1 40  ? -5.391  14.418  2.943   1.00 24.13 ? 1833 ILE A C   1 
ATOM   290 O  O   . ILE A 1 40  ? -4.234  14.719  3.245   1.00 23.12 ? 1833 ILE A O   1 
ATOM   291 C  CB  . ILE A 1 40  ? -7.142  14.185  4.718   1.00 25.18 ? 1833 ILE A CB  1 
ATOM   292 C  CG1 . ILE A 1 40  ? -8.221  14.918  5.516   1.00 25.10 ? 1833 ILE A CG1 1 
ATOM   293 C  CG2 . ILE A 1 40  ? -6.038  13.706  5.647   1.00 24.35 ? 1833 ILE A CG2 1 
ATOM   294 C  CD1 . ILE A 1 40  ? -8.829  14.091  6.628   1.00 24.80 ? 1833 ILE A CD1 1 
ATOM   295 N  N   . ILE A 1 41  ? -5.677  13.498  2.027   1.00 24.38 ? 1834 ILE A N   1 
ATOM   296 C  CA  . ILE A 1 41  ? -4.624  12.738  1.358   1.00 24.94 ? 1834 ILE A CA  1 
ATOM   297 C  C   . ILE A 1 41  ? -4.240  13.353  0.013   1.00 27.13 ? 1834 ILE A C   1 
ATOM   298 O  O   . ILE A 1 41  ? -5.043  13.382  -0.919  1.00 28.01 ? 1834 ILE A O   1 
ATOM   299 C  CB  . ILE A 1 41  ? -5.042  11.272  1.137   1.00 23.95 ? 1834 ILE A CB  1 
ATOM   300 C  CG1 . ILE A 1 41  ? -5.394  10.620  2.476   1.00 23.92 ? 1834 ILE A CG1 1 
ATOM   301 C  CG2 . ILE A 1 41  ? -3.928  10.502  0.438   1.00 22.82 ? 1834 ILE A CG2 1 
ATOM   302 C  CD1 . ILE A 1 41  ? -4.249  10.608  3.471   1.00 21.95 ? 1834 ILE A CD1 1 
ATOM   303 N  N   . LYS A 1 42  ? -3.005  13.835  -0.083  1.00 28.17 ? 1835 LYS A N   1 
ATOM   304 C  CA  . LYS A 1 42  ? -2.535  14.516  -1.285  1.00 29.32 ? 1835 LYS A CA  1 
ATOM   305 C  C   . LYS A 1 42  ? -2.067  13.546  -2.365  1.00 29.68 ? 1835 LYS A C   1 
ATOM   306 O  O   . LYS A 1 42  ? -2.296  13.769  -3.550  1.00 30.57 ? 1835 LYS A O   1 
ATOM   307 C  CB  . LYS A 1 42  ? -1.405  15.484  -0.931  1.00 29.76 ? 1835 LYS A CB  1 
ATOM   308 C  CG  . LYS A 1 42  ? -1.837  16.597  -0.004  1.00 30.60 ? 1835 LYS A CG  1 
ATOM   309 C  CD  . LYS A 1 42  ? -2.890  17.471  -0.660  1.00 31.84 ? 1835 LYS A CD  1 
ATOM   310 C  CE  . LYS A 1 42  ? -3.885  17.991  0.366   1.00 32.20 ? 1835 LYS A CE  1 
ATOM   311 N  NZ  . LYS A 1 42  ? -3.365  17.862  1.756   1.00 31.71 ? 1835 LYS A NZ  1 
ATOM   312 N  N   . ASN A 1 43  ? -1.410  12.469  -1.949  1.00 29.37 ? 1836 ASN A N   1 
ATOM   313 C  CA  . ASN A 1 43  ? -0.889  11.487  -2.891  1.00 29.04 ? 1836 ASN A CA  1 
ATOM   314 C  C   . ASN A 1 43  ? -1.417  10.086  -2.610  1.00 29.14 ? 1836 ASN A C   1 
ATOM   315 O  O   . ASN A 1 43  ? -0.729  9.273   -1.992  1.00 29.62 ? 1836 ASN A O   1 
ATOM   316 C  CB  . ASN A 1 43  ? 0.640   11.486  -2.858  1.00 28.19 ? 1836 ASN A CB  1 
ATOM   317 C  CG  . ASN A 1 43  ? 1.229   12.863  -3.101  1.00 28.20 ? 1836 ASN A CG  1 
ATOM   318 O  OD1 . ASN A 1 43  ? 1.829   13.459  -2.206  1.00 27.88 ? 1836 ASN A OD1 1 
ATOM   319 N  ND2 . ASN A 1 43  ? 1.059   13.374  -4.315  1.00 28.66 ? 1836 ASN A ND2 1 
ATOM   320 N  N   . PRO A 1 44  ? -2.647  9.803   -3.064  1.00 28.67 ? 1837 PRO A N   1 
ATOM   321 C  CA  . PRO A 1 44  ? -3.279  8.498   -2.845  1.00 28.46 ? 1837 PRO A CA  1 
ATOM   322 C  C   . PRO A 1 44  ? -2.535  7.372   -3.549  1.00 28.36 ? 1837 PRO A C   1 
ATOM   323 O  O   . PRO A 1 44  ? -2.021  7.564   -4.653  1.00 28.96 ? 1837 PRO A O   1 
ATOM   324 C  CB  . PRO A 1 44  ? -4.681  8.680   -3.437  1.00 28.89 ? 1837 PRO A CB  1 
ATOM   325 C  CG  . PRO A 1 44  ? -4.527  9.772   -4.428  1.00 28.98 ? 1837 PRO A CG  1 
ATOM   326 C  CD  . PRO A 1 44  ? -3.512  10.704  -3.843  1.00 28.83 ? 1837 PRO A CD  1 
ATOM   327 N  N   . MET A 1 45  ? -2.478  6.208   -2.911  1.00 27.32 ? 1838 MET A N   1 
ATOM   328 C  CA  . MET A 1 45  ? -1.775  5.063   -3.471  1.00 26.25 ? 1838 MET A CA  1 
ATOM   329 C  C   . MET A 1 45  ? -2.349  3.757   -2.938  1.00 25.69 ? 1838 MET A C   1 
ATOM   330 O  O   . MET A 1 45  ? -2.658  3.642   -1.753  1.00 25.84 ? 1838 MET A O   1 
ATOM   331 C  CB  . MET A 1 45  ? -0.278  5.151   -3.163  1.00 25.46 ? 1838 MET A CB  1 
ATOM   332 C  CG  . MET A 1 45  ? 0.556   4.030   -3.769  1.00 25.31 ? 1838 MET A CG  1 
ATOM   333 S  SD  . MET A 1 45  ? 0.415   3.944   -5.564  1.00 33.87 ? 1838 MET A SD  1 
ATOM   334 C  CE  . MET A 1 45  ? 0.999   5.571   -6.032  1.00 29.61 ? 1838 MET A CE  1 
ATOM   335 N  N   . ASP A 1 46  ? -2.496  2.779   -3.824  1.00 25.54 ? 1839 ASP A N   1 
ATOM   336 C  CA  . ASP A 1 46  ? -2.983  1.462   -3.440  1.00 25.61 ? 1839 ASP A CA  1 
ATOM   337 C  C   . ASP A 1 46  ? -2.202  0.383   -4.180  1.00 25.66 ? 1839 ASP A C   1 
ATOM   338 O  O   . ASP A 1 46  ? -1.318  0.688   -4.981  1.00 24.62 ? 1839 ASP A O   1 
ATOM   339 C  CB  . ASP A 1 46  ? -4.477  1.332   -3.728  1.00 26.35 ? 1839 ASP A CB  1 
ATOM   340 C  CG  . ASP A 1 46  ? -4.784  1.382   -5.206  1.00 27.72 ? 1839 ASP A CG  1 
ATOM   341 O  OD1 . ASP A 1 46  ? -4.655  2.471   -5.802  1.00 28.26 ? 1839 ASP A OD1 1 
ATOM   342 O  OD2 . ASP A 1 46  ? -5.155  0.333   -5.768  1.00 28.67 ? 1839 ASP A OD2 1 
ATOM   343 N  N   . PHE A 1 47  ? -2.538  -0.876  -3.919  1.00 18.15 ? 1840 PHE A N   1 
ATOM   344 C  CA  . PHE A 1 47  ? -1.789  -1.998  -4.477  1.00 18.93 ? 1840 PHE A CA  1 
ATOM   345 C  C   . PHE A 1 47  ? -2.021  -2.172  -5.976  1.00 20.56 ? 1840 PHE A C   1 
ATOM   346 O  O   . PHE A 1 47  ? -1.098  -2.528  -6.709  1.00 20.74 ? 1840 PHE A O   1 
ATOM   347 C  CB  . PHE A 1 47  ? -2.144  -3.290  -3.739  1.00 17.87 ? 1840 PHE A CB  1 
ATOM   348 C  CG  . PHE A 1 47  ? -1.703  -3.307  -2.303  1.00 16.35 ? 1840 PHE A CG  1 
ATOM   349 C  CD1 . PHE A 1 47  ? -0.707  -2.452  -1.860  1.00 15.22 ? 1840 PHE A CD1 1 
ATOM   350 C  CD2 . PHE A 1 47  ? -2.283  -4.179  -1.395  1.00 15.51 ? 1840 PHE A CD2 1 
ATOM   351 C  CE1 . PHE A 1 47  ? -0.297  -2.463  -0.540  1.00 14.41 ? 1840 PHE A CE1 1 
ATOM   352 C  CE2 . PHE A 1 47  ? -1.878  -4.195  -0.073  1.00 14.57 ? 1840 PHE A CE2 1 
ATOM   353 C  CZ  . PHE A 1 47  ? -0.883  -3.335  0.355   1.00 14.13 ? 1840 PHE A CZ  1 
ATOM   354 N  N   . SER A 1 48  ? -3.246  -1.919  -6.429  1.00 21.60 ? 1841 SER A N   1 
ATOM   355 C  CA  . SER A 1 48  ? -3.573  -2.066  -7.845  1.00 22.25 ? 1841 SER A CA  1 
ATOM   356 C  C   . SER A 1 48  ? -2.843  -1.021  -8.682  1.00 22.89 ? 1841 SER A C   1 
ATOM   357 O  O   . SER A 1 48  ? -2.401  -1.305  -9.795  1.00 23.23 ? 1841 SER A O   1 
ATOM   358 C  CB  . SER A 1 48  ? -5.081  -1.958  -8.074  1.00 22.55 ? 1841 SER A CB  1 
ATOM   359 O  OG  . SER A 1 48  ? -5.567  -0.677  -7.714  1.00 23.51 ? 1841 SER A OG  1 
ATOM   360 N  N   . THR A 1 49  ? -2.717  0.185   -8.136  1.00 23.33 ? 1842 THR A N   1 
ATOM   361 C  CA  . THR A 1 49  ? -1.986  1.254   -8.803  1.00 24.64 ? 1842 THR A CA  1 
ATOM   362 C  C   . THR A 1 49  ? -0.513  0.874   -8.925  1.00 25.62 ? 1842 THR A C   1 
ATOM   363 O  O   . THR A 1 49  ? 0.109   1.084   -9.967  1.00 26.52 ? 1842 THR A O   1 
ATOM   364 C  CB  . THR A 1 49  ? -2.111  2.594   -8.047  1.00 25.29 ? 1842 THR A CB  1 
ATOM   365 O  OG1 . THR A 1 49  ? -3.495  2.938   -7.893  1.00 25.45 ? 1842 THR A OG1 1 
ATOM   366 C  CG2 . THR A 1 49  ? -1.393  3.704   -8.803  1.00 25.47 ? 1842 THR A CG2 1 
ATOM   367 N  N   . MET A 1 50  ? 0.037   0.309   -7.854  1.00 26.47 ? 1843 MET A N   1 
ATOM   368 C  CA  . MET A 1 50  ? 1.408   -0.189  -7.868  1.00 28.25 ? 1843 MET A CA  1 
ATOM   369 C  C   . MET A 1 50  ? 1.535   -1.379  -8.813  1.00 29.98 ? 1843 MET A C   1 
ATOM   370 O  O   . MET A 1 50  ? 2.550   -1.540  -9.490  1.00 29.95 ? 1843 MET A O   1 
ATOM   371 C  CB  . MET A 1 50  ? 1.852   -0.586  -6.460  1.00 28.43 ? 1843 MET A CB  1 
ATOM   372 C  CG  . MET A 1 50  ? 1.838   0.551   -5.452  1.00 29.17 ? 1843 MET A CG  1 
ATOM   373 S  SD  . MET A 1 50  ? 2.106   -0.021  -3.762  1.00 26.18 ? 1843 MET A SD  1 
ATOM   374 C  CE  . MET A 1 50  ? 3.738   -0.747  -3.904  1.00 15.15 ? 1843 MET A CE  1 
ATOM   375 N  N   . ARG A 1 51  ? 0.497   -2.211  -8.846  1.00 31.96 ? 1844 ARG A N   1 
ATOM   376 C  CA  . ARG A 1 51  ? 0.471   -3.384  -9.715  1.00 34.45 ? 1844 ARG A CA  1 
ATOM   377 C  C   . ARG A 1 51  ? 0.496   -2.982  -11.187 1.00 37.94 ? 1844 ARG A C   1 
ATOM   378 O  O   . ARG A 1 51  ? 1.236   -3.562  -11.982 1.00 38.02 ? 1844 ARG A O   1 
ATOM   379 C  CB  . ARG A 1 51  ? -0.766  -4.239  -9.418  1.00 33.96 ? 1844 ARG A CB  1 
ATOM   380 C  CG  . ARG A 1 51  ? -1.064  -5.318  -10.452 1.00 33.85 ? 1844 ARG A CG  1 
ATOM   381 C  CD  . ARG A 1 51  ? 0.100   -6.280  -10.627 1.00 33.60 ? 1844 ARG A CD  1 
ATOM   382 N  NE  . ARG A 1 51  ? 0.407   -7.014  -9.403  1.00 32.91 ? 1844 ARG A NE  1 
ATOM   383 C  CZ  . ARG A 1 51  ? 1.441   -7.838  -9.271  1.00 32.37 ? 1844 ARG A CZ  1 
ATOM   384 N  NH1 . ARG A 1 51  ? 2.271   -8.029  -10.288 1.00 32.57 ? 1844 ARG A NH1 1 
ATOM   385 N  NH2 . ARG A 1 51  ? 1.650   -8.467  -8.122  1.00 31.78 ? 1844 ARG A NH2 1 
ATOM   386 N  N   . GLU A 1 52  ? -0.312  -1.989  -11.543 1.00 41.01 ? 1845 GLU A N   1 
ATOM   387 C  CA  . GLU A 1 52  ? -0.368  -1.509  -12.920 1.00 43.56 ? 1845 GLU A CA  1 
ATOM   388 C  C   . GLU A 1 52  ? 0.960   -0.887  -13.342 1.00 43.51 ? 1845 GLU A C   1 
ATOM   389 O  O   . GLU A 1 52  ? 1.400   -1.063  -14.477 1.00 44.09 ? 1845 GLU A O   1 
ATOM   390 C  CB  . GLU A 1 52  ? -1.501  -0.495  -13.092 1.00 46.06 ? 1845 GLU A CB  1 
ATOM   391 C  CG  . GLU A 1 52  ? -2.896  -1.081  -12.938 1.00 48.24 ? 1845 GLU A CG  1 
ATOM   392 C  CD  . GLU A 1 52  ? -3.985  -0.032  -13.065 1.00 51.90 ? 1845 GLU A CD  1 
ATOM   393 O  OE1 . GLU A 1 52  ? -3.662  1.122   -13.420 1.00 54.55 ? 1845 GLU A OE1 1 
ATOM   394 O  OE2 . GLU A 1 52  ? -5.162  -0.363  -12.809 1.00 53.03 ? 1845 GLU A OE2 1 
ATOM   395 N  N   . ARG A 1 53  ? 1.594   -0.166  -12.423 1.00 43.23 ? 1846 ARG A N   1 
ATOM   396 C  CA  . ARG A 1 53  ? 2.873   0.477   -12.705 1.00 43.89 ? 1846 ARG A CA  1 
ATOM   397 C  C   . ARG A 1 53  ? 3.990   -0.556  -12.838 1.00 43.79 ? 1846 ARG A C   1 
ATOM   398 O  O   . ARG A 1 53  ? 4.934   -0.367  -13.605 1.00 44.02 ? 1846 ARG A O   1 
ATOM   399 C  CB  . ARG A 1 53  ? 3.215   1.494   -11.612 1.00 43.96 ? 1846 ARG A CB  1 
ATOM   400 C  CG  . ARG A 1 53  ? 4.539   2.218   -11.823 1.00 44.37 ? 1846 ARG A CG  1 
ATOM   401 C  CD  . ARG A 1 53  ? 4.773   3.282   -10.763 1.00 44.01 ? 1846 ARG A CD  1 
ATOM   402 N  NE  . ARG A 1 53  ? 6.123   3.835   -10.837 1.00 43.48 ? 1846 ARG A NE  1 
ATOM   403 C  CZ  . ARG A 1 53  ? 6.599   4.763   -10.012 1.00 42.28 ? 1846 ARG A CZ  1 
ATOM   404 N  NH1 . ARG A 1 53  ? 5.832   5.248   -9.044  1.00 41.31 ? 1846 ARG A NH1 1 
ATOM   405 N  NH2 . ARG A 1 53  ? 7.841   5.205   -10.154 1.00 42.25 ? 1846 ARG A NH2 1 
ATOM   406 N  N   . LEU A 1 54  ? 3.872   -1.651  -12.094 1.00 43.66 ? 1847 LEU A N   1 
ATOM   407 C  CA  . LEU A 1 54  ? 4.887   -2.697  -12.116 1.00 44.66 ? 1847 LEU A CA  1 
ATOM   408 C  C   . LEU A 1 54  ? 4.821   -3.516  -13.403 1.00 46.34 ? 1847 LEU A C   1 
ATOM   409 O  O   . LEU A 1 54  ? 5.849   -3.785  -14.029 1.00 46.89 ? 1847 LEU A O   1 
ATOM   410 C  CB  . LEU A 1 54  ? 4.733   -3.615  -10.901 1.00 44.38 ? 1847 LEU A CB  1 
ATOM   411 C  CG  . LEU A 1 54  ? 5.811   -4.686  -10.729 1.00 44.62 ? 1847 LEU A CG  1 
ATOM   412 C  CD1 . LEU A 1 54  ? 7.182   -4.041  -10.629 1.00 45.02 ? 1847 LEU A CD1 1 
ATOM   413 C  CD2 . LEU A 1 54  ? 5.526   -5.544  -9.506  1.00 44.36 ? 1847 LEU A CD2 1 
ATOM   414 N  N   . LEU A 1 55  ? 3.612   -3.908  -13.793 1.00 48.95 ? 1848 LEU A N   1 
ATOM   415 C  CA  . LEU A 1 55  ? 3.409   -4.689  -15.010 1.00 53.05 ? 1848 LEU A CA  1 
ATOM   416 C  C   . LEU A 1 55  ? 3.774   -3.884  -16.252 1.00 57.88 ? 1848 LEU A C   1 
ATOM   417 O  O   . LEU A 1 55  ? 4.243   -4.438  -17.247 1.00 58.40 ? 1848 LEU A O   1 
ATOM   418 C  CB  . LEU A 1 55  ? 1.959   -5.170  -15.106 1.00 52.70 ? 1848 LEU A CB  1 
ATOM   419 C  CG  . LEU A 1 55  ? 1.498   -6.210  -14.082 1.00 52.37 ? 1848 LEU A CG  1 
ATOM   420 C  CD1 . LEU A 1 55  ? 0.028   -6.544  -14.284 1.00 52.39 ? 1848 LEU A CD1 1 
ATOM   421 C  CD2 . LEU A 1 55  ? 2.352   -7.466  -14.166 1.00 52.50 ? 1848 LEU A CD2 1 
ATOM   422 N  N   . ARG A 1 56  ? 3.555   -2.574  -16.185 1.00 61.50 ? 1849 ARG A N   1 
ATOM   423 C  CA  . ARG A 1 56  ? 3.876   -1.677  -17.288 1.00 65.01 ? 1849 ARG A CA  1 
ATOM   424 C  C   . ARG A 1 56  ? 5.377   -1.383  -17.311 1.00 65.30 ? 1849 ARG A C   1 
ATOM   425 O  O   . ARG A 1 56  ? 5.916   -0.914  -18.315 1.00 66.48 ? 1849 ARG A O   1 
ATOM   426 C  CB  . ARG A 1 56  ? 3.075   -0.377  -17.173 1.00 68.13 ? 1849 ARG A CB  1 
ATOM   427 C  CG  . ARG A 1 56  ? 3.085   0.484   -18.427 1.00 72.51 ? 1849 ARG A CG  1 
ATOM   428 C  CD  . ARG A 1 56  ? 2.806   1.942   -18.093 1.00 76.68 ? 1849 ARG A CD  1 
ATOM   429 N  NE  . ARG A 1 56  ? 3.672   2.838   -18.852 1.00 79.43 ? 1849 ARG A NE  1 
ATOM   430 C  CZ  . ARG A 1 56  ? 3.243   3.725   -19.743 1.00 81.31 ? 1849 ARG A CZ  1 
ATOM   431 N  NH1 . ARG A 1 56  ? 1.945   3.852   -19.990 1.00 81.73 ? 1849 ARG A NH1 1 
ATOM   432 N  NH2 . ARG A 1 56  ? 4.114   4.492   -20.382 1.00 82.69 ? 1849 ARG A NH2 1 
ATOM   433 N  N   . GLY A 1 57  ? 6.047   -1.673  -16.198 1.00 64.25 ? 1850 GLY A N   1 
ATOM   434 C  CA  . GLY A 1 57  ? 7.484   -1.489  -16.091 1.00 64.04 ? 1850 GLY A CA  1 
ATOM   435 C  C   . GLY A 1 57  ? 7.874   -0.111  -15.594 1.00 63.94 ? 1850 GLY A C   1 
ATOM   436 O  O   . GLY A 1 57  ? 9.024   0.304   -15.731 1.00 65.14 ? 1850 GLY A O   1 
ATOM   437 N  N   . GLY A 1 58  ? 6.916   0.594   -14.999 1.00 63.17 ? 1851 GLY A N   1 
ATOM   438 C  CA  . GLY A 1 58  ? 7.118   1.970   -14.579 1.00 62.95 ? 1851 GLY A CA  1 
ATOM   439 C  C   . GLY A 1 58  ? 7.930   2.159   -13.309 1.00 62.38 ? 1851 GLY A C   1 
ATOM   440 O  O   . GLY A 1 58  ? 7.939   3.247   -12.733 1.00 63.42 ? 1851 GLY A O   1 
ATOM   441 N  N   . TYR A 1 59  ? 8.612   1.108   -12.869 1.00 60.65 ? 1852 TYR A N   1 
ATOM   442 C  CA  . TYR A 1 59  ? 9.465   1.199   -11.688 1.00 59.28 ? 1852 TYR A CA  1 
ATOM   443 C  C   . TYR A 1 59  ? 10.940  1.085   -12.059 1.00 59.92 ? 1852 TYR A C   1 
ATOM   444 O  O   . TYR A 1 59  ? 11.404  0.033   -12.498 1.00 60.13 ? 1852 TYR A O   1 
ATOM   445 C  CB  . TYR A 1 59  ? 9.093   0.123   -10.666 1.00 57.35 ? 1852 TYR A CB  1 
ATOM   446 C  CG  . TYR A 1 59  ? 7.893   0.476   -9.816  1.00 55.33 ? 1852 TYR A CG  1 
ATOM   447 C  CD1 . TYR A 1 59  ? 7.935   1.550   -8.936  1.00 54.59 ? 1852 TYR A CD1 1 
ATOM   448 C  CD2 . TYR A 1 59  ? 6.721   -0.268  -9.885  1.00 54.08 ? 1852 TYR A CD2 1 
ATOM   449 C  CE1 . TYR A 1 59  ? 6.845   1.879   -8.154  1.00 53.52 ? 1852 TYR A CE1 1 
ATOM   450 C  CE2 . TYR A 1 59  ? 5.624   0.054   -9.104  1.00 53.07 ? 1852 TYR A CE2 1 
ATOM   451 C  CZ  . TYR A 1 59  ? 5.693   1.128   -8.241  1.00 52.59 ? 1852 TYR A CZ  1 
ATOM   452 O  OH  . TYR A 1 59  ? 4.606   1.453   -7.462  1.00 51.63 ? 1852 TYR A OH  1 
ATOM   453 N  N   . THR A 1 60  ? 11.670  2.183   -11.880 1.00 61.57 ? 1853 THR A N   1 
ATOM   454 C  CA  . THR A 1 60  ? 13.096  2.223   -12.181 1.00 63.77 ? 1853 THR A CA  1 
ATOM   455 C  C   . THR A 1 60  ? 13.891  1.354   -11.214 1.00 65.41 ? 1853 THR A C   1 
ATOM   456 O  O   . THR A 1 60  ? 14.743  0.567   -11.627 1.00 66.76 ? 1853 THR A O   1 
ATOM   457 C  CB  . THR A 1 60  ? 13.640  3.664   -12.127 1.00 64.60 ? 1853 THR A CB  1 
ATOM   458 O  OG1 . THR A 1 60  ? 12.994  4.460   -13.128 1.00 65.41 ? 1853 THR A OG1 1 
ATOM   459 C  CG2 . THR A 1 60  ? 15.142  3.681   -12.366 1.00 65.21 ? 1853 THR A CG2 1 
ATOM   460 N  N   . SER A 1 61  ? 13.603  1.498   -9.926  1.00 65.56 ? 1854 SER A N   1 
ATOM   461 C  CA  . SER A 1 61  ? 14.322  0.760   -8.895  1.00 65.37 ? 1854 SER A CA  1 
ATOM   462 C  C   . SER A 1 61  ? 13.378  0.230   -7.820  1.00 65.43 ? 1854 SER A C   1 
ATOM   463 O  O   . SER A 1 61  ? 12.194  0.566   -7.798  1.00 65.15 ? 1854 SER A O   1 
ATOM   464 C  CB  . SER A 1 61  ? 15.394  1.649   -8.260  1.00 64.93 ? 1854 SER A CB  1 
ATOM   465 O  OG  . SER A 1 61  ? 14.822  2.825   -7.716  1.00 64.31 ? 1854 SER A OG  1 
ATOM   466 N  N   . SER A 1 62  ? 13.913  -0.600  -6.929  1.00 65.76 ? 1855 SER A N   1 
ATOM   467 C  CA  . SER A 1 62  ? 13.128  -1.162  -5.837  1.00 65.31 ? 1855 SER A CA  1 
ATOM   468 C  C   . SER A 1 62  ? 12.776  -0.090  -4.811  1.00 65.85 ? 1855 SER A C   1 
ATOM   469 O  O   . SER A 1 62  ? 11.799  -0.219  -4.072  1.00 66.24 ? 1855 SER A O   1 
ATOM   470 C  CB  . SER A 1 62  ? 13.885  -2.306  -5.160  1.00 64.57 ? 1855 SER A CB  1 
ATOM   471 O  OG  . SER A 1 62  ? 15.042  -1.829  -4.495  1.00 64.58 ? 1855 SER A OG  1 
ATOM   472 N  N   . GLU A 1 63  ? 13.582  0.967   -4.770  1.00 65.61 ? 1856 GLU A N   1 
ATOM   473 C  CA  . GLU A 1 63  ? 13.352  2.080   -3.856  1.00 65.12 ? 1856 GLU A CA  1 
ATOM   474 C  C   . GLU A 1 63  ? 12.071  2.828   -4.209  1.00 63.14 ? 1856 GLU A C   1 
ATOM   475 O  O   . GLU A 1 63  ? 11.305  3.212   -3.325  1.00 64.72 ? 1856 GLU A O   1 
ATOM   476 C  CB  . GLU A 1 63  ? 14.544  3.042   -3.867  1.00 68.56 ? 1856 GLU A CB  1 
ATOM   477 C  CG  . GLU A 1 63  ? 15.806  2.504   -3.201  1.00 71.76 ? 1856 GLU A CG  1 
ATOM   478 C  CD  . GLU A 1 63  ? 16.584  1.540   -4.081  1.00 74.47 ? 1856 GLU A CD  1 
ATOM   479 O  OE1 . GLU A 1 63  ? 16.100  1.205   -5.182  1.00 73.31 ? 1856 GLU A OE1 1 
ATOM   480 O  OE2 . GLU A 1 63  ? 17.686  1.119   -3.670  1.00 74.16 ? 1856 GLU A OE2 1 
ATOM   481 N  N   . GLU A 1 64  ? 11.850  3.035   -5.504  1.00 60.02 ? 1857 GLU A N   1 
ATOM   482 C  CA  . GLU A 1 64  ? 10.632  3.681   -5.982  1.00 57.79 ? 1857 GLU A CA  1 
ATOM   483 C  C   . GLU A 1 64  ? 9.410   2.843   -5.626  1.00 53.30 ? 1857 GLU A C   1 
ATOM   484 O  O   . GLU A 1 64  ? 8.345   3.377   -5.309  1.00 53.65 ? 1857 GLU A O   1 
ATOM   485 C  CB  . GLU A 1 64  ? 10.690  3.906   -7.496  1.00 59.75 ? 1857 GLU A CB  1 
ATOM   486 C  CG  . GLU A 1 64  ? 11.758  4.890   -7.946  1.00 61.62 ? 1857 GLU A CG  1 
ATOM   487 C  CD  . GLU A 1 64  ? 11.701  5.163   -9.437  1.00 62.63 ? 1857 GLU A CD  1 
ATOM   488 O  OE1 . GLU A 1 64  ? 12.499  5.991   -9.926  1.00 63.89 ? 1857 GLU A OE1 1 
ATOM   489 O  OE2 . GLU A 1 64  ? 10.856  4.549   -10.121 1.00 62.24 ? 1857 GLU A OE2 1 
ATOM   490 N  N   . PHE A 1 65  ? 9.576   1.525   -5.684  1.00 48.17 ? 1858 PHE A N   1 
ATOM   491 C  CA  . PHE A 1 65  ? 8.518   0.594   -5.313  1.00 42.53 ? 1858 PHE A CA  1 
ATOM   492 C  C   . PHE A 1 65  ? 8.222   0.689   -3.823  1.00 39.80 ? 1858 PHE A C   1 
ATOM   493 O  O   . PHE A 1 65  ? 7.063   0.764   -3.411  1.00 38.94 ? 1858 PHE A O   1 
ATOM   494 C  CB  . PHE A 1 65  ? 8.908   -0.837  -5.687  1.00 40.20 ? 1858 PHE A CB  1 
ATOM   495 C  CG  . PHE A 1 65  ? 7.915   -1.873  -5.242  1.00 38.12 ? 1858 PHE A CG  1 
ATOM   496 C  CD1 . PHE A 1 65  ? 8.095   -2.561  -4.054  1.00 37.15 ? 1858 PHE A CD1 1 
ATOM   497 C  CD2 . PHE A 1 65  ? 6.803   -2.161  -6.015  1.00 37.49 ? 1858 PHE A CD2 1 
ATOM   498 C  CE1 . PHE A 1 65  ? 7.185   -3.513  -3.643  1.00 36.40 ? 1858 PHE A CE1 1 
ATOM   499 C  CE2 . PHE A 1 65  ? 5.889   -3.114  -5.610  1.00 36.99 ? 1858 PHE A CE2 1 
ATOM   500 C  CZ  . PHE A 1 65  ? 6.081   -3.791  -4.422  1.00 36.36 ? 1858 PHE A CZ  1 
ATOM   501 N  N   . ALA A 1 66  ? 9.282   0.686   -3.021  1.00 38.12 ? 1859 ALA A N   1 
ATOM   502 C  CA  . ALA A 1 66  ? 9.157   0.775   -1.571  1.00 36.08 ? 1859 ALA A CA  1 
ATOM   503 C  C   . ALA A 1 66  ? 8.539   2.104   -1.158  1.00 34.64 ? 1859 ALA A C   1 
ATOM   504 O  O   . ALA A 1 66  ? 7.841   2.185   -0.147  1.00 34.35 ? 1859 ALA A O   1 
ATOM   505 C  CB  . ALA A 1 66  ? 10.513  0.594   -0.912  1.00 36.53 ? 1859 ALA A CB  1 
ATOM   506 N  N   . ALA A 1 67  ? 8.799   3.142   -1.946  1.00 33.91 ? 1860 ALA A N   1 
ATOM   507 C  CA  . ALA A 1 67  ? 8.254   4.467   -1.677  1.00 33.21 ? 1860 ALA A CA  1 
ATOM   508 C  C   . ALA A 1 67  ? 6.731   4.460   -1.752  1.00 31.66 ? 1860 ALA A C   1 
ATOM   509 O  O   . ALA A 1 67  ? 6.056   4.971   -0.858  1.00 31.19 ? 1860 ALA A O   1 
ATOM   510 C  CB  . ALA A 1 67  ? 8.831   5.485   -2.649  1.00 34.02 ? 1860 ALA A CB  1 
ATOM   511 N  N   . ASP A 1 68  ? 6.194   3.876   -2.821  1.00 31.01 ? 1861 ASP A N   1 
ATOM   512 C  CA  . ASP A 1 68  ? 4.749   3.786   -3.001  1.00 29.90 ? 1861 ASP A CA  1 
ATOM   513 C  C   . ASP A 1 68  ? 4.107   2.876   -1.960  1.00 28.10 ? 1861 ASP A C   1 
ATOM   514 O  O   . ASP A 1 68  ? 2.969   3.099   -1.548  1.00 27.69 ? 1861 ASP A O   1 
ATOM   515 C  CB  . ASP A 1 68  ? 4.407   3.285   -4.406  1.00 29.90 ? 1861 ASP A CB  1 
ATOM   516 C  CG  . ASP A 1 68  ? 4.434   4.391   -5.442  1.00 30.93 ? 1861 ASP A CG  1 
ATOM   517 O  OD1 . ASP A 1 68  ? 4.403   5.577   -5.049  1.00 31.32 ? 1861 ASP A OD1 1 
ATOM   518 O  OD2 . ASP A 1 68  ? 4.478   4.075   -6.651  1.00 31.39 ? 1861 ASP A OD2 1 
ATOM   519 N  N   . ALA A 1 69  ? 4.839   1.849   -1.543  1.00 26.86 ? 1862 ALA A N   1 
ATOM   520 C  CA  . ALA A 1 69  ? 4.343   0.919   -0.537  1.00 25.57 ? 1862 ALA A CA  1 
ATOM   521 C  C   . ALA A 1 69  ? 4.169   1.622   0.805   1.00 25.20 ? 1862 ALA A C   1 
ATOM   522 O  O   . ALA A 1 69  ? 3.122   1.512   1.443   1.00 24.52 ? 1862 ALA A O   1 
ATOM   523 C  CB  . ALA A 1 69  ? 5.281   -0.266  -0.400  1.00 24.99 ? 1862 ALA A CB  1 
ATOM   524 N  N   . LEU A 1 70  ? 5.199   2.350   1.223   1.00 25.57 ? 1863 LEU A N   1 
ATOM   525 C  CA  . LEU A 1 70  ? 5.149   3.112   2.466   1.00 25.03 ? 1863 LEU A CA  1 
ATOM   526 C  C   . LEU A 1 70  ? 4.130   4.244   2.371   1.00 24.34 ? 1863 LEU A C   1 
ATOM   527 O  O   . LEU A 1 70  ? 3.555   4.663   3.378   1.00 24.37 ? 1863 LEU A O   1 
ATOM   528 C  CB  . LEU A 1 70  ? 6.530   3.670   2.811   1.00 25.52 ? 1863 LEU A CB  1 
ATOM   529 C  CG  . LEU A 1 70  ? 7.631   2.643   3.088   1.00 25.45 ? 1863 LEU A CG  1 
ATOM   530 C  CD1 . LEU A 1 70  ? 8.982   3.328   3.250   1.00 25.74 ? 1863 LEU A CD1 1 
ATOM   531 C  CD2 . LEU A 1 70  ? 7.298   1.809   4.316   1.00 24.94 ? 1863 LEU A CD2 1 
ATOM   532 N  N   . LEU A 1 71  ? 3.908   4.733   1.154   1.00 23.57 ? 1864 LEU A N   1 
ATOM   533 C  CA  . LEU A 1 71  ? 2.926   5.783   0.910   1.00 22.78 ? 1864 LEU A CA  1 
ATOM   534 C  C   . LEU A 1 71  ? 1.514   5.299   1.227   1.00 22.29 ? 1864 LEU A C   1 
ATOM   535 O  O   . LEU A 1 71  ? 0.694   6.052   1.753   1.00 22.17 ? 1864 LEU A O   1 
ATOM   536 C  CB  . LEU A 1 71  ? 3.009   6.263   -0.540  1.00 21.92 ? 1864 LEU A CB  1 
ATOM   537 C  CG  . LEU A 1 71  ? 1.986   7.303   -1.001  1.00 21.28 ? 1864 LEU A CG  1 
ATOM   538 C  CD1 . LEU A 1 71  ? 1.995   8.516   -0.087  1.00 21.47 ? 1864 LEU A CD1 1 
ATOM   539 C  CD2 . LEU A 1 71  ? 2.259   7.712   -2.440  1.00 21.16 ? 1864 LEU A CD2 1 
ATOM   540 N  N   . VAL A 1 72  ? 1.241   4.038   0.904   1.00 21.57 ? 1865 VAL A N   1 
ATOM   541 C  CA  . VAL A 1 72  ? -0.047  3.420   1.205   1.00 20.48 ? 1865 VAL A CA  1 
ATOM   542 C  C   . VAL A 1 72  ? -0.325  3.447   2.704   1.00 21.02 ? 1865 VAL A C   1 
ATOM   543 O  O   . VAL A 1 72  ? -1.426  3.786   3.141   1.00 21.89 ? 1865 VAL A O   1 
ATOM   544 C  CB  . VAL A 1 72  ? -0.099  1.958   0.707   1.00 18.67 ? 1865 VAL A CB  1 
ATOM   545 C  CG1 . VAL A 1 72  ? -1.344  1.254   1.227   1.00 17.98 ? 1865 VAL A CG1 1 
ATOM   546 C  CG2 . VAL A 1 72  ? -0.042  1.907   -0.809  1.00 18.05 ? 1865 VAL A CG2 1 
ATOM   547 N  N   . PHE A 1 73  ? 0.694   3.102   3.483   1.00 20.55 ? 1866 PHE A N   1 
ATOM   548 C  CA  . PHE A 1 73  ? 0.557   2.965   4.927   1.00 20.57 ? 1866 PHE A CA  1 
ATOM   549 C  C   . PHE A 1 73  ? 0.669   4.308   5.643   1.00 22.34 ? 1866 PHE A C   1 
ATOM   550 O  O   . PHE A 1 73  ? 0.132   4.482   6.738   1.00 22.24 ? 1866 PHE A O   1 
ATOM   551 C  CB  . PHE A 1 73  ? 1.607   1.985   5.451   1.00 18.92 ? 1866 PHE A CB  1 
ATOM   552 C  CG  . PHE A 1 73  ? 1.612   0.671   4.724   1.00 17.14 ? 1866 PHE A CG  1 
ATOM   553 C  CD1 . PHE A 1 73  ? 0.423   0.026   4.434   1.00 16.43 ? 1866 PHE A CD1 1 
ATOM   554 C  CD2 . PHE A 1 73  ? 2.800   0.096   4.307   1.00 16.33 ? 1866 PHE A CD2 1 
ATOM   555 C  CE1 . PHE A 1 73  ? 0.418   -1.176  3.758   1.00 15.61 ? 1866 PHE A CE1 1 
ATOM   556 C  CE2 . PHE A 1 73  ? 2.802   -1.109  3.629   1.00 15.46 ? 1866 PHE A CE2 1 
ATOM   557 C  CZ  . PHE A 1 73  ? 1.607   -1.745  3.355   1.00 15.25 ? 1866 PHE A CZ  1 
ATOM   558 N  N   . ASP A 1 74  ? 1.369   5.255   5.025   1.00 23.58 ? 1867 ASP A N   1 
ATOM   559 C  CA  . ASP A 1 74  ? 1.432   6.613   5.552   1.00 24.09 ? 1867 ASP A CA  1 
ATOM   560 C  C   . ASP A 1 74  ? 0.084   7.295   5.372   1.00 23.83 ? 1867 ASP A C   1 
ATOM   561 O  O   . ASP A 1 74  ? -0.399  7.989   6.267   1.00 24.64 ? 1867 ASP A O   1 
ATOM   562 C  CB  . ASP A 1 74  ? 2.536   7.420   4.865   1.00 24.83 ? 1867 ASP A CB  1 
ATOM   563 C  CG  . ASP A 1 74  ? 3.926   7.005   5.308   1.00 25.03 ? 1867 ASP A CG  1 
ATOM   564 O  OD1 . ASP A 1 74  ? 4.050   6.405   6.397   1.00 24.90 ? 1867 ASP A OD1 1 
ATOM   565 O  OD2 . ASP A 1 74  ? 4.893   7.284   4.568   1.00 25.30 ? 1867 ASP A OD2 1 
ATOM   566 N  N   . ASN A 1 75  ? -0.522  7.089   4.205   1.00 22.61 ? 1868 ASN A N   1 
ATOM   567 C  CA  . ASN A 1 75  ? -1.851  7.618   3.928   1.00 21.54 ? 1868 ASN A CA  1 
ATOM   568 C  C   . ASN A 1 75  ? -2.896  7.017   4.856   1.00 20.21 ? 1868 ASN A C   1 
ATOM   569 O  O   . ASN A 1 75  ? -3.820  7.704   5.298   1.00 19.81 ? 1868 ASN A O   1 
ATOM   570 C  CB  . ASN A 1 75  ? -2.243  7.361   2.470   1.00 21.13 ? 1868 ASN A CB  1 
ATOM   571 C  CG  . ASN A 1 75  ? -1.475  8.233   1.494   1.00 21.29 ? 1868 ASN A CG  1 
ATOM   572 O  OD1 . ASN A 1 75  ? -0.864  9.229   1.883   1.00 22.05 ? 1868 ASN A OD1 1 
ATOM   573 N  ND2 . ASN A 1 75  ? -1.510  7.866   0.219   1.00 20.76 ? 1868 ASN A ND2 1 
ATOM   574 N  N   . CYS A 1 76  ? -2.742  5.729   5.149   1.00 19.47 ? 1869 CYS A N   1 
ATOM   575 C  CA  . CYS A 1 76  ? -3.660  5.024   6.036   1.00 18.91 ? 1869 CYS A CA  1 
ATOM   576 C  C   . CYS A 1 76  ? -3.599  5.595   7.446   1.00 19.23 ? 1869 CYS A C   1 
ATOM   577 O  O   . CYS A 1 76  ? -4.625  5.777   8.098   1.00 19.60 ? 1869 CYS A O   1 
ATOM   578 C  CB  . CYS A 1 76  ? -3.336  3.531   6.059   1.00 18.01 ? 1869 CYS A CB  1 
ATOM   579 S  SG  . CYS A 1 76  ? -4.485  2.526   7.028   1.00 14.11 ? 1869 CYS A SG  1 
ATOM   580 N  N   . GLN A 1 77  ? -2.386  5.882   7.907   1.00 19.07 ? 1870 GLN A N   1 
ATOM   581 C  CA  . GLN A 1 77  ? -2.186  6.413   9.250   1.00 19.07 ? 1870 GLN A CA  1 
ATOM   582 C  C   . GLN A 1 77  ? -2.606  7.872   9.343   1.00 19.20 ? 1870 GLN A C   1 
ATOM   583 O  O   . GLN A 1 77  ? -2.938  8.356   10.421  1.00 19.08 ? 1870 GLN A O   1 
ATOM   584 C  CB  . GLN A 1 77  ? -0.726  6.256   9.677   1.00 19.06 ? 1870 GLN A CB  1 
ATOM   585 C  CG  . GLN A 1 77  ? -0.309  4.808   9.911   1.00 18.85 ? 1870 GLN A CG  1 
ATOM   586 C  CD  . GLN A 1 77  ? 1.177   4.682   10.203  1.00 19.60 ? 1870 GLN A CD  1 
ATOM   587 O  OE1 . GLN A 1 77  ? 1.604   4.759   11.355  1.00 20.52 ? 1870 GLN A OE1 1 
ATOM   588 N  NE2 . GLN A 1 77  ? 1.971   4.477   9.158   1.00 19.33 ? 1870 GLN A NE2 1 
ATOM   589 N  N   . THR A 1 78  ? -2.590  8.572   8.213   1.00 19.68 ? 1871 THR A N   1 
ATOM   590 C  CA  . THR A 1 78  ? -2.969  9.981   8.181   1.00 20.30 ? 1871 THR A CA  1 
ATOM   591 C  C   . THR A 1 78  ? -4.483  10.155  8.260   1.00 20.85 ? 1871 THR A C   1 
ATOM   592 O  O   . THR A 1 78  ? -4.982  11.031  8.968   1.00 20.73 ? 1871 THR A O   1 
ATOM   593 C  CB  . THR A 1 78  ? -2.450  10.677  6.907   1.00 20.47 ? 1871 THR A CB  1 
ATOM   594 O  OG1 . THR A 1 78  ? -1.029  10.520  6.820   1.00 20.83 ? 1871 THR A OG1 1 
ATOM   595 C  CG2 . THR A 1 78  ? -2.788  12.161  6.924   1.00 20.70 ? 1871 THR A CG2 1 
ATOM   596 N  N   . PHE A 1 79  ? -5.212  9.317   7.532   1.00 22.02 ? 1872 PHE A N   1 
ATOM   597 C  CA  . PHE A 1 79  ? -6.658  9.463   7.448   1.00 24.10 ? 1872 PHE A CA  1 
ATOM   598 C  C   . PHE A 1 79  ? -7.402  8.648   8.506   1.00 26.83 ? 1872 PHE A C   1 
ATOM   599 O  O   . PHE A 1 79  ? -8.442  9.079   9.003   1.00 27.08 ? 1872 PHE A O   1 
ATOM   600 C  CB  . PHE A 1 79  ? -7.152  9.072   6.054   1.00 23.19 ? 1872 PHE A CB  1 
ATOM   601 C  CG  . PHE A 1 79  ? -8.602  9.381   5.824   1.00 22.64 ? 1872 PHE A CG  1 
ATOM   602 C  CD1 . PHE A 1 79  ? -8.994  10.634  5.380   1.00 22.60 ? 1872 PHE A CD1 1 
ATOM   603 C  CD2 . PHE A 1 79  ? -9.576  8.423   6.060   1.00 21.85 ? 1872 PHE A CD2 1 
ATOM   604 C  CE1 . PHE A 1 79  ? -10.329 10.924  5.171   1.00 22.18 ? 1872 PHE A CE1 1 
ATOM   605 C  CE2 . PHE A 1 79  ? -10.910 8.708   5.855   1.00 21.74 ? 1872 PHE A CE2 1 
ATOM   606 C  CZ  . PHE A 1 79  ? -11.288 9.961   5.410   1.00 22.08 ? 1872 PHE A CZ  1 
ATOM   607 N  N   . ASN A 1 80  ? -6.886  7.469   8.835   1.00 20.03 ? 1873 ASN A N   1 
ATOM   608 C  CA  . ASN A 1 80  ? -7.587  6.569   9.748   1.00 22.99 ? 1873 ASN A CA  1 
ATOM   609 C  C   . ASN A 1 80  ? -6.983  6.493   11.149  1.00 26.21 ? 1873 ASN A C   1 
ATOM   610 O  O   . ASN A 1 80  ? -5.771  6.627   11.324  1.00 25.68 ? 1873 ASN A O   1 
ATOM   611 C  CB  . ASN A 1 80  ? -7.680  5.165   9.144   1.00 22.99 ? 1873 ASN A CB  1 
ATOM   612 C  CG  . ASN A 1 80  ? -8.424  5.146   7.824   1.00 23.23 ? 1873 ASN A CG  1 
ATOM   613 O  OD1 . ASN A 1 80  ? -9.650  5.251   7.789   1.00 23.57 ? 1873 ASN A OD1 1 
ATOM   614 N  ND2 . ASN A 1 80  ? -7.686  5.015   6.730   1.00 22.99 ? 1873 ASN A ND2 1 
ATOM   615 N  N   . GLU A 1 81  ? -7.841  6.271   12.141  1.00 29.98 ? 1874 GLU A N   1 
ATOM   616 C  CA  . GLU A 1 81  ? -7.396  6.099   13.520  1.00 33.19 ? 1874 GLU A CA  1 
ATOM   617 C  C   . GLU A 1 81  ? -6.688  4.756   13.685  1.00 32.58 ? 1874 GLU A C   1 
ATOM   618 O  O   . GLU A 1 81  ? -6.941  3.815   12.931  1.00 33.37 ? 1874 GLU A O   1 
ATOM   619 C  CB  . GLU A 1 81  ? -8.581  6.196   14.490  1.00 37.24 ? 1874 GLU A CB  1 
ATOM   620 C  CG  . GLU A 1 81  ? -9.419  7.462   14.362  1.00 41.76 ? 1874 GLU A CG  1 
ATOM   621 C  CD  . GLU A 1 81  ? -9.194  8.437   15.500  1.00 47.95 ? 1874 GLU A CD  1 
ATOM   622 O  OE1 . GLU A 1 81  ? -8.102  8.413   16.106  1.00 49.49 ? 1874 GLU A OE1 1 
ATOM   623 O  OE2 . GLU A 1 81  ? -10.117 9.230   15.787  1.00 51.49 ? 1874 GLU A OE2 1 
ATOM   624 N  N   . ASP A 1 82  ? -5.802  4.669   14.672  1.00 30.66 ? 1875 ASP A N   1 
ATOM   625 C  CA  . ASP A 1 82  ? -5.050  3.442   14.921  1.00 28.76 ? 1875 ASP A CA  1 
ATOM   626 C  C   . ASP A 1 82  ? -5.956  2.315   15.413  1.00 28.68 ? 1875 ASP A C   1 
ATOM   627 O  O   . ASP A 1 82  ? -5.618  1.138   15.290  1.00 28.79 ? 1875 ASP A O   1 
ATOM   628 C  CB  . ASP A 1 82  ? -3.932  3.693   15.936  1.00 26.96 ? 1875 ASP A CB  1 
ATOM   629 C  CG  . ASP A 1 82  ? -2.877  4.647   15.415  1.00 24.86 ? 1875 ASP A CG  1 
ATOM   630 O  OD1 . ASP A 1 82  ? -2.488  4.523   14.234  1.00 24.08 ? 1875 ASP A OD1 1 
ATOM   631 O  OD2 . ASP A 1 82  ? -2.438  5.525   16.187  1.00 24.33 ? 1875 ASP A OD2 1 
ATOM   632 N  N   . ASP A 1 83  ? -7.109  2.680   15.966  1.00 28.63 ? 1876 ASP A N   1 
ATOM   633 C  CA  . ASP A 1 83  ? -8.045  1.692   16.490  1.00 29.03 ? 1876 ASP A CA  1 
ATOM   634 C  C   . ASP A 1 83  ? -9.218  1.463   15.541  1.00 28.91 ? 1876 ASP A C   1 
ATOM   635 O  O   . ASP A 1 83  ? -10.133 0.701   15.848  1.00 29.24 ? 1876 ASP A O   1 
ATOM   636 C  CB  . ASP A 1 83  ? -8.550  2.117   17.874  1.00 29.41 ? 1876 ASP A CB  1 
ATOM   637 C  CG  . ASP A 1 83  ? -9.245  3.464   17.859  1.00 29.55 ? 1876 ASP A CG  1 
ATOM   638 O  OD1 . ASP A 1 83  ? -9.133  4.189   16.851  1.00 29.85 ? 1876 ASP A OD1 1 
ATOM   639 O  OD2 . ASP A 1 83  ? -9.896  3.805   18.870  1.00 29.64 ? 1876 ASP A OD2 1 
ATOM   640 N  N   . SER A 1 84  ? -9.185  2.123   14.387  1.00 28.71 ? 1877 SER A N   1 
ATOM   641 C  CA  . SER A 1 84  ? -10.210 1.918   13.367  1.00 28.85 ? 1877 SER A CA  1 
ATOM   642 C  C   . SER A 1 84  ? -9.971  0.599   12.639  1.00 30.04 ? 1877 SER A C   1 
ATOM   643 O  O   . SER A 1 84  ? -8.892  0.017   12.741  1.00 30.40 ? 1877 SER A O   1 
ATOM   644 C  CB  . SER A 1 84  ? -10.226 3.078   12.369  1.00 27.25 ? 1877 SER A CB  1 
ATOM   645 O  OG  . SER A 1 84  ? -9.017  3.136   11.631  1.00 26.62 ? 1877 SER A OG  1 
ATOM   646 N  N   . GLU A 1 85  ? -10.978 0.128   11.908  1.00 30.74 ? 1878 GLU A N   1 
ATOM   647 C  CA  . GLU A 1 85  ? -10.872 -1.143  11.195  1.00 31.35 ? 1878 GLU A CA  1 
ATOM   648 C  C   . GLU A 1 85  ? -9.836  -1.079  10.077  1.00 30.01 ? 1878 GLU A C   1 
ATOM   649 O  O   . GLU A 1 85  ? -9.050  -2.010  9.899   1.00 30.45 ? 1878 GLU A O   1 
ATOM   650 C  CB  . GLU A 1 85  ? -12.234 -1.557  10.633  1.00 32.95 ? 1878 GLU A CB  1 
ATOM   651 C  CG  . GLU A 1 85  ? -13.219 -2.002  11.700  1.00 35.37 ? 1878 GLU A CG  1 
ATOM   652 C  CD  . GLU A 1 85  ? -12.687 -3.155  12.534  1.00 37.57 ? 1878 GLU A CD  1 
ATOM   653 O  OE1 . GLU A 1 85  ? -12.260 -4.170  11.942  1.00 38.37 ? 1878 GLU A OE1 1 
ATOM   654 O  OE2 . GLU A 1 85  ? -12.685 -3.040  13.778  1.00 38.01 ? 1878 GLU A OE2 1 
ATOM   655 N  N   . VAL A 1 86  ? -9.840  0.018   9.327   1.00 28.11 ? 1879 VAL A N   1 
ATOM   656 C  CA  . VAL A 1 86  ? -8.843  0.230   8.284   1.00 26.26 ? 1879 VAL A CA  1 
ATOM   657 C  C   . VAL A 1 86  ? -7.466  0.426   8.911   1.00 25.51 ? 1879 VAL A C   1 
ATOM   658 O  O   . VAL A 1 86  ? -6.468  -0.111  8.428   1.00 25.16 ? 1879 VAL A O   1 
ATOM   659 C  CB  . VAL A 1 86  ? -9.193  1.446   7.401   1.00 24.96 ? 1879 VAL A CB  1 
ATOM   660 C  CG1 . VAL A 1 86  ? -8.040  1.786   6.468   1.00 23.89 ? 1879 VAL A CG1 1 
ATOM   661 C  CG2 . VAL A 1 86  ? -10.464 1.177   6.611   1.00 25.03 ? 1879 VAL A CG2 1 
ATOM   662 N  N   . GLY A 1 87  ? -7.428  1.189   10.000  1.00 24.93 ? 1880 GLY A N   1 
ATOM   663 C  CA  . GLY A 1 87  ? -6.191  1.462   10.708  1.00 24.00 ? 1880 GLY A CA  1 
ATOM   664 C  C   . GLY A 1 87  ? -5.520  0.209   11.237  1.00 24.00 ? 1880 GLY A C   1 
ATOM   665 O  O   . GLY A 1 87  ? -4.312  0.029   11.081  1.00 24.02 ? 1880 GLY A O   1 
ATOM   666 N  N   . LYS A 1 88  ? -6.306  -0.663  11.863  1.00 23.64 ? 1881 LYS A N   1 
ATOM   667 C  CA  . LYS A 1 88  ? -5.783  -1.912  12.406  1.00 23.42 ? 1881 LYS A CA  1 
ATOM   668 C  C   . LYS A 1 88  ? -5.298  -2.834  11.292  1.00 22.53 ? 1881 LYS A C   1 
ATOM   669 O  O   . LYS A 1 88  ? -4.301  -3.538  11.449  1.00 23.21 ? 1881 LYS A O   1 
ATOM   670 C  CB  . LYS A 1 88  ? -6.843  -2.620  13.252  1.00 24.40 ? 1881 LYS A CB  1 
ATOM   671 C  CG  . LYS A 1 88  ? -7.121  -1.943  14.586  1.00 25.10 ? 1881 LYS A CG  1 
ATOM   672 C  CD  . LYS A 1 88  ? -8.049  -2.775  15.456  1.00 26.01 ? 1881 LYS A CD  1 
ATOM   673 C  CE  . LYS A 1 88  ? -9.418  -2.937  14.817  1.00 26.16 ? 1881 LYS A CE  1 
ATOM   674 N  NZ  . LYS A 1 88  ? -10.349 -3.690  15.699  1.00 26.88 ? 1881 LYS A NZ  1 
ATOM   675 N  N   . ALA A 1 89  ? -6.006  -2.823  10.167  1.00 20.80 ? 1882 ALA A N   1 
ATOM   676 C  CA  . ALA A 1 89  ? -5.599  -3.603  9.006   1.00 19.22 ? 1882 ALA A CA  1 
ATOM   677 C  C   . ALA A 1 89  ? -4.333  -3.012  8.394   1.00 18.17 ? 1882 ALA A C   1 
ATOM   678 O  O   . ALA A 1 89  ? -3.472  -3.739  7.898   1.00 18.50 ? 1882 ALA A O   1 
ATOM   679 C  CB  . ALA A 1 89  ? -6.717  -3.657  7.978   1.00 18.34 ? 1882 ALA A CB  1 
ATOM   680 N  N   . GLY A 1 90  ? -4.229  -1.687  8.441   1.00 16.45 ? 1883 GLY A N   1 
ATOM   681 C  CA  . GLY A 1 90  ? -3.079  -0.984  7.903   1.00 14.95 ? 1883 GLY A CA  1 
ATOM   682 C  C   . GLY A 1 90  ? -1.803  -1.263  8.669   1.00 14.83 ? 1883 GLY A C   1 
ATOM   683 O  O   . GLY A 1 90  ? -0.731  -1.397  8.078   1.00 14.92 ? 1883 GLY A O   1 
ATOM   684 N  N   . HIS A 1 91  ? -1.916  -1.347  9.991   1.00 14.87 ? 1884 HIS A N   1 
ATOM   685 C  CA  . HIS A 1 91  ? -0.766  -1.636  10.837  1.00 14.85 ? 1884 HIS A CA  1 
ATOM   686 C  C   . HIS A 1 91  ? -0.252  -3.050  10.590  1.00 16.55 ? 1884 HIS A C   1 
ATOM   687 O  O   . HIS A 1 91  ? 0.951   -3.305  10.661  1.00 17.27 ? 1884 HIS A O   1 
ATOM   688 C  CB  . HIS A 1 91  ? -1.123  -1.452  12.313  1.00 14.17 ? 1884 HIS A CB  1 
ATOM   689 C  CG  . HIS A 1 91  ? -1.281  -0.018  12.720  1.00 13.49 ? 1884 HIS A CG  1 
ATOM   690 N  ND1 . HIS A 1 91  ? -0.295  0.921   12.532  1.00 12.87 ? 1884 HIS A ND1 1 
ATOM   691 C  CD2 . HIS A 1 91  ? -2.314  0.628   13.314  1.00 13.41 ? 1884 HIS A CD2 1 
ATOM   692 C  CE1 . HIS A 1 91  ? -0.710  2.091   12.989  1.00 12.47 ? 1884 HIS A CE1 1 
ATOM   693 N  NE2 . HIS A 1 91  ? -1.929  1.941   13.467  1.00 13.07 ? 1884 HIS A NE2 1 
ATOM   694 N  N   . ILE A 1 92  ? -1.170  -3.966  10.295  1.00 16.71 ? 1885 ILE A N   1 
ATOM   695 C  CA  . ILE A 1 92  ? -0.799  -5.336  9.964   1.00 17.31 ? 1885 ILE A CA  1 
ATOM   696 C  C   . ILE A 1 92  ? -0.033  -5.372  8.647   1.00 18.65 ? 1885 ILE A C   1 
ATOM   697 O  O   . ILE A 1 92  ? 1.019   -6.006  8.544   1.00 19.92 ? 1885 ILE A O   1 
ATOM   698 C  CB  . ILE A 1 92  ? -2.034  -6.255  9.863   1.00 15.98 ? 1885 ILE A CB  1 
ATOM   699 C  CG1 . ILE A 1 92  ? -2.749  -6.342  11.213  1.00 15.28 ? 1885 ILE A CG1 1 
ATOM   700 C  CG2 . ILE A 1 92  ? -1.632  -7.644  9.387   1.00 15.15 ? 1885 ILE A CG2 1 
ATOM   701 C  CD1 . ILE A 1 92  ? -3.977  -7.231  11.199  1.00 13.20 ? 1885 ILE A CD1 1 
ATOM   702 N  N   . MET A 1 93  ? -0.563  -4.680  7.644   1.00 18.95 ? 1886 MET A N   1 
ATOM   703 C  CA  . MET A 1 93  ? 0.054   -4.648  6.322   1.00 19.41 ? 1886 MET A CA  1 
ATOM   704 C  C   . MET A 1 93  ? 1.386   -3.912  6.319   1.00 19.75 ? 1886 MET A C   1 
ATOM   705 O  O   . MET A 1 93  ? 2.325   -4.321  5.634   1.00 20.56 ? 1886 MET A O   1 
ATOM   706 C  CB  . MET A 1 93  ? -0.890  -4.000  5.308   1.00 18.42 ? 1886 MET A CB  1 
ATOM   707 C  CG  . MET A 1 93  ? -2.109  -4.836  4.981   1.00 18.31 ? 1886 MET A CG  1 
ATOM   708 S  SD  . MET A 1 93  ? -1.677  -6.528  4.537   1.00 26.04 ? 1886 MET A SD  1 
ATOM   709 C  CE  . MET A 1 93  ? -0.635  -6.261  3.105   1.00 39.02 ? 1886 MET A CE  1 
ATOM   710 N  N   . ARG A 1 94  ? 1.462   -2.822  7.075   1.00 19.14 ? 1887 ARG A N   1 
ATOM   711 C  CA  . ARG A 1 94  ? 2.689   -2.038  7.152   1.00 18.88 ? 1887 ARG A CA  1 
ATOM   712 C  C   . ARG A 1 94  ? 3.809   -2.841  7.802   1.00 20.62 ? 1887 ARG A C   1 
ATOM   713 O  O   . ARG A 1 94  ? 4.948   -2.823  7.336   1.00 21.03 ? 1887 ARG A O   1 
ATOM   714 C  CB  . ARG A 1 94  ? 2.452   -0.740  7.925   1.00 17.90 ? 1887 ARG A CB  1 
ATOM   715 C  CG  . ARG A 1 94  ? 3.694   0.125   8.071   1.00 16.83 ? 1887 ARG A CG  1 
ATOM   716 C  CD  . ARG A 1 94  ? 3.421   1.326   8.959   1.00 15.93 ? 1887 ARG A CD  1 
ATOM   717 N  NE  . ARG A 1 94  ? 2.729   0.939   10.184  1.00 16.35 ? 1887 ARG A NE  1 
ATOM   718 C  CZ  . ARG A 1 94  ? 3.328   0.420   11.251  1.00 17.07 ? 1887 ARG A CZ  1 
ATOM   719 N  NH1 . ARG A 1 94  ? 4.641   0.224   11.249  1.00 17.76 ? 1887 ARG A NH1 1 
ATOM   720 N  NH2 . ARG A 1 94  ? 2.616   0.096   12.322  1.00 16.85 ? 1887 ARG A NH2 1 
ATOM   721 N  N   . ARG A 1 95  ? 3.481   -3.545  8.881   1.00 21.67 ? 1888 ARG A N   1 
ATOM   722 C  CA  . ARG A 1 95  ? 4.459   -4.383  9.565   1.00 22.61 ? 1888 ARG A CA  1 
ATOM   723 C  C   . ARG A 1 95  ? 4.867   -5.575  8.708   1.00 24.48 ? 1888 ARG A C   1 
ATOM   724 O  O   . ARG A 1 95  ? 6.011   -6.023  8.763   1.00 25.05 ? 1888 ARG A O   1 
ATOM   725 C  CB  . ARG A 1 95  ? 3.913   -4.869  10.907  1.00 21.79 ? 1888 ARG A CB  1 
ATOM   726 C  CG  . ARG A 1 95  ? 3.979   -3.834  12.018  1.00 20.14 ? 1888 ARG A CG  1 
ATOM   727 C  CD  . ARG A 1 95  ? 3.622   -4.456  13.354  1.00 18.88 ? 1888 ARG A CD  1 
ATOM   728 N  NE  . ARG A 1 95  ? 2.238   -4.918  13.386  1.00 17.38 ? 1888 ARG A NE  1 
ATOM   729 C  CZ  . ARG A 1 95  ? 1.234   -4.226  13.912  1.00 16.16 ? 1888 ARG A CZ  1 
ATOM   730 N  NH1 . ARG A 1 95  ? 1.459   -3.038  14.459  1.00 16.36 ? 1888 ARG A NH1 1 
ATOM   731 N  NH2 . ARG A 1 95  ? 0.004   -4.720  13.896  1.00 15.44 ? 1888 ARG A NH2 1 
ATOM   732 N  N   . PHE A 1 96  ? 3.926   -6.086  7.921   1.00 26.14 ? 1889 PHE A N   1 
ATOM   733 C  CA  . PHE A 1 96  ? 4.209   -7.202  7.025   1.00 28.87 ? 1889 PHE A CA  1 
ATOM   734 C  C   . PHE A 1 96  ? 5.199   -6.796  5.942   1.00 30.65 ? 1889 PHE A C   1 
ATOM   735 O  O   . PHE A 1 96  ? 6.152   -7.523  5.659   1.00 31.58 ? 1889 PHE A O   1 
ATOM   736 C  CB  . PHE A 1 96  ? 2.923   -7.725  6.385   1.00 29.49 ? 1889 PHE A CB  1 
ATOM   737 C  CG  . PHE A 1 96  ? 3.155   -8.741  5.301   1.00 30.49 ? 1889 PHE A CG  1 
ATOM   738 C  CD1 . PHE A 1 96  ? 3.423   -10.063 5.619   1.00 31.61 ? 1889 PHE A CD1 1 
ATOM   739 C  CD2 . PHE A 1 96  ? 3.106   -8.375  3.965   1.00 30.27 ? 1889 PHE A CD2 1 
ATOM   740 C  CE1 . PHE A 1 96  ? 3.640   -10.999 4.625   1.00 32.31 ? 1889 PHE A CE1 1 
ATOM   741 C  CE2 . PHE A 1 96  ? 3.323   -9.306  2.967   1.00 30.77 ? 1889 PHE A CE2 1 
ATOM   742 C  CZ  . PHE A 1 96  ? 3.589   -10.620 3.298   1.00 31.86 ? 1889 PHE A CZ  1 
ATOM   743 N  N   . PHE A 1 97  ? 4.965   -5.636  5.336   1.00 31.41 ? 1890 PHE A N   1 
ATOM   744 C  CA  . PHE A 1 97  ? 5.834   -5.142  4.277   1.00 32.58 ? 1890 PHE A CA  1 
ATOM   745 C  C   . PHE A 1 97  ? 7.246   -4.888  4.790   1.00 35.11 ? 1890 PHE A C   1 
ATOM   746 O  O   . PHE A 1 97  ? 8.213   -5.387  4.220   1.00 35.32 ? 1890 PHE A O   1 
ATOM   747 C  CB  . PHE A 1 97  ? 5.272   -3.860  3.659   1.00 31.41 ? 1890 PHE A CB  1 
ATOM   748 C  CG  . PHE A 1 97  ? 6.243   -3.155  2.754   1.00 31.06 ? 1890 PHE A CG  1 
ATOM   749 C  CD1 . PHE A 1 97  ? 6.475   -3.620  1.473   1.00 31.26 ? 1890 PHE A CD1 1 
ATOM   750 C  CD2 . PHE A 1 97  ? 6.930   -2.033  3.190   1.00 30.91 ? 1890 PHE A CD2 1 
ATOM   751 C  CE1 . PHE A 1 97  ? 7.373   -2.982  0.640   1.00 31.15 ? 1890 PHE A CE1 1 
ATOM   752 C  CE2 . PHE A 1 97  ? 7.830   -1.389  2.362   1.00 30.71 ? 1890 PHE A CE2 1 
ATOM   753 C  CZ  . PHE A 1 97  ? 8.051   -1.865  1.085   1.00 30.78 ? 1890 PHE A CZ  1 
ATOM   754 N  N   . GLU A 1 98  ? 7.352   -4.109  5.865   1.00 37.50 ? 1891 GLU A N   1 
ATOM   755 C  CA  . GLU A 1 98  ? 8.646   -3.761  6.447   1.00 40.29 ? 1891 GLU A CA  1 
ATOM   756 C  C   . GLU A 1 98  ? 9.448   -5.001  6.825   1.00 43.49 ? 1891 GLU A C   1 
ATOM   757 O  O   . GLU A 1 98  ? 10.668  -5.037  6.662   1.00 44.38 ? 1891 GLU A O   1 
ATOM   758 C  CB  . GLU A 1 98  ? 8.460   -2.870  7.677   1.00 40.55 ? 1891 GLU A CB  1 
ATOM   759 C  CG  . GLU A 1 98  ? 7.948   -1.472  7.368   1.00 40.20 ? 1891 GLU A CG  1 
ATOM   760 C  CD  . GLU A 1 98  ? 7.902   -0.585  8.599   1.00 40.27 ? 1891 GLU A CD  1 
ATOM   761 O  OE1 . GLU A 1 98  ? 8.419   -1.006  9.655   1.00 40.64 ? 1891 GLU A OE1 1 
ATOM   762 O  OE2 . GLU A 1 98  ? 7.348   0.530   8.509   1.00 39.92 ? 1891 GLU A OE2 1 
ATOM   763 N  N   . SER A 1 99  ? 8.755   -6.019  7.324   1.00 45.43 ? 1892 SER A N   1 
ATOM   764 C  CA  . SER A 1 99  ? 9.399   -7.268  7.708   1.00 47.17 ? 1892 SER A CA  1 
ATOM   765 C  C   . SER A 1 99  ? 9.964   -7.998  6.495   1.00 48.97 ? 1892 SER A C   1 
ATOM   766 O  O   . SER A 1 99  ? 11.151  -8.322  6.455   1.00 49.84 ? 1892 SER A O   1 
ATOM   767 C  CB  . SER A 1 99  ? 8.413   -8.171  8.451   1.00 47.10 ? 1892 SER A CB  1 
ATOM   768 O  OG  . SER A 1 99  ? 9.008   -9.415  8.775   1.00 48.03 ? 1892 SER A OG  1 
ATOM   769 N  N   . ARG A 1 100 ? 9.108   -8.254  5.509   1.00 49.79 ? 1893 ARG A N   1 
ATOM   770 C  CA  . ARG A 1 100 ? 9.513   -8.974  4.305   1.00 50.88 ? 1893 ARG A CA  1 
ATOM   771 C  C   . ARG A 1 100 ? 10.536  -8.191  3.486   1.00 51.87 ? 1893 ARG A C   1 
ATOM   772 O  O   . ARG A 1 100 ? 11.429  -8.779  2.879   1.00 53.51 ? 1893 ARG A O   1 
ATOM   773 C  CB  . ARG A 1 100 ? 8.290   -9.300  3.443   1.00 50.55 ? 1893 ARG A CB  1 
ATOM   774 C  CG  . ARG A 1 100 ? 7.443   -10.444 3.976   1.00 50.96 ? 1893 ARG A CG  1 
ATOM   775 C  CD  . ARG A 1 100 ? 8.129   -11.791 3.787   1.00 51.05 ? 1893 ARG A CD  1 
ATOM   776 N  NE  . ARG A 1 100 ? 8.058   -12.262 2.405   1.00 50.05 ? 1893 ARG A NE  1 
ATOM   777 C  CZ  . ARG A 1 100 ? 9.113   -12.613 1.676   1.00 49.53 ? 1893 ARG A CZ  1 
ATOM   778 N  NH1 . ARG A 1 100 ? 10.332  -12.554 2.193   1.00 49.86 ? 1893 ARG A NH1 1 
ATOM   779 N  NH2 . ARG A 1 100 ? 8.949   -13.031 0.428   1.00 49.08 ? 1893 ARG A NH2 1 
ATOM   780 N  N   . TRP A 1 101 ? 10.404  -6.869  3.474   1.00 52.81 ? 1894 TRP A N   1 
ATOM   781 C  CA  . TRP A 1 101 ? 11.313  -6.020  2.711   1.00 55.43 ? 1894 TRP A CA  1 
ATOM   782 C  C   . TRP A 1 101 ? 12.732  -6.073  3.269   1.00 59.61 ? 1894 TRP A C   1 
ATOM   783 O  O   . TRP A 1 101 ? 13.705  -6.043  2.516   1.00 59.78 ? 1894 TRP A O   1 
ATOM   784 C  CB  . TRP A 1 101 ? 10.814  -4.573  2.694   1.00 54.24 ? 1894 TRP A CB  1 
ATOM   785 C  CG  . TRP A 1 101 ? 11.610  -3.682  1.796   1.00 53.21 ? 1894 TRP A CG  1 
ATOM   786 C  CD1 . TRP A 1 101 ? 12.611  -2.829  2.163   1.00 53.66 ? 1894 TRP A CD1 1 
ATOM   787 C  CD2 . TRP A 1 101 ? 11.480  -3.561  0.376   1.00 51.24 ? 1894 TRP A CD2 1 
ATOM   788 N  NE1 . TRP A 1 101 ? 13.108  -2.182  1.057   1.00 52.73 ? 1894 TRP A NE1 1 
ATOM   789 C  CE2 . TRP A 1 101 ? 12.431  -2.614  -0.051  1.00 50.96 ? 1894 TRP A CE2 1 
ATOM   790 C  CE3 . TRP A 1 101 ? 10.650  -4.161  -0.576  1.00 49.36 ? 1894 TRP A CE3 1 
ATOM   791 C  CZ2 . TRP A 1 101 ? 12.575  -2.253  -1.390  1.00 48.82 ? 1894 TRP A CZ2 1 
ATOM   792 C  CZ3 . TRP A 1 101 ? 10.794  -3.802  -1.903  1.00 47.91 ? 1894 TRP A CZ3 1 
ATOM   793 C  CH2 . TRP A 1 101 ? 11.748  -2.855  -2.298  1.00 47.65 ? 1894 TRP A CH2 1 
ATOM   794 N  N   . GLU A 1 102 ? 12.840  -6.155  4.591   1.00 63.57 ? 1895 GLU A N   1 
ATOM   795 C  CA  . GLU A 1 102 ? 14.141  -6.179  5.251   1.00 67.49 ? 1895 GLU A CA  1 
ATOM   796 C  C   . GLU A 1 102 ? 14.748  -7.578  5.242   1.00 71.23 ? 1895 GLU A C   1 
ATOM   797 O  O   . GLU A 1 102 ? 15.944  -7.742  5.479   1.00 71.19 ? 1895 GLU A O   1 
ATOM   798 C  CB  . GLU A 1 102 ? 14.019  -5.655  6.684   1.00 68.07 ? 1895 GLU A CB  1 
ATOM   799 C  CG  . GLU A 1 102 ? 13.786  -4.151  6.759   1.00 67.88 ? 1895 GLU A CG  1 
ATOM   800 C  CD  . GLU A 1 102 ? 13.187  -3.713  8.082   1.00 68.02 ? 1895 GLU A CD  1 
ATOM   801 O  OE1 . GLU A 1 102 ? 13.135  -4.542  9.015   1.00 68.52 ? 1895 GLU A OE1 1 
ATOM   802 O  OE2 . GLU A 1 102 ? 12.759  -2.542  8.184   1.00 67.42 ? 1895 GLU A OE2 1 
ATOM   803 N  N   . GLU A 1 103 ? 13.921  -8.582  4.960   1.00 74.93 ? 1896 GLU A N   1 
ATOM   804 C  CA  . GLU A 1 103 ? 14.402  -9.951  4.802   1.00 78.88 ? 1896 GLU A CA  1 
ATOM   805 C  C   . GLU A 1 103 ? 15.337  -10.041 3.602   1.00 80.42 ? 1896 GLU A C   1 
ATOM   806 O  O   . GLU A 1 103 ? 16.461  -10.538 3.705   1.00 83.22 ? 1896 GLU A O   1 
ATOM   807 C  CB  . GLU A 1 103 ? 13.236  -10.929 4.626   1.00 80.82 ? 1896 GLU A CB  1 
ATOM   808 C  CG  . GLU A 1 103 ? 12.424  -11.195 5.878   1.00 82.26 ? 1896 GLU A CG  1 
ATOM   809 C  CD  . GLU A 1 103 ? 11.314  -12.196 5.636   1.00 82.72 ? 1896 GLU A CD  1 
ATOM   810 O  OE1 . GLU A 1 103 ? 11.293  -12.813 4.551   1.00 82.93 ? 1896 GLU A OE1 1 
ATOM   811 O  OE2 . GLU A 1 103 ? 10.461  -12.365 6.532   1.00 82.63 ? 1896 GLU A OE2 1 
ATOM   812 N  N   . PHE A 1 104 ? 14.860  -9.549  2.463   1.00 80.11 ? 1897 PHE A N   1 
ATOM   813 C  CA  . PHE A 1 104 ? 15.625  -9.580  1.226   1.00 81.81 ? 1897 PHE A CA  1 
ATOM   814 C  C   . PHE A 1 104 ? 16.833  -8.652  1.316   1.00 81.45 ? 1897 PHE A C   1 
ATOM   815 O  O   . PHE A 1 104 ? 17.973  -9.093  1.179   1.00 82.06 ? 1897 PHE A O   1 
ATOM   816 C  CB  . PHE A 1 104 ? 14.734  -9.188  0.046   1.00 83.35 ? 1897 PHE A CB  1 
ATOM   817 C  CG  . PHE A 1 104 ? 15.201  -9.725  -1.278  1.00 85.12 ? 1897 PHE A CG  1 
ATOM   818 C  CD1 . PHE A 1 104 ? 15.261  -11.090 -1.508  1.00 85.97 ? 1897 PHE A CD1 1 
ATOM   819 C  CD2 . PHE A 1 104 ? 15.561  -8.863  -2.302  1.00 85.28 ? 1897 PHE A CD2 1 
ATOM   820 C  CE1 . PHE A 1 104 ? 15.685  -11.586 -2.727  1.00 86.14 ? 1897 PHE A CE1 1 
ATOM   821 C  CE2 . PHE A 1 104 ? 15.986  -9.353  -3.523  1.00 85.55 ? 1897 PHE A CE2 1 
ATOM   822 C  CZ  . PHE A 1 104 ? 16.048  -10.716 -3.736  1.00 85.91 ? 1897 PHE A CZ  1 
ATOM   823 N  N   . TYR A 1 105 ? 16.582  -7.371  1.562   1.00 80.34 ? 1898 TYR A N   1 
ATOM   824 C  CA  . TYR A 1 105 ? 17.660  -6.393  1.649   1.00 79.63 ? 1898 TYR A CA  1 
ATOM   825 C  C   . TYR A 1 105 ? 18.109  -6.193  3.093   1.00 80.54 ? 1898 TYR A C   1 
ATOM   826 O  O   . TYR A 1 105 ? 17.851  -5.154  3.698   1.00 80.63 ? 1898 TYR A O   1 
ATOM   827 C  CB  . TYR A 1 105 ? 17.223  -5.059  1.040   1.00 77.55 ? 1898 TYR A CB  1 
ATOM   828 C  CG  . TYR A 1 105 ? 16.575  -5.192  -0.321  1.00 76.32 ? 1898 TYR A CG  1 
ATOM   829 C  CD1 . TYR A 1 105 ? 17.342  -5.392  -1.461  1.00 76.29 ? 1898 TYR A CD1 1 
ATOM   830 C  CD2 . TYR A 1 105 ? 15.197  -5.116  -0.465  1.00 75.92 ? 1898 TYR A CD2 1 
ATOM   831 C  CE1 . TYR A 1 105 ? 16.751  -5.515  -2.709  1.00 76.59 ? 1898 TYR A CE1 1 
ATOM   832 C  CE2 . TYR A 1 105 ? 14.598  -5.237  -1.707  1.00 76.18 ? 1898 TYR A CE2 1 
ATOM   833 C  CZ  . TYR A 1 105 ? 15.379  -5.435  -2.824  1.00 76.83 ? 1898 TYR A CZ  1 
ATOM   834 O  OH  . TYR A 1 105 ? 14.788  -5.556  -4.060  1.00 77.36 ? 1898 TYR A OH  1 
HETATM 835 C  C01 . 7MU B 2 .   ? -7.004  2.707   2.591   1.00 26.67 ? 1901 7MU A C01 1 
HETATM 836 N  N02 . 7MU B 2 .   ? -8.388  2.801   2.855   1.00 26.14 ? 1901 7MU A N02 1 
HETATM 837 C  C03 . 7MU B 2 .   ? -8.903  3.977   3.513   1.00 25.24 ? 1901 7MU A C03 1 
HETATM 838 O  O04 . 7MU B 2 .   ? -8.137  4.878   3.836   1.00 24.64 ? 1901 7MU A O04 1 
HETATM 839 C  C05 . 7MU B 2 .   ? -10.388 4.061   3.784   1.00 25.21 ? 1901 7MU A C05 1 
HETATM 840 N  N06 . 7MU B 2 .   ? -11.193 3.405   2.959   1.00 25.38 ? 1901 7MU A N06 1 
HETATM 841 C  C07 . 7MU B 2 .   ? -12.507 3.410   3.103   1.00 25.29 ? 1901 7MU A C07 1 
HETATM 842 C  C08 . 7MU B 2 .   ? -13.072 4.121   4.145   1.00 25.11 ? 1901 7MU A C08 1 
HETATM 843 C  C09 . 7MU B 2 .   ? -12.254 4.835   5.049   1.00 25.00 ? 1901 7MU A C09 1 
HETATM 844 C  C10 . 7MU B 2 .   ? -10.859 4.802   4.856   1.00 25.14 ? 1901 7MU A C10 1 
HETATM 845 CL CL  . 7MU B 2 .   ? -12.963 5.733   6.367   1.00 65.41 ? 1901 7MU A CL  1 
HETATM 846 O  O   . HOH C 3 .   ? -17.818 9.980   -13.026 1.00 42.13 ? 2001 HOH A O   1 
HETATM 847 O  O   . HOH C 3 .   ? -7.240  1.534   -0.941  1.00 12.02 ? 2002 HOH A O   1 
HETATM 848 O  O   . HOH C 3 .   ? -5.723  5.711   3.006   1.00 20.44 ? 2003 HOH A O   1 
HETATM 849 O  O   . HOH C 3 .   ? 2.537   -12.880 -8.897  1.00 21.08 ? 2004 HOH A O   1 
HETATM 850 O  O   . HOH C 3 .   ? -14.842 8.093   -7.846  1.00 31.00 ? 2005 HOH A O   1 
HETATM 851 O  O   . HOH C 3 .   ? -4.976  4.388   -9.325  1.00 45.50 ? 2006 HOH A O   1 
HETATM 852 O  O   . HOH C 3 .   ? 18.570  -11.430 0.367   1.00 51.38 ? 2007 HOH A O   1 
HETATM 853 O  O   . HOH C 3 .   ? -6.418  -10.106 0.187   1.00 15.44 ? 2008 HOH A O   1 
HETATM 854 O  O   . HOH C 3 .   ? -8.086  7.293   -4.227  1.00 33.16 ? 2009 HOH A O   1 
HETATM 855 O  O   . HOH C 3 .   ? -3.861  4.000   2.314   1.00 21.97 ? 2010 HOH A O   1 
HETATM 856 O  O   . HOH C 3 .   ? -4.747  5.012   -5.311  1.00 22.10 ? 2011 HOH A O   1 
HETATM 857 O  O   . HOH C 3 .   ? -4.742  3.231   -0.171  1.00 29.51 ? 2012 HOH A O   1 
HETATM 858 O  O   . HOH C 3 .   ? -13.543 17.970  3.035   1.00 25.95 ? 2013 HOH A O   1 
HETATM 859 O  O   . HOH C 3 .   ? -4.630  6.050   -1.130  1.00 29.32 ? 2014 HOH A O   1 
HETATM 860 O  O   . HOH C 3 .   ? -0.718  11.822  0.703   1.00 19.59 ? 2015 HOH A O   1 
HETATM 861 O  O   . HOH C 3 .   ? -3.547  6.652   18.526  1.00 31.77 ? 2016 HOH A O   1 
HETATM 862 O  O   . HOH C 3 .   ? 10.785  -5.520  10.313  1.00 30.23 ? 2017 HOH A O   1 
HETATM 863 O  O   . HOH C 3 .   ? 0.619   10.552  3.940   1.00 23.84 ? 2018 HOH A O   1 
HETATM 864 O  O   . HOH C 3 .   ? -9.750  -1.919  -1.724  1.00 25.20 ? 2019 HOH A O   1 
HETATM 865 O  O   . HOH C 3 .   ? -6.306  5.405   -2.796  1.00 14.21 ? 2020 HOH A O   1 
HETATM 866 O  O   . HOH C 3 .   ? -3.941  4.380   11.535  1.00 27.81 ? 2021 HOH A O   1 
HETATM 867 O  O   . HOH C 3 .   ? 20.467  -5.227  5.003   1.00 38.28 ? 2022 HOH A O   1 
HETATM 868 O  O   . HOH C 3 .   ? -14.618 14.627  -2.898  1.00 29.76 ? 2023 HOH A O   1 
HETATM 869 O  O   . HOH C 3 .   ? -15.746 14.886  0.877   1.00 23.66 ? 2024 HOH A O   1 
HETATM 870 O  O   . HOH C 3 .   ? 10.553  -10.715 -11.625 1.00 47.18 ? 2025 HOH A O   1 
HETATM 871 O  O   . HOH C 3 .   ? -10.672 6.610   19.635  1.00 25.34 ? 2026 HOH A O   1 
HETATM 872 O  O   . HOH C 3 .   ? -0.192  -13.405 2.027   1.00 27.63 ? 2027 HOH A O   1 
HETATM 873 O  O   . HOH C 3 .   ? -10.840 6.200   11.701  1.00 10.00 ? 2028 HOH A O   1 
HETATM 874 O  O   . HOH C 3 .   ? -13.331 13.099  -0.490  1.00 27.73 ? 2029 HOH A O   1 
HETATM 875 O  O   . HOH C 3 .   ? -5.064  7.538   15.406  1.00 29.11 ? 2030 HOH A O   1 
HETATM 876 O  O   . HOH C 3 .   ? -9.303  -6.044  -6.041  1.00 31.24 ? 2031 HOH A O   1 
HETATM 877 O  O   . HOH C 3 .   ? 5.002   4.785   9.744   1.00 21.89 ? 2032 HOH A O   1 
HETATM 878 O  O   . HOH C 3 .   ? -12.440 16.102  0.480   1.00 13.39 ? 2033 HOH A O   1 
HETATM 879 O  O   . HOH C 3 .   ? -13.520 3.385   -1.067  1.00 18.05 ? 2034 HOH A O   1 
HETATM 880 O  O   . HOH C 3 .   ? -0.143  1.621   9.096   1.00 26.70 ? 2035 HOH A O   1 
HETATM 881 O  O   . HOH C 3 .   ? 2.575   12.228  0.611   1.00 31.30 ? 2036 HOH A O   1 
HETATM 882 O  O   . HOH C 3 .   ? -13.758 1.686   11.964  1.00 11.85 ? 2037 HOH A O   1 
HETATM 883 O  O   . HOH C 3 .   ? -12.229 2.248   9.179   1.00 32.57 ? 2038 HOH A O   1 
HETATM 884 O  O   . HOH C 3 .   ? 1.651   8.336   8.798   1.00 33.23 ? 2039 HOH A O   1 
HETATM 885 O  O   . HOH C 3 .   ? -2.511  2.471   9.786   1.00 16.97 ? 2040 HOH A O   1 
HETATM 886 O  O   . HOH C 3 .   ? -3.553  -16.260 6.741   1.00 41.62 ? 2041 HOH A O   1 
HETATM 887 O  O   . HOH C 3 .   ? -2.576  -13.916 5.414   1.00 19.55 ? 2042 HOH A O   1 
HETATM 888 O  O   . HOH C 3 .   ? -11.477 9.089   10.556  1.00 26.56 ? 2043 HOH A O   1 
HETATM 889 O  O   . HOH C 3 .   ? 0.236   9.816   10.524  1.00 28.10 ? 2044 HOH A O   1 
HETATM 890 O  O   . HOH C 3 .   ? 16.061  -8.149  -10.508 1.00 41.76 ? 2045 HOH A O   1 
HETATM 891 O  O   . HOH C 3 .   ? 17.130  -10.099 -9.391  1.00 42.13 ? 2046 HOH A O   1 
HETATM 892 O  O   . HOH C 3 .   ? 17.062  -13.590 1.148   1.00 55.34 ? 2047 HOH A O   1 
HETATM 893 O  O   . HOH C 3 .   ? 17.490  -5.897  -10.956 1.00 45.95 ? 2048 HOH A O   1 
HETATM 894 O  O   . HOH C 3 .   ? -6.830  7.856   -6.536  1.00 31.31 ? 2049 HOH A O   1 
HETATM 895 O  O   . HOH C 3 .   ? -20.010 5.173   5.352   1.00 50.58 ? 2050 HOH A O   1 
HETATM 896 O  O   . HOH C 3 .   ? 17.671  -14.623 -8.405  1.00 46.11 ? 2051 HOH A O   1 
# 
loop_
_atom_site_anisotrop.id 
_atom_site_anisotrop.type_symbol 
_atom_site_anisotrop.pdbx_label_atom_id 
_atom_site_anisotrop.pdbx_label_alt_id 
_atom_site_anisotrop.pdbx_label_comp_id 
_atom_site_anisotrop.pdbx_label_asym_id 
_atom_site_anisotrop.pdbx_label_seq_id 
_atom_site_anisotrop.pdbx_PDB_ins_code 
_atom_site_anisotrop.U[1][1] 
_atom_site_anisotrop.U[2][2] 
_atom_site_anisotrop.U[3][3] 
_atom_site_anisotrop.U[1][2] 
_atom_site_anisotrop.U[1][3] 
_atom_site_anisotrop.U[2][3] 
_atom_site_anisotrop.pdbx_auth_seq_id 
_atom_site_anisotrop.pdbx_auth_comp_id 
_atom_site_anisotrop.pdbx_auth_asym_id 
_atom_site_anisotrop.pdbx_auth_atom_id 
1   N N   . LEU A 6   ? 0.7446 0.6238 0.7090 -0.0447 0.0421  -0.1163 1799 LEU A N   
2   C CA  . LEU A 6   ? 0.7404 0.6168 0.6990 -0.0451 0.0384  -0.1150 1799 LEU A CA  
3   C C   . LEU A 6   ? 0.7371 0.6123 0.6910 -0.0450 0.0366  -0.1140 1799 LEU A C   
4   O O   . LEU A 6   ? 0.7299 0.6042 0.6798 -0.0453 0.0332  -0.1129 1799 LEU A O   
5   C CB  . LEU A 6   ? 0.7400 0.6088 0.6928 -0.0462 0.0395  -0.1137 1799 LEU A CB  
6   C CG  . LEU A 6   ? 0.7320 0.6011 0.6860 -0.0465 0.0378  -0.1138 1799 LEU A CG  
7   C CD1 . LEU A 6   ? 0.7254 0.6001 0.6878 -0.0460 0.0391  -0.1157 1799 LEU A CD1 
8   C CD2 . LEU A 6   ? 0.7355 0.5966 0.6832 -0.0477 0.0390  -0.1124 1799 LEU A CD2 
9   N N   . THR A 7   ? 0.7412 0.6167 0.6958 -0.0447 0.0388  -0.1142 1800 THR A N   
10  C CA  . THR A 7   ? 0.7425 0.6177 0.6934 -0.0446 0.0372  -0.1133 1800 THR A CA  
11  C C   . THR A 7   ? 0.7324 0.6151 0.6877 -0.0438 0.0337  -0.1143 1800 THR A C   
12  O O   . THR A 7   ? 0.7273 0.6099 0.6788 -0.0439 0.0305  -0.1134 1800 THR A O   
13  C CB  . THR A 7   ? 0.7457 0.6195 0.6968 -0.0444 0.0406  -0.1136 1800 THR A CB  
14  O OG1 . THR A 7   ? 0.7538 0.6200 0.6996 -0.0452 0.0436  -0.1125 1800 THR A OG1 
15  C CG2 . THR A 7   ? 0.7458 0.6201 0.6941 -0.0442 0.0387  -0.1130 1800 THR A CG2 
16  N N   . PHE A 8   ? 0.7242 0.6139 0.6877 -0.0430 0.0343  -0.1161 1801 PHE A N   
17  C CA  . PHE A 8   ? 0.7071 0.6050 0.6757 -0.0423 0.0312  -0.1171 1801 PHE A CA  
18  C C   . PHE A 8   ? 0.6718 0.5708 0.6392 -0.0424 0.0275  -0.1167 1801 PHE A C   
19  O O   . PHE A 8   ? 0.6685 0.5719 0.6364 -0.0421 0.0240  -0.1166 1801 PHE A O   
20  C CB  . PHE A 8   ? 0.7219 0.6271 0.6999 -0.0414 0.0329  -0.1191 1801 PHE A CB  
21  C CG  . PHE A 8   ? 0.7315 0.6456 0.7151 -0.0405 0.0300  -0.1202 1801 PHE A CG  
22  C CD1 . PHE A 8   ? 0.7330 0.6495 0.7166 -0.0403 0.0294  -0.1202 1801 PHE A CD1 
23  C CD2 . PHE A 8   ? 0.7304 0.6508 0.7196 -0.0400 0.0278  -0.1211 1801 PHE A CD2 
24  C CE1 . PHE A 8   ? 0.7255 0.6505 0.7146 -0.0395 0.0267  -0.1212 1801 PHE A CE1 
25  C CE2 . PHE A 8   ? 0.7231 0.6520 0.7175 -0.0393 0.0252  -0.1220 1801 PHE A CE2 
26  C CZ  . PHE A 8   ? 0.7201 0.6515 0.7145 -0.0390 0.0246  -0.1221 1801 PHE A CZ  
27  N N   . CYS A 9   ? 0.6431 0.5381 0.6090 -0.0430 0.0282  -0.1164 1802 CYS A N   
28  C CA  . CYS A 9   ? 0.6149 0.5099 0.5791 -0.0431 0.0249  -0.1158 1802 CYS A CA  
29  C C   . CYS A 9   ? 0.5859 0.4769 0.5424 -0.0437 0.0220  -0.1140 1802 CYS A C   
30  O O   . CYS A 9   ? 0.5779 0.4716 0.5339 -0.0434 0.0183  -0.1138 1802 CYS A O   
31  C CB  . CYS A 9   ? 0.6231 0.5135 0.5863 -0.0437 0.0266  -0.1157 1802 CYS A CB  
32  S SG  . CYS A 9   ? 0.6118 0.5074 0.5843 -0.0432 0.0294  -0.1177 1802 CYS A SG  
33  N N   . GLU A 10  ? 0.5660 0.4509 0.5167 -0.0442 0.0238  -0.1128 1803 GLU A N   
34  C CA  . GLU A 10  ? 0.5501 0.4313 0.4937 -0.0447 0.0213  -0.1112 1803 GLU A CA  
35  C C   . GLU A 10  ? 0.5295 0.4164 0.4750 -0.0441 0.0188  -0.1114 1803 GLU A C   
36  O O   . GLU A 10  ? 0.5276 0.4155 0.4704 -0.0442 0.0152  -0.1106 1803 GLU A O   
37  C CB  . GLU A 10  ? 0.5567 0.4300 0.4940 -0.0454 0.0242  -0.1098 1803 GLU A CB  
38  C CG  . GLU A 10  ? 0.5626 0.4326 0.4932 -0.0459 0.0220  -0.1081 1803 GLU A CG  
39  C CD  . GLU A 10  ? 0.5663 0.4354 0.4935 -0.0461 0.0183  -0.1070 1803 GLU A CD  
40  O OE1 . GLU A 10  ? 0.5695 0.4360 0.4958 -0.0466 0.0186  -0.1068 1803 GLU A OE1 
41  O OE2 . GLU A 10  ? 0.5645 0.4356 0.4898 -0.0461 0.0150  -0.1064 1803 GLU A OE2 
42  N N   . ILE A 11  ? 0.5135 0.4039 0.4637 -0.0436 0.0208  -0.1127 1804 ILE A N   
43  C CA  . ILE A 11  ? 0.4942 0.3906 0.4469 -0.0430 0.0189  -0.1130 1804 ILE A CA  
44  C C   . ILE A 11  ? 0.4843 0.3885 0.4416 -0.0425 0.0153  -0.1138 1804 ILE A C   
45  O O   . ILE A 11  ? 0.4871 0.3934 0.4423 -0.0426 0.0119  -0.1131 1804 ILE A O   
46  C CB  . ILE A 11  ? 0.4805 0.3801 0.4385 -0.0425 0.0220  -0.1145 1804 ILE A CB  
47  C CG1 . ILE A 11  ? 0.4812 0.3736 0.4344 -0.0429 0.0254  -0.1136 1804 ILE A CG1 
48  C CG2 . ILE A 11  ? 0.4702 0.3768 0.4316 -0.0419 0.0198  -0.1151 1804 ILE A CG2 
49  C CD1 . ILE A 11  ? 0.4789 0.3740 0.4372 -0.0423 0.0285  -0.1149 1804 ILE A CD1 
50  N N   . ILE A 12  ? 0.4714 0.3796 0.4348 -0.0420 0.0160  -0.1151 1805 ILE A N   
51  C CA  . ILE A 12  ? 0.4575 0.3739 0.4264 -0.0414 0.0129  -0.1160 1805 ILE A CA  
52  C C   . ILE A 12  ? 0.4612 0.3757 0.4258 -0.0417 0.0094  -0.1148 1805 ILE A C   
53  O O   . ILE A 12  ? 0.4620 0.3823 0.4287 -0.0413 0.0061  -0.1149 1805 ILE A O   
54  C CB  . ILE A 12  ? 0.4434 0.3653 0.4209 -0.0407 0.0149  -0.1179 1805 ILE A CB  
55  C CG1 . ILE A 12  ? 0.4469 0.3787 0.4313 -0.0398 0.0119  -0.1191 1805 ILE A CG1 
56  C CG2 . ILE A 12  ? 0.4271 0.3439 0.4030 -0.0411 0.0163  -0.1178 1805 ILE A CG2 
57  C CD1 . ILE A 12  ? 0.4484 0.3867 0.4420 -0.0389 0.0138  -0.1210 1805 ILE A CD1 
58  N N   . LEU A 13  ? 0.4591 0.3655 0.4177 -0.0425 0.0103  -0.1137 1806 LEU A N   
59  C CA  . LEU A 13  ? 0.4519 0.3559 0.4059 -0.0428 0.0071  -0.1124 1806 LEU A CA  
60  C C   . LEU A 13  ? 0.4483 0.3508 0.3967 -0.0431 0.0042  -0.1109 1806 LEU A C   
61  O O   . LEU A 13  ? 0.4456 0.3508 0.3930 -0.0429 0.0004  -0.1102 1806 LEU A O   
62  C CB  . LEU A 13  ? 0.4543 0.3504 0.4041 -0.0436 0.0090  -0.1117 1806 LEU A CB  
63  C CG  . LEU A 13  ? 0.4512 0.3443 0.3964 -0.0440 0.0058  -0.1104 1806 LEU A CG  
64  C CD1 . LEU A 13  ? 0.4414 0.3412 0.3914 -0.0432 0.0029  -0.1112 1806 LEU A CD1 
65  C CD2 . LEU A 13  ? 0.4575 0.3431 0.3991 -0.0447 0.0080  -0.1098 1806 LEU A CD2 
66  N N   . MET A 14  ? 0.4466 0.3447 0.3910 -0.0436 0.0060  -0.1102 1807 MET A N   
67  C CA  A MET A 14  ? 0.4474 0.3441 0.3864 -0.0438 0.0035  -0.1086 1807 MET A CA  
68  C CA  B MET A 14  ? 0.4474 0.3440 0.3864 -0.0439 0.0034  -0.1086 1807 MET A CA  
69  C C   . MET A 14  ? 0.4398 0.3447 0.3829 -0.0432 0.0006  -0.1092 1807 MET A C   
70  O O   . MET A 14  ? 0.4420 0.3482 0.3823 -0.0433 -0.0030 -0.1080 1807 MET A O   
71  C CB  A MET A 14  ? 0.4506 0.3415 0.3856 -0.0443 0.0064  -0.1080 1807 MET A CB  
72  C CB  B MET A 14  ? 0.4490 0.3397 0.3836 -0.0444 0.0061  -0.1079 1807 MET A CB  
73  C CG  A MET A 14  ? 0.4507 0.3432 0.3836 -0.0443 0.0047  -0.1073 1807 MET A CG  
74  C CG  B MET A 14  ? 0.4535 0.3422 0.3821 -0.0447 0.0036  -0.1063 1807 MET A CG  
75  S SD  A MET A 14  ? 0.6008 0.4868 0.5296 -0.0448 0.0084  -0.1068 1807 MET A SD  
76  S SD  B MET A 14  ? 0.3967 0.2827 0.3201 -0.0451 -0.0001 -0.1045 1807 MET A SD  
77  C CE  A MET A 14  ? 0.2875 0.1764 0.2237 -0.0442 0.0127  -0.1090 1807 MET A CE  
78  C CE  B MET A 14  ? 0.4004 0.2912 0.3227 -0.0449 -0.0046 -0.1036 1807 MET A CE  
79  N N   . GLU A 15  ? 0.4329 0.3439 0.3830 -0.0426 0.0023  -0.1108 1808 GLU A N   
80  C CA  . GLU A 15  ? 0.4264 0.3463 0.3816 -0.0421 -0.0001 -0.1115 1808 GLU A CA  
81  C C   . GLU A 15  ? 0.4147 0.3403 0.3729 -0.0415 -0.0034 -0.1116 1808 GLU A C   
82  O O   . GLU A 15  ? 0.4155 0.3464 0.3745 -0.0413 -0.0067 -0.1110 1808 GLU A O   
83  C CB  . GLU A 15  ? 0.4343 0.3595 0.3970 -0.0414 0.0028  -0.1133 1808 GLU A CB  
84  C CG  . GLU A 15  ? 0.4536 0.3745 0.4137 -0.0417 0.0055  -0.1133 1808 GLU A CG  
85  C CD  . GLU A 15  ? 0.4662 0.3926 0.4340 -0.0410 0.0082  -0.1152 1808 GLU A CD  
86  O OE1 . GLU A 15  ? 0.4724 0.4055 0.4476 -0.0403 0.0083  -0.1166 1808 GLU A OE1 
87  O OE2 . GLU A 15  ? 0.4666 0.3909 0.4334 -0.0411 0.0102  -0.1152 1808 GLU A OE2 
88  N N   . MET A 16  ? 0.4015 0.3260 0.3616 -0.0415 -0.0023 -0.1122 1809 MET A N   
89  C CA  . MET A 16  ? 0.3863 0.3157 0.3491 -0.0411 -0.0052 -0.1122 1809 MET A CA  
90  C C   . MET A 16  ? 0.3962 0.3213 0.3517 -0.0415 -0.0087 -0.1102 1809 MET A C   
91  O O   . MET A 16  ? 0.3926 0.3229 0.3491 -0.0412 -0.0121 -0.1096 1809 MET A O   
92  C CB  . MET A 16  ? 0.3727 0.3014 0.3391 -0.0408 -0.0032 -0.1134 1809 MET A CB  
93  C CG  . MET A 16  ? 0.3625 0.2989 0.3383 -0.0400 -0.0013 -0.1155 1809 MET A CG  
94  S SD  . MET A 16  ? 0.4622 0.3999 0.4430 -0.0395 -0.0003 -0.1168 1809 MET A SD  
95  C CE  . MET A 16  ? 0.2578 0.1839 0.2324 -0.0406 0.0034  -0.1162 1809 MET A CE  
96  N N   . GLU A 17  ? 0.4105 0.3265 0.3588 -0.0424 -0.0075 -0.1091 1810 GLU A N   
97  C CA  . GLU A 17  ? 0.4159 0.3274 0.3575 -0.0427 -0.0106 -0.1072 1810 GLU A CA  
98  C C   . GLU A 17  ? 0.4114 0.3257 0.3506 -0.0427 -0.0137 -0.1060 1810 GLU A C   
99  O O   . GLU A 17  ? 0.4195 0.3343 0.3557 -0.0427 -0.0173 -0.1046 1810 GLU A O   
100 C CB  . GLU A 17  ? 0.4184 0.3204 0.3536 -0.0435 -0.0084 -0.1063 1810 GLU A CB  
101 C CG  . GLU A 17  ? 0.4202 0.3186 0.3561 -0.0436 -0.0065 -0.1069 1810 GLU A CG  
102 C CD  . GLU A 17  ? 0.4275 0.3173 0.3583 -0.0444 -0.0034 -0.1061 1810 GLU A CD  
103 O OE1 . GLU A 17  ? 0.4318 0.3191 0.3598 -0.0448 -0.0019 -0.1056 1810 GLU A OE1 
104 O OE2 . GLU A 17  ? 0.4311 0.3167 0.3605 -0.0448 -0.0025 -0.1060 1810 GLU A OE2 
105 N N   . SER A 18  ? 0.4164 0.3598 0.4290 -0.0767 -0.1255 -0.0500 1811 SER A N   
106 C CA  . SER A 18  ? 0.3836 0.3310 0.4145 -0.0751 -0.1268 -0.0506 1811 SER A CA  
107 C C   . SER A 18  ? 0.3566 0.3039 0.3962 -0.0740 -0.1201 -0.0472 1811 SER A C   
108 O O   . SER A 18  ? 0.3402 0.2907 0.3947 -0.0728 -0.1201 -0.0476 1811 SER A O   
109 C CB  . SER A 18  ? 0.3741 0.3276 0.4059 -0.0752 -0.1265 -0.0555 1811 SER A CB  
110 O OG  . SER A 18  ? 0.3676 0.3220 0.3890 -0.0768 -0.1211 -0.0572 1811 SER A OG  
111 N N   . HIS A 19  ? 0.3544 0.2977 0.3844 -0.0745 -0.1144 -0.0439 1812 HIS A N   
112 C CA  . HIS A 19  ? 0.3411 0.2840 0.3778 -0.0738 -0.1078 -0.0406 1812 HIS A CA  
113 C C   . HIS A 19  ? 0.3486 0.2902 0.3994 -0.0708 -0.1083 -0.0361 1812 HIS A C   
114 O O   . HIS A 19  ? 0.3595 0.2989 0.4100 -0.0695 -0.1123 -0.0343 1812 HIS A O   
115 C CB  . HIS A 19  ? 0.3231 0.2620 0.3446 -0.0755 -0.1016 -0.0384 1812 HIS A CB  
116 C CG  . HIS A 19  ? 0.2996 0.2392 0.3250 -0.0757 -0.0944 -0.0365 1812 HIS A CG  
117 N ND1 . HIS A 19  ? 0.2921 0.2303 0.3286 -0.0736 -0.0911 -0.0320 1812 HIS A ND1 
118 C CD2 . HIS A 19  ? 0.2874 0.2293 0.3071 -0.0778 -0.0898 -0.0384 1812 HIS A CD2 
119 C CE1 . HIS A 19  ? 0.2816 0.2211 0.3190 -0.0745 -0.0849 -0.0312 1812 HIS A CE1 
120 N NE2 . HIS A 19  ? 0.2792 0.2212 0.3065 -0.0770 -0.0840 -0.0350 1812 HIS A NE2 
121 N N   . ASP A 20  ? 0.3394 0.2827 0.4026 -0.0696 -0.1043 -0.0342 1813 ASP A N   
122 C CA  . ASP A 20  ? 0.3346 0.2771 0.4119 -0.0668 -0.1043 -0.0299 1813 ASP A CA  
123 C C   . ASP A 20  ? 0.3402 0.2770 0.4107 -0.0658 -0.1018 -0.0249 1813 ASP A C   
124 O O   . ASP A 20  ? 0.3518 0.2871 0.4287 -0.0637 -0.1049 -0.0220 1813 ASP A O   
125 C CB  . ASP A 20  ? 0.3274 0.2726 0.4177 -0.0660 -0.0995 -0.0288 1813 ASP A CB  
126 C CG  . ASP A 20  ? 0.3286 0.2792 0.4318 -0.0657 -0.1030 -0.0326 1813 ASP A CG  
127 O OD1 . ASP A 20  ? 0.3348 0.2874 0.4357 -0.0665 -0.1088 -0.0366 1813 ASP A OD1 
128 O OD2 . ASP A 20  ? 0.3219 0.2748 0.4377 -0.0646 -0.1000 -0.0316 1813 ASP A OD2 
129 N N   . ALA A 21  ? 0.3321 0.2654 0.3893 -0.0676 -0.0960 -0.0237 1814 ALA A N   
130 C CA  . ALA A 21  ? 0.3237 0.2509 0.3738 -0.0669 -0.0926 -0.0189 1814 ALA A CA  
131 C C   . ALA A 21  ? 0.3281 0.2515 0.3623 -0.0679 -0.0955 -0.0194 1814 ALA A C   
132 O O   . ALA A 21  ? 0.3303 0.2481 0.3534 -0.0683 -0.0917 -0.0164 1814 ALA A O   
133 C CB  . ALA A 21  ? 0.3114 0.2366 0.3556 -0.0684 -0.0843 -0.0170 1814 ALA A CB  
134 N N   . ALA A 22  ? 0.3320 0.2582 0.3655 -0.0682 -0.1022 -0.0232 1815 ALA A N   
135 C CA  . ALA A 22  ? 0.3452 0.2685 0.3635 -0.0694 -0.1053 -0.0242 1815 ALA A CA  
136 C C   . ALA A 22  ? 0.3593 0.2804 0.3807 -0.0669 -0.1098 -0.0211 1815 ALA A C   
137 O O   . ALA A 22  ? 0.3703 0.2888 0.3800 -0.0674 -0.1125 -0.0214 1815 ALA A O   
138 C CB  . ALA A 22  ? 0.3412 0.2687 0.3550 -0.0714 -0.1100 -0.0301 1815 ALA A CB  
139 N N   . TRP A 23  ? 0.3550 0.2772 0.3922 -0.0640 -0.1103 -0.0180 1816 TRP A N   
140 C CA  . TRP A 23  ? 0.3509 0.2719 0.3932 -0.0613 -0.1147 -0.0148 1816 TRP A CA  
141 C C   . TRP A 23  ? 0.3509 0.2649 0.3808 -0.0606 -0.1123 -0.0104 1816 TRP A C   
142 O O   . TRP A 23  ? 0.3535 0.2668 0.3824 -0.0591 -0.1169 -0.0091 1816 TRP A O   
143 C CB  . TRP A 23  ? 0.3432 0.2669 0.4051 -0.0585 -0.1149 -0.0118 1816 TRP A CB  
144 C CG  . TRP A 23  ? 0.3394 0.2604 0.4055 -0.0577 -0.1074 -0.0082 1816 TRP A CG  
145 C CD1 . TRP A 23  ? 0.3319 0.2552 0.4033 -0.0588 -0.1031 -0.0096 1816 TRP A CD1 
146 C CD2 . TRP A 23  ? 0.3364 0.2520 0.4019 -0.0557 -0.1033 -0.0023 1816 TRP A CD2 
147 N NE1 . TRP A 23  ? 0.3258 0.2454 0.3996 -0.0578 -0.0967 -0.0051 1816 TRP A NE1 
148 C CE2 . TRP A 23  ? 0.3280 0.2428 0.3983 -0.0559 -0.0966 -0.0006 1816 TRP A CE2 
149 C CE3 . TRP A 23  ? 0.3350 0.2461 0.3959 -0.0537 -0.1045 0.0017  1816 TRP A CE3 
150 C CZ2 . TRP A 23  ? 0.3221 0.2317 0.3928 -0.0542 -0.0911 0.0048  1816 TRP A CZ2 
151 C CZ3 . TRP A 23  ? 0.3328 0.2387 0.3945 -0.0519 -0.0989 0.0072  1816 TRP A CZ3 
152 C CH2 . TRP A 23  ? 0.3271 0.2322 0.3934 -0.0523 -0.0923 0.0086  1816 TRP A CH2 
153 N N   . PRO A 24  ? 0.3467 0.2557 0.3676 -0.0616 -0.1050 -0.0083 1817 PRO A N   
154 C CA  . PRO A 24  ? 0.3539 0.2562 0.3633 -0.0609 -0.1033 -0.0044 1817 PRO A CA  
155 C C   . PRO A 24  ? 0.3646 0.2647 0.3556 -0.0633 -0.1053 -0.0071 1817 PRO A C   
156 O O   . PRO A 24  ? 0.3743 0.2689 0.3555 -0.0626 -0.1049 -0.0043 1817 PRO A O   
157 C CB  . PRO A 24  ? 0.3533 0.2507 0.3591 -0.0613 -0.0946 -0.0010 1817 PRO A CB  
158 C CG  . PRO A 24  ? 0.3436 0.2459 0.3630 -0.0614 -0.0925 -0.0023 1817 PRO A CG  
159 C CD  . PRO A 24  ? 0.3393 0.2481 0.3616 -0.0629 -0.0981 -0.0079 1817 PRO A CD  
160 N N   . PHE A 25  ? 0.3645 0.2686 0.3509 -0.0661 -0.1073 -0.0125 1818 PHE A N   
161 C CA  . PHE A 25  ? 0.3631 0.2650 0.3311 -0.0688 -0.1081 -0.0153 1818 PHE A CA  
162 C C   . PHE A 25  ? 0.3622 0.2689 0.3297 -0.0695 -0.1158 -0.0201 1818 PHE A C   
163 O O   . PHE A 25  ? 0.3619 0.2679 0.3152 -0.0720 -0.1170 -0.0232 1818 PHE A O   
164 C CB  . PHE A 25  ? 0.3560 0.2573 0.3143 -0.0720 -0.1021 -0.0175 1818 PHE A CB  
165 C CG  . PHE A 25  ? 0.3495 0.2482 0.3123 -0.0716 -0.0947 -0.0138 1818 PHE A CG  
166 C CD1 . PHE A 25  ? 0.3528 0.2444 0.3074 -0.0712 -0.0897 -0.0093 1818 PHE A CD1 
167 C CD2 . PHE A 25  ? 0.3402 0.2436 0.3154 -0.0716 -0.0926 -0.0149 1818 PHE A CD2 
168 C CE1 . PHE A 25  ? 0.3506 0.2397 0.3090 -0.0709 -0.0828 -0.0060 1818 PHE A CE1 
169 C CE2 . PHE A 25  ? 0.3353 0.2365 0.3146 -0.0712 -0.0858 -0.0115 1818 PHE A CE2 
170 C CZ  . PHE A 25  ? 0.3402 0.2343 0.3112 -0.0710 -0.0809 -0.0070 1818 PHE A CZ  
171 N N   . LEU A 26  ? 0.3659 0.2773 0.3488 -0.0675 -0.1211 -0.0205 1819 LEU A N   
172 C CA  . LEU A 26  ? 0.3737 0.2900 0.3575 -0.0681 -0.1287 -0.0248 1819 LEU A CA  
173 C C   . LEU A 26  ? 0.3952 0.3086 0.3688 -0.0676 -0.1327 -0.0236 1819 LEU A C   
174 O O   . LEU A 26  ? 0.3998 0.3143 0.3633 -0.0695 -0.1365 -0.0274 1819 LEU A O   
175 C CB  . LEU A 26  ? 0.3599 0.2819 0.3630 -0.0662 -0.1331 -0.0255 1819 LEU A CB  
176 C CG  . LEU A 26  ? 0.3439 0.2699 0.3582 -0.0668 -0.1302 -0.0275 1819 LEU A CG  
177 C CD1 . LEU A 26  ? 0.3377 0.2689 0.3708 -0.0648 -0.1349 -0.0279 1819 LEU A CD1 
178 C CD2 . LEU A 26  ? 0.3428 0.2708 0.3481 -0.0700 -0.1298 -0.0330 1819 LEU A CD2 
179 N N   . GLU A 27  ? 0.4129 0.3225 0.3893 -0.0647 -0.1318 -0.0181 1820 GLU A N   
180 C CA  . GLU A 27  ? 0.4454 0.3524 0.4136 -0.0636 -0.1354 -0.0161 1820 GLU A CA  
181 C C   . GLU A 27  ? 0.4533 0.3521 0.4098 -0.0630 -0.1293 -0.0113 1820 GLU A C   
182 O O   . GLU A 27  ? 0.4488 0.3447 0.4082 -0.0626 -0.1230 -0.0085 1820 GLU A O   
183 C CB  . GLU A 27  ? 0.4688 0.3795 0.4516 -0.0605 -0.1410 -0.0137 1820 GLU A CB  
184 C CG  . GLU A 27  ? 0.4911 0.4095 0.4839 -0.0613 -0.1477 -0.0185 1820 GLU A CG  
185 C CD  . GLU A 27  ? 0.5198 0.4397 0.5003 -0.0639 -0.1523 -0.0235 1820 GLU A CD  
186 O OE1 . GLU A 27  ? 0.5406 0.4566 0.5078 -0.0640 -0.1529 -0.0219 1820 GLU A OE1 
187 O OE2 . GLU A 27  ? 0.5178 0.4426 0.5015 -0.0659 -0.1553 -0.0287 1820 GLU A OE2 
188 N N   . PRO A 28  ? 0.4631 0.3584 0.4063 -0.0631 -0.1312 -0.0105 1821 PRO A N   
189 C CA  . PRO A 28  ? 0.4598 0.3467 0.3911 -0.0625 -0.1255 -0.0060 1821 PRO A CA  
190 C C   . PRO A 28  ? 0.4458 0.3300 0.3880 -0.0588 -0.1229 0.0002  1821 PRO A C   
191 O O   . PRO A 28  ? 0.4420 0.3304 0.3975 -0.0560 -0.1277 0.0018  1821 PRO A O   
192 C CB  . PRO A 28  ? 0.4753 0.3602 0.3936 -0.0628 -0.1298 -0.0064 1821 PRO A CB  
193 C CG  . PRO A 28  ? 0.4815 0.3731 0.4000 -0.0650 -0.1361 -0.0124 1821 PRO A CG  
194 C CD  . PRO A 28  ? 0.4734 0.3718 0.4109 -0.0640 -0.1383 -0.0138 1821 PRO A CD  
195 N N   . VAL A 29  ? 0.4421 0.3197 0.3787 -0.0588 -0.1153 0.0038  1822 VAL A N   
196 C CA  . VAL A 29  ? 0.4490 0.3232 0.3943 -0.0552 -0.1121 0.0098  1822 VAL A CA  
197 C C   . VAL A 29  ? 0.4613 0.3331 0.4044 -0.0521 -0.1157 0.0137  1822 VAL A C   
198 O O   . VAL A 29  ? 0.4735 0.3412 0.4013 -0.0530 -0.1160 0.0136  1822 VAL A O   
199 C CB  . VAL A 29  ? 0.4568 0.3235 0.3936 -0.0562 -0.1029 0.0126  1822 VAL A CB  
200 C CG1 . VAL A 29  ? 0.4575 0.3195 0.4011 -0.0523 -0.0996 0.0192  1822 VAL A CG1 
201 C CG2 . VAL A 29  ? 0.4513 0.3208 0.3923 -0.0588 -0.0991 0.0095  1822 VAL A CG2 
202 N N   . ASN A 30  ? 0.4546 0.3294 0.4131 -0.0485 -0.1185 0.0170  1823 ASN A N   
203 C CA  . ASN A 30  ? 0.4514 0.3249 0.4096 -0.0452 -0.1218 0.0213  1823 ASN A CA  
204 C C   . ASN A 30  ? 0.4388 0.3036 0.3926 -0.0428 -0.1150 0.0276  1823 ASN A C   
205 O O   . ASN A 30  ? 0.4298 0.2941 0.3952 -0.0405 -0.1117 0.0312  1823 ASN A O   
206 C CB  . ASN A 30  ? 0.4546 0.3359 0.4314 -0.0423 -0.1282 0.0221  1823 ASN A CB  
207 C CG  . ASN A 30  ? 0.4688 0.3502 0.4450 -0.0392 -0.1329 0.0258  1823 ASN A CG  
208 O OD1 . ASN A 30  ? 0.4791 0.3546 0.4408 -0.0391 -0.1315 0.0277  1823 ASN A OD1 
209 N ND2 . ASN A 30  ? 0.4695 0.3577 0.4612 -0.0369 -0.1385 0.0269  1823 ASN A ND2 
210 N N   . PRO A 31  ? 0.4388 0.2965 0.3753 -0.0433 -0.1128 0.0289  1824 PRO A N   
211 C CA  . PRO A 31  ? 0.4395 0.2879 0.3688 -0.0416 -0.1057 0.0346  1824 PRO A CA  
212 C C   . PRO A 31  ? 0.4380 0.2862 0.3788 -0.0364 -0.1067 0.0408  1824 PRO A C   
213 O O   . PRO A 31  ? 0.4359 0.2773 0.3759 -0.0344 -0.1004 0.0458  1824 PRO A O   
214 C CB  . PRO A 31  ? 0.4484 0.2911 0.3575 -0.0433 -0.1052 0.0338  1824 PRO A CB  
215 C CG  . PRO A 31  ? 0.4469 0.2968 0.3564 -0.0441 -0.1138 0.0299  1824 PRO A CG  
216 C CD  . PRO A 31  ? 0.4390 0.2974 0.3620 -0.0456 -0.1172 0.0253  1824 PRO A CD  
217 N N   . ARG A 32  ? 0.4428 0.2983 0.3939 -0.0344 -0.1144 0.0406  1825 ARG A N   
218 C CA  . ARG A 32  ? 0.4515 0.3084 0.4150 -0.0295 -0.1161 0.0464  1825 ARG A CA  
219 C C   . ARG A 32  ? 0.4484 0.3078 0.4289 -0.0281 -0.1136 0.0480  1825 ARG A C   
220 O O   . ARG A 32  ? 0.4520 0.3096 0.4407 -0.0241 -0.1113 0.0537  1825 ARG A O   
221 C CB  . ARG A 32  ? 0.4546 0.3196 0.4245 -0.0282 -0.1254 0.0453  1825 ARG A CB  
222 C CG  . ARG A 32  ? 0.4663 0.3292 0.4206 -0.0289 -0.1284 0.0446  1825 ARG A CG  
223 C CD  . ARG A 32  ? 0.4697 0.3418 0.4310 -0.0284 -0.1378 0.0423  1825 ARG A CD  
224 N NE  . ARG A 32  ? 0.4745 0.3448 0.4219 -0.0287 -0.1410 0.0423  1825 ARG A NE  
225 C CZ  . ARG A 32  ? 0.4687 0.3461 0.4181 -0.0289 -0.1490 0.0399  1825 ARG A CZ  
226 N NH1 . ARG A 32  ? 0.4620 0.3487 0.4265 -0.0291 -0.1547 0.0374  1825 ARG A NH1 
227 N NH2 . ARG A 32  ? 0.4737 0.3488 0.4094 -0.0291 -0.1513 0.0401  1825 ARG A NH2 
228 N N   . LEU A 33  ? 0.4412 0.3054 0.4274 -0.0311 -0.1139 0.0431  1826 LEU A N   
229 C CA  . LEU A 33  ? 0.4311 0.2988 0.4342 -0.0301 -0.1122 0.0438  1826 LEU A CA  
230 C C   . LEU A 33  ? 0.4387 0.3001 0.4374 -0.0315 -0.1034 0.0446  1826 LEU A C   
231 O O   . LEU A 33  ? 0.4335 0.2954 0.4444 -0.0299 -0.1001 0.0472  1826 LEU A O   
232 C CB  . LEU A 33  ? 0.4148 0.2920 0.4282 -0.0322 -0.1180 0.0380  1826 LEU A CB  
233 C CG  . LEU A 33  ? 0.4116 0.2965 0.4314 -0.0311 -0.1271 0.0367  1826 LEU A CG  
234 C CD1 . LEU A 33  ? 0.4045 0.2974 0.4325 -0.0339 -0.1319 0.0304  1826 LEU A CD1 
235 C CD2 . LEU A 33  ? 0.4108 0.2978 0.4444 -0.0265 -0.1290 0.0425  1826 LEU A CD2 
236 N N   . VAL A 34  ? 0.4524 0.3080 0.4337 -0.0348 -0.0994 0.0425  1827 VAL A N   
237 C CA  . VAL A 34  ? 0.4577 0.3075 0.4332 -0.0369 -0.0911 0.0426  1827 VAL A CA  
238 C C   . VAL A 34  ? 0.4700 0.3093 0.4304 -0.0363 -0.0848 0.0469  1827 VAL A C   
239 O O   . VAL A 34  ? 0.4740 0.3092 0.4177 -0.0386 -0.0845 0.0450  1827 VAL A O   
240 C CB  . VAL A 34  ? 0.4621 0.3145 0.4299 -0.0419 -0.0907 0.0361  1827 VAL A CB  
241 C CG1 . VAL A 34  ? 0.4564 0.3041 0.4203 -0.0440 -0.0823 0.0365  1827 VAL A CG1 
242 C CG2 . VAL A 34  ? 0.4586 0.3210 0.4404 -0.0425 -0.0971 0.0318  1827 VAL A CG2 
243 N N   . SER A 35  ? 0.4799 0.3146 0.4463 -0.0334 -0.0799 0.0523  1828 SER A N   
244 C CA  . SER A 35  ? 0.5010 0.3252 0.4545 -0.0322 -0.0737 0.0570  1828 SER A CA  
245 C C   . SER A 35  ? 0.4951 0.3126 0.4319 -0.0366 -0.0668 0.0548  1828 SER A C   
246 O O   . SER A 35  ? 0.4820 0.3001 0.4215 -0.0391 -0.0625 0.0530  1828 SER A O   
247 C CB  . SER A 35  ? 0.5181 0.3392 0.4830 -0.0282 -0.0695 0.0632  1828 SER A CB  
248 O OG  . SER A 35  ? 0.5371 0.3475 0.4895 -0.0273 -0.0627 0.0676  1828 SER A OG  
249 N N   . GLY A 36  ? 0.5012 0.3123 0.4204 -0.0377 -0.0658 0.0550  1829 GLY A N   
250 C CA  . GLY A 36  ? 0.4991 0.3029 0.4008 -0.0418 -0.0590 0.0535  1829 GLY A CA  
251 C C   . GLY A 36  ? 0.4918 0.2998 0.3848 -0.0468 -0.0612 0.0468  1829 GLY A C   
252 O O   . GLY A 36  ? 0.4915 0.2942 0.3694 -0.0506 -0.0560 0.0452  1829 GLY A O   
253 N N   . TYR A 37  ? 0.4822 0.2996 0.3846 -0.0468 -0.0689 0.0429  1830 TYR A N   
254 C CA  . TYR A 37  ? 0.4629 0.2851 0.3587 -0.0513 -0.0712 0.0365  1830 TYR A CA  
255 C C   . TYR A 37  ? 0.4622 0.2805 0.3390 -0.0535 -0.0725 0.0346  1830 TYR A C   
256 O O   . TYR A 37  ? 0.4573 0.2751 0.3221 -0.0578 -0.0705 0.0306  1830 TYR A O   
257 C CB  . TYR A 37  ? 0.4401 0.2732 0.3512 -0.0507 -0.0791 0.0329  1830 TYR A CB  
258 C CG  . TYR A 37  ? 0.4192 0.2576 0.3270 -0.0550 -0.0801 0.0266  1830 TYR A CG  
259 C CD1 . TYR A 37  ? 0.4047 0.2457 0.3197 -0.0567 -0.0762 0.0250  1830 TYR A CD1 
260 C CD2 . TYR A 37  ? 0.4116 0.2524 0.3091 -0.0574 -0.0850 0.0221  1830 TYR A CD2 
261 C CE1 . TYR A 37  ? 0.3944 0.2406 0.3067 -0.0605 -0.0770 0.0195  1830 TYR A CE1 
262 C CE2 . TYR A 37  ? 0.4029 0.2485 0.2972 -0.0612 -0.0857 0.0164  1830 TYR A CE2 
263 C CZ  . TYR A 37  ? 0.3953 0.2435 0.2970 -0.0627 -0.0817 0.0152  1830 TYR A CZ  
264 O OH  . TYR A 37  ? 0.3887 0.2419 0.2876 -0.0663 -0.0823 0.0098  1830 TYR A OH  
265 N N   . ARG A 38  ? 0.4683 0.2843 0.3426 -0.0504 -0.0758 0.0376  1831 ARG A N   
266 C CA  . ARG A 38  ? 0.4779 0.2898 0.3344 -0.0520 -0.0773 0.0363  1831 ARG A CA  
267 C C   . ARG A 38  ? 0.4756 0.2772 0.3147 -0.0545 -0.0688 0.0379  1831 ARG A C   
268 O O   . ARG A 38  ? 0.4703 0.2689 0.2930 -0.0579 -0.0682 0.0350  1831 ARG A O   
269 C CB  . ARG A 38  ? 0.4968 0.3084 0.3555 -0.0479 -0.0823 0.0399  1831 ARG A CB  
270 C CG  . ARG A 38  ? 0.5204 0.3299 0.3627 -0.0493 -0.0855 0.0380  1831 ARG A CG  
271 C CD  . ARG A 38  ? 0.5484 0.3556 0.3911 -0.0449 -0.0887 0.0428  1831 ARG A CD  
272 N NE  . ARG A 38  ? 0.5687 0.3844 0.4299 -0.0413 -0.0954 0.0439  1831 ARG A NE  
273 C CZ  . ARG A 38  ? 0.5878 0.4118 0.4534 -0.0416 -0.1036 0.0404  1831 ARG A CZ  
274 N NH1 . ARG A 38  ? 0.5981 0.4231 0.4511 -0.0451 -0.1063 0.0356  1831 ARG A NH1 
275 N NH2 . ARG A 38  ? 0.5887 0.4203 0.4713 -0.0384 -0.1093 0.0417  1831 ARG A NH2 
276 N N   . ARG A 39  ? 0.4842 0.2801 0.3272 -0.0529 -0.0621 0.0423  1832 ARG A N   
277 C CA  . ARG A 39  ? 0.5015 0.2870 0.3289 -0.0550 -0.0535 0.0444  1832 ARG A CA  
278 C C   . ARG A 39  ? 0.4940 0.2798 0.3157 -0.0601 -0.0485 0.0406  1832 ARG A C   
279 O O   . ARG A 39  ? 0.5057 0.2855 0.3101 -0.0637 -0.0440 0.0393  1832 ARG A O   
280 C CB  . ARG A 39  ? 0.5130 0.2919 0.3467 -0.0510 -0.0484 0.0510  1832 ARG A CB  
281 C CG  . ARG A 39  ? 0.5271 0.2953 0.3473 -0.0533 -0.0386 0.0531  1832 ARG A CG  
282 C CD  . ARG A 39  ? 0.5380 0.2992 0.3634 -0.0491 -0.0338 0.0598  1832 ARG A CD  
283 N NE  . ARG A 39  ? 0.5351 0.3024 0.3815 -0.0460 -0.0352 0.0616  1832 ARG A NE  
284 C CZ  . ARG A 39  ? 0.5270 0.2956 0.3803 -0.0476 -0.0307 0.0610  1832 ARG A CZ  
285 N NH1 . ARG A 39  ? 0.5246 0.2894 0.3657 -0.0525 -0.0246 0.0587  1832 ARG A NH1 
286 N NH2 . ARG A 39  ? 0.5213 0.2955 0.3937 -0.0445 -0.0323 0.0628  1832 ARG A NH2 
287 N N   . ILE A 40  ? 0.4706 0.2638 0.3071 -0.0603 -0.0494 0.0388  1833 ILE A N   
288 C CA  . ILE A 40  ? 0.4475 0.2418 0.2807 -0.0647 -0.0442 0.0358  1833 ILE A CA  
289 C C   . ILE A 40  ? 0.4300 0.2304 0.2563 -0.0688 -0.0481 0.0294  1833 ILE A C   
290 O O   . ILE A 40  ? 0.4226 0.2206 0.2352 -0.0732 -0.0435 0.0270  1833 ILE A O   
291 C CB  . ILE A 40  ? 0.4351 0.2345 0.2873 -0.0631 -0.0431 0.0367  1833 ILE A CB  
292 C CG1 . ILE A 40  ? 0.4343 0.2271 0.2924 -0.0594 -0.0383 0.0431  1833 ILE A CG1 
293 C CG2 . ILE A 40  ? 0.4247 0.2264 0.2740 -0.0676 -0.0383 0.0335  1833 ILE A CG2 
294 C CD1 . ILE A 40  ? 0.4228 0.2203 0.2993 -0.0577 -0.0368 0.0445  1833 ILE A CD1 
295 N N   . ILE A 41  ? 0.4275 0.2361 0.2628 -0.0674 -0.0563 0.0266  1834 ILE A N   
296 C CA  . ILE A 41  ? 0.4341 0.2491 0.2643 -0.0709 -0.0602 0.0205  1834 ILE A CA  
297 C C   . ILE A 41  ? 0.4675 0.2803 0.2829 -0.0718 -0.0642 0.0189  1834 ILE A C   
298 O O   . ILE A 41  ? 0.4768 0.2908 0.2964 -0.0687 -0.0701 0.0200  1834 ILE A O   
299 C CB  . ILE A 41  ? 0.4121 0.2376 0.2603 -0.0695 -0.0669 0.0177  1834 ILE A CB  
300 C CG1 . ILE A 41  ? 0.4059 0.2341 0.2689 -0.0686 -0.0631 0.0191  1834 ILE A CG1 
301 C CG2 . ILE A 41  ? 0.3976 0.2295 0.2401 -0.0731 -0.0708 0.0113  1834 ILE A CG2 
302 C CD1 . ILE A 41  ? 0.3838 0.2107 0.2393 -0.0728 -0.0561 0.0174  1834 ILE A CD1 
303 N N   . LYS A 42  ? 0.4877 0.2971 0.2857 -0.0762 -0.0608 0.0162  1835 LYS A N   
304 C CA  . LYS A 42  ? 0.5084 0.3149 0.2906 -0.0775 -0.0637 0.0147  1835 LYS A CA  
305 C C   . LYS A 42  ? 0.5096 0.3247 0.2932 -0.0788 -0.0714 0.0093  1835 LYS A C   
306 O O   . LYS A 42  ? 0.5223 0.3377 0.3016 -0.0776 -0.0769 0.0087  1835 LYS A O   
307 C CB  . LYS A 42  ? 0.5231 0.3222 0.2854 -0.0818 -0.0566 0.0143  1835 LYS A CB  
308 C CG  . LYS A 42  ? 0.5383 0.3276 0.2966 -0.0808 -0.0489 0.0197  1835 LYS A CG  
309 C CD  . LYS A 42  ? 0.5563 0.3398 0.3137 -0.0766 -0.0508 0.0242  1835 LYS A CD  
310 C CE  . LYS A 42  ? 0.5601 0.3377 0.3254 -0.0733 -0.0454 0.0301  1835 LYS A CE  
311 N NZ  . LYS A 42  ? 0.5541 0.3305 0.3203 -0.0761 -0.0381 0.0300  1835 LYS A NZ  
312 N N   . ASN A 43  ? 0.5015 0.3235 0.2908 -0.0810 -0.0717 0.0052  1836 ASN A N   
313 C CA  . ASN A 43  ? 0.4943 0.3244 0.2849 -0.0825 -0.0784 -0.0002 1836 ASN A CA  
314 C C   . ASN A 43  ? 0.4858 0.3248 0.2965 -0.0808 -0.0823 -0.0018 1836 ASN A C   
315 O O   . ASN A 43  ? 0.4892 0.3328 0.3034 -0.0830 -0.0804 -0.0047 1836 ASN A O   
316 C CB  . ASN A 43  ? 0.4882 0.3187 0.2640 -0.0876 -0.0754 -0.0045 1836 ASN A CB  
317 C CG  . ASN A 43  ? 0.4981 0.3199 0.2535 -0.0899 -0.0713 -0.0031 1836 ASN A CG  
318 O OD1 . ASN A 43  ? 0.4987 0.3155 0.2453 -0.0924 -0.0640 -0.0019 1836 ASN A OD1 
319 N ND2 . ASN A 43  ? 0.5072 0.3269 0.2547 -0.0890 -0.0759 -0.0033 1836 ASN A ND2 
320 N N   . PRO A 44  ? 0.4747 0.3161 0.2985 -0.0767 -0.0876 0.0002  1837 PRO A N   
321 C CA  . PRO A 44  ? 0.4629 0.3123 0.3062 -0.0747 -0.0917 -0.0011 1837 PRO A CA  
322 C C   . PRO A 44  ? 0.4587 0.3160 0.3029 -0.0770 -0.0968 -0.0073 1837 PRO A C   
323 O O   . PRO A 44  ? 0.4698 0.3275 0.3030 -0.0786 -0.1006 -0.0101 1837 PRO A O   
324 C CB  . PRO A 44  ? 0.4650 0.3145 0.3181 -0.0702 -0.0966 0.0025  1837 PRO A CB  
325 C CG  . PRO A 44  ? 0.4732 0.3175 0.3106 -0.0705 -0.0979 0.0034  1837 PRO A CG  
326 C CD  . PRO A 44  ? 0.4793 0.3163 0.2999 -0.0736 -0.0903 0.0038  1837 PRO A CD  
327 N N   . MET A 45  ? 0.4391 0.3025 0.2963 -0.0773 -0.0969 -0.0093 1838 MET A N   
328 C CA  . MET A 45  ? 0.4225 0.2934 0.2815 -0.0794 -0.1012 -0.0152 1838 MET A CA  
329 C C   . MET A 45  ? 0.4066 0.2842 0.2855 -0.0777 -0.1030 -0.0161 1838 MET A C   
330 O O   . MET A 45  ? 0.4057 0.2828 0.2934 -0.0767 -0.0984 -0.0134 1838 MET A O   
331 C CB  . MET A 45  ? 0.4173 0.2876 0.2624 -0.0837 -0.0965 -0.0183 1838 MET A CB  
332 C CG  . MET A 45  ? 0.4130 0.2905 0.2582 -0.0860 -0.1006 -0.0244 1838 MET A CG  
333 S SD  . MET A 45  ? 0.5223 0.4022 0.3625 -0.0856 -0.1096 -0.0276 1838 MET A SD  
334 C CE  . MET A 45  ? 0.4787 0.3500 0.2962 -0.0875 -0.1067 -0.0258 1838 MET A CE  
335 N N   . ASP A 46  ? 0.4001 0.2843 0.2859 -0.0774 -0.1101 -0.0198 1839 ASP A N   
336 C CA  . ASP A 46  ? 0.3928 0.2837 0.2968 -0.0761 -0.1123 -0.0214 1839 ASP A CA  
337 C C   . ASP A 46  ? 0.3914 0.2887 0.2949 -0.0784 -0.1167 -0.0276 1839 ASP A C   
338 O O   . ASP A 46  ? 0.3834 0.2798 0.2724 -0.0808 -0.1180 -0.0306 1839 ASP A O   
339 C CB  . ASP A 46  ? 0.3970 0.2891 0.3151 -0.0723 -0.1171 -0.0184 1839 ASP A CB  
340 C CG  . ASP A 46  ? 0.4148 0.3089 0.3294 -0.0719 -0.1246 -0.0202 1839 ASP A CG  
341 O OD1 . ASP A 46  ? 0.4278 0.3170 0.3290 -0.0721 -0.1246 -0.0187 1839 ASP A OD1 
342 O OD2 . ASP A 46  ? 0.4213 0.3216 0.3464 -0.0715 -0.1305 -0.0232 1839 ASP A OD2 
343 N N   . PHE A 47  ? 0.3601 0.1647 0.1649 -0.0675 0.0161  0.0119  1840 PHE A N   
344 C CA  . PHE A 47  ? 0.3667 0.1766 0.1761 -0.0705 0.0199  0.0091  1840 PHE A CA  
345 C C   . PHE A 47  ? 0.3883 0.1973 0.1956 -0.0731 0.0192  0.0087  1840 PHE A C   
346 O O   . PHE A 47  ? 0.3911 0.1995 0.1974 -0.0767 0.0235  0.0046  1840 PHE A O   
347 C CB  . PHE A 47  ? 0.3468 0.1676 0.1647 -0.0667 0.0186  0.0132  1840 PHE A CB  
348 C CG  . PHE A 47  ? 0.3268 0.1489 0.1456 -0.0640 0.0207  0.0134  1840 PHE A CG  
349 C CD1 . PHE A 47  ? 0.3170 0.1301 0.1311 -0.0668 0.0250  0.0075  1840 PHE A CD1 
350 C CD2 . PHE A 47  ? 0.3103 0.1437 0.1352 -0.0579 0.0185  0.0193  1840 PHE A CD2 
351 C CE1 . PHE A 47  ? 0.3040 0.1218 0.1217 -0.0620 0.0264  0.0060  1840 PHE A CE1 
352 C CE2 . PHE A 47  ? 0.2982 0.1342 0.1213 -0.0536 0.0206  0.0200  1840 PHE A CE2 
353 C CZ  . PHE A 47  ? 0.2925 0.1267 0.1175 -0.0532 0.0234  0.0110  1840 PHE A CZ  
354 N N   . SER A 48  ? 0.4019 0.2106 0.2080 -0.0711 0.0139  0.0129  1841 SER A N   
355 C CA  . SER A 48  ? 0.4119 0.2185 0.2148 -0.0733 0.0129  0.0127  1841 SER A CA  
356 C C   . SER A 48  ? 0.4265 0.2233 0.2199 -0.0773 0.0162  0.0086  1841 SER A C   
357 O O   . SER A 48  ? 0.4325 0.2272 0.2226 -0.0803 0.0186  0.0065  1841 SER A O   
358 C CB  . SER A 48  ? 0.4147 0.2233 0.2190 -0.0703 0.0069  0.0179  1841 SER A CB  
359 O OG  . SER A 48  ? 0.4305 0.2330 0.2296 -0.0688 0.0046  0.0190  1841 SER A OG  
360 N N   . THR A 49  ? 0.4357 0.2262 0.2247 -0.0772 0.0165  0.0079  1842 THR A N   
361 C CA  . THR A 49  ? 0.4576 0.2393 0.2392 -0.0808 0.0201  0.0046  1842 THR A CA  
362 C C   . THR A 49  ? 0.4684 0.2525 0.2528 -0.0842 0.0271  0.0000  1842 THR A C   
363 O O   . THR A 49  ? 0.4821 0.2628 0.2626 -0.0875 0.0306  -0.0022 1842 THR A O   
364 C CB  . THR A 49  ? 0.4694 0.2443 0.2473 -0.0796 0.0188  0.0049  1842 THR A CB  
365 O OG1 . THR A 49  ? 0.4729 0.2458 0.2480 -0.0760 0.0122  0.0092  1842 THR A OG1 
366 C CG2 . THR A 49  ? 0.4766 0.2429 0.2482 -0.0834 0.0225  0.0020  1842 THR A CG2 
367 N N   . MET A 50  ? 0.4748 0.2648 0.2663 -0.0831 0.0292  -0.0015 1843 MET A N   
368 C CA  . MET A 50  ? 0.4945 0.2884 0.2906 -0.0859 0.0357  -0.0061 1843 MET A CA  
369 C C   . MET A 50  ? 0.5150 0.3128 0.3113 -0.0869 0.0365  -0.0062 1843 MET A C   
370 O O   . MET A 50  ? 0.5148 0.3127 0.3106 -0.0900 0.0416  -0.0097 1843 MET A O   
371 C CB  . MET A 50  ? 0.4923 0.2917 0.2962 -0.0842 0.0372  -0.0078 1843 MET A CB  
372 C CG  . MET A 50  ? 0.5031 0.2979 0.3074 -0.0830 0.0365  -0.0087 1843 MET A CG  
373 S SD  . MET A 50  ? 0.4609 0.2606 0.2732 -0.0800 0.0371  -0.0107 1843 MET A SD  
374 C CE  . MET A 50  ? 0.3152 0.1233 0.1371 -0.0832 0.0447  -0.0176 1843 MET A CE  
375 N N   . ARG A 51  ? 0.5384 0.3398 0.3361 -0.0842 0.0313  -0.0024 1844 ARG A N   
376 C CA  . ARG A 51  ? 0.5686 0.3731 0.3670 -0.0848 0.0311  -0.0022 1844 ARG A CA  
377 C C   . ARG A 51  ? 0.6179 0.4156 0.4079 -0.0876 0.0318  -0.0031 1844 ARG A C   
378 O O   . ARG A 51  ? 0.6197 0.4173 0.4078 -0.0899 0.0353  -0.0056 1844 ARG A O   
379 C CB  . ARG A 51  ? 0.5589 0.3690 0.3626 -0.0812 0.0250  0.0027  1844 ARG A CB  
380 C CG  . ARG A 51  ? 0.5567 0.3687 0.3605 -0.0817 0.0236  0.0035  1844 ARG A CG  
381 C CD  . ARG A 51  ? 0.5523 0.3668 0.3575 -0.0835 0.0283  -0.0002 1844 ARG A CD  
382 N NE  . ARG A 51  ? 0.5386 0.3599 0.3519 -0.0816 0.0291  -0.0001 1844 ARG A NE  
383 C CZ  . ARG A 51  ? 0.5301 0.3542 0.3456 -0.0828 0.0334  -0.0034 1844 ARG A CZ  
384 N NH1 . ARG A 51  ? 0.5354 0.3563 0.3458 -0.0859 0.0373  -0.0069 1844 ARG A NH1 
385 N NH2 . ARG A 51  ? 0.5184 0.3481 0.3408 -0.0808 0.0340  -0.0031 1844 ARG A NH2 
386 N N   . GLU A 52  ? 0.6605 0.4523 0.4450 -0.0872 0.0285  -0.0009 1845 GLU A N   
387 C CA  . GLU A 52  ? 0.6988 0.4826 0.4737 -0.0900 0.0291  -0.0014 1845 GLU A CA  
388 C C   . GLU A 52  ? 0.7010 0.4804 0.4718 -0.0938 0.0359  -0.0054 1845 GLU A C   
389 O O   . GLU A 52  ? 0.7135 0.4867 0.4751 -0.0976 0.0390  -0.0075 1845 GLU A O   
390 C CB  . GLU A 52  ? 0.7344 0.5120 0.5037 -0.0888 0.0243  0.0016  1845 GLU A CB  
391 C CG  . GLU A 52  ? 0.7601 0.5410 0.5320 -0.0858 0.0177  0.0056  1845 GLU A CG  
392 C CD  . GLU A 52  ? 0.8099 0.5851 0.5769 -0.0844 0.0131  0.0083  1845 GLU A CD  
393 O OE1 . GLU A 52  ? 0.8486 0.6157 0.6084 -0.0861 0.0149  0.0070  1845 GLU A OE1 
394 O OE2 . GLU A 52  ? 0.8218 0.6007 0.5928 -0.0816 0.0079  0.0119  1845 GLU A OE2 
395 N N   . ARG A 53  ? 0.6958 0.4760 0.4707 -0.0940 0.0388  -0.0070 1846 ARG A N   
396 C CA  . ARG A 53  ? 0.7053 0.4827 0.4793 -0.0977 0.0454  -0.0107 1846 ARG A CA  
397 C C   . ARG A 53  ? 0.7007 0.4839 0.4791 -0.0995 0.0507  -0.0143 1846 ARG A C   
398 O O   . ARG A 53  ? 0.7056 0.4859 0.4810 -0.1031 0.0560  -0.0171 1846 ARG A O   
399 C CB  . ARG A 53  ? 0.7048 0.4819 0.4836 -0.0975 0.0467  -0.0118 1846 ARG A CB  
400 C CG  . ARG A 53  ? 0.7101 0.4851 0.4907 -0.1015 0.0533  -0.0158 1846 ARG A CG  
401 C CD  . ARG A 53  ? 0.7038 0.4782 0.4903 -0.1011 0.0535  -0.0169 1846 ARG A CD  
402 N NE  . ARG A 53  ? 0.6952 0.4699 0.4871 -0.1049 0.0598  -0.0216 1846 ARG A NE  
403 C CZ  . ARG A 53  ? 0.6776 0.4522 0.4770 -0.1052 0.0606  -0.0241 1846 ARG A CZ  
404 N NH1 . ARG A 53  ? 0.6651 0.4383 0.4662 -0.1019 0.0556  -0.0225 1846 ARG A NH1 
405 N NH2 . ARG A 53  ? 0.6747 0.4503 0.4801 -0.1090 0.0661  -0.0287 1846 ARG A NH2 
406 N N   . LEU A 54  ? 0.6943 0.4852 0.4794 -0.0970 0.0492  -0.0140 1847 LEU A N   
407 C CA  . LEU A 54  ? 0.7037 0.5002 0.4928 -0.0982 0.0538  -0.0173 1847 LEU A CA  
408 C C   . LEU A 54  ? 0.7281 0.5220 0.5108 -0.0996 0.0538  -0.0173 1847 LEU A C   
409 O O   . LEU A 54  ? 0.7360 0.5290 0.5166 -0.1026 0.0593  -0.0207 1847 LEU A O   
410 C CB  . LEU A 54  ? 0.6947 0.4991 0.4923 -0.0951 0.0521  -0.0168 1847 LEU A CB  
411 C CG  . LEU A 54  ? 0.6940 0.5046 0.4968 -0.0961 0.0570  -0.0205 1847 LEU A CG  
412 C CD1 . LEU A 54  ? 0.6977 0.5091 0.5038 -0.0993 0.0642  -0.0254 1847 LEU A CD1 
413 C CD2 . LEU A 54  ? 0.6860 0.5034 0.4962 -0.0928 0.0548  -0.0195 1847 LEU A CD2 
414 N N   . LEU A 55  ? 0.7635 0.5548 0.5415 -0.0979 0.0479  -0.0138 1848 LEU A N   
415 C CA  . LEU A 55  ? 0.8206 0.6064 0.5887 -0.1002 0.0475  -0.0142 1848 LEU A CA  
416 C C   . LEU A 55  ? 0.8896 0.6646 0.6450 -0.1045 0.0511  -0.0160 1848 LEU A C   
417 O O   . LEU A 55  ? 0.9002 0.6707 0.6480 -0.1074 0.0541  -0.0182 1848 LEU A O   
418 C CB  . LEU A 55  ? 0.8169 0.6021 0.5834 -0.0978 0.0401  -0.0100 1848 LEU A CB  
419 C CG  . LEU A 55  ? 0.8056 0.6007 0.5837 -0.0939 0.0364  -0.0078 1848 LEU A CG  
420 C CD1 . LEU A 55  ? 0.8065 0.6007 0.5834 -0.0922 0.0294  -0.0035 1848 LEU A CD1 
421 C CD2 . LEU A 55  ? 0.8049 0.6041 0.5859 -0.0948 0.0398  -0.0102 1848 LEU A CD2 
422 N N   . ARG A 56  ? 0.9378 0.7081 0.6906 -0.1049 0.0507  -0.0150 1849 ARG A N   
423 C CA  . ARG A 56  ? 0.9898 0.7493 0.7309 -0.1090 0.0541  -0.0163 1849 ARG A CA  
424 C C   . ARG A 56  ? 0.9921 0.7528 0.7361 -0.1122 0.0621  -0.0204 1849 ARG A C   
425 O O   . ARG A 56  ? 1.0130 0.7653 0.7477 -0.1163 0.0665  -0.0224 1849 ARG A O   
426 C CB  . ARG A 56  ? 1.0323 0.7861 0.7701 -0.1081 0.0506  -0.0136 1849 ARG A CB  
427 C CG  . ARG A 56  ? 1.0969 0.8377 0.8205 -0.1120 0.0524  -0.0140 1849 ARG A CG  
428 C CD  . ARG A 56  ? 1.1514 0.8876 0.8743 -0.1117 0.0513  -0.0124 1849 ARG A CD  
429 N NE  . ARG A 56  ? 1.1916 0.9191 0.9073 -0.1162 0.0573  -0.0145 1849 ARG A NE  
430 C CZ  . ARG A 56  ? 1.2234 0.9390 0.9270 -0.1183 0.0565  -0.0133 1849 ARG A CZ  
431 N NH1 . ARG A 56  ? 1.2324 0.9434 0.9297 -0.1160 0.0498  -0.0102 1849 ARG A NH1 
432 N NH2 . ARG A 56  ? 1.2452 0.9533 0.9434 -0.1225 0.0624  -0.0153 1849 ARG A NH2 
433 N N   . GLY A 57  ? 0.9710 0.7419 0.7281 -0.1105 0.0641  -0.0219 1850 GLY A N   
434 C CA  . GLY A 57  ? 0.9656 0.7396 0.7281 -0.1133 0.0715  -0.0262 1850 GLY A CA  
435 C C   . GLY A 57  ? 0.9632 0.7360 0.7303 -0.1144 0.0734  -0.0267 1850 GLY A C   
436 O O   . GLY A 57  ? 0.9773 0.7502 0.7472 -0.1178 0.0796  -0.0304 1850 GLY A O   
437 N N   . GLY A 58  ? 0.9533 0.7251 0.7219 -0.1115 0.0678  -0.0232 1851 GLY A N   
438 C CA  . GLY A 58  ? 0.9503 0.7193 0.7221 -0.1124 0.0686  -0.0234 1851 GLY A CA  
439 C C   . GLY A 58  ? 0.9365 0.7128 0.7209 -0.1122 0.0713  -0.0265 1851 GLY A C   
440 O O   . GLY A 58  ? 0.9493 0.7231 0.7371 -0.1123 0.0707  -0.0266 1851 GLY A O   
441 N N   . TYR A 59  ? 0.9093 0.6942 0.7008 -0.1118 0.0742  -0.0293 1852 TYR A N   
442 C CA  . TYR A 59  ? 0.8850 0.6777 0.6895 -0.1117 0.0771  -0.0331 1852 TYR A CA  
443 C C   . TYR A 59  ? 0.8907 0.6865 0.6997 -0.1159 0.0848  -0.0385 1852 TYR A C   
444 O O   . TYR A 59  ? 0.8926 0.6918 0.7003 -0.1166 0.0878  -0.0402 1852 TYR A O   
445 C CB  . TYR A 59  ? 0.8558 0.6568 0.6666 -0.1077 0.0743  -0.0325 1852 TYR A CB  
446 C CG  . TYR A 59  ? 0.8307 0.6302 0.6414 -0.1038 0.0676  -0.0286 1852 TYR A CG  
447 C CD1 . TYR A 59  ? 0.8196 0.6184 0.6362 -0.1032 0.0666  -0.0298 1852 TYR A CD1 
448 C CD2 . TYR A 59  ? 0.8169 0.6160 0.6221 -0.1006 0.0622  -0.0242 1852 TYR A CD2 
449 C CE1 . TYR A 59  ? 0.8071 0.6038 0.6226 -0.0995 0.0607  -0.0266 1852 TYR A CE1 
450 C CE2 . TYR A 59  ? 0.8046 0.6024 0.6095 -0.0972 0.0564  -0.0207 1852 TYR A CE2 
451 C CZ  . TYR A 59  ? 0.7977 0.5938 0.6068 -0.0966 0.0558  -0.0218 1852 TYR A CZ  
452 O OH  . TYR A 59  ? 0.7867 0.5805 0.5943 -0.0932 0.0502  -0.0184 1852 TYR A OH  
453 N N   . THR A 60  ? 0.9103 0.7046 0.7245 -0.1187 0.0878  -0.0416 1853 THR A N   
454 C CA  . THR A 60  ? 0.9354 0.7328 0.7550 -0.1230 0.0953  -0.0471 1853 THR A CA  
455 C C   . THR A 60  ? 0.9477 0.7573 0.7803 -0.1217 0.0978  -0.0517 1853 THR A C   
456 O O   . THR A 60  ? 0.9630 0.7769 0.7967 -0.1237 0.1031  -0.0550 1853 THR A O   
457 C CB  . THR A 60  ? 0.9460 0.7391 0.7696 -0.1262 0.0973  -0.0494 1853 THR A CB  
458 O OG1 . THR A 60  ? 0.9645 0.7455 0.7754 -0.1278 0.0956  -0.0453 1853 THR A OG1 
459 C CG2 . THR A 60  ? 0.9500 0.7472 0.7805 -0.1307 0.1051  -0.0556 1853 THR A CG2 
460 N N   . SER A 61  ? 0.9443 0.7597 0.7869 -0.1181 0.0939  -0.0522 1854 SER A N   
461 C CA  . SER A 61  ? 0.9335 0.7607 0.7896 -0.1164 0.0956  -0.0569 1854 SER A CA  
462 C C   . SER A 61  ? 0.9320 0.7629 0.7911 -0.1111 0.0895  -0.0544 1854 SER A C   
463 O O   . SER A 61  ? 0.9331 0.7576 0.7847 -0.1089 0.0841  -0.0492 1854 SER A O   
464 C CB  . SER A 61  ? 0.9219 0.7540 0.7913 -0.1182 0.0982  -0.0634 1854 SER A CB  
465 O OG  . SER A 61  ? 0.9151 0.7424 0.7861 -0.1167 0.0932  -0.0624 1854 SER A OG  
466 N N   . SER A 62  ? 0.9290 0.7706 0.7991 -0.1089 0.0904  -0.0583 1855 SER A N   
467 C CA  . SER A 62  ? 0.9207 0.7664 0.7945 -0.1038 0.0851  -0.0567 1855 SER A CA  
468 C C   . SER A 62  ? 0.9256 0.7707 0.8057 -0.1008 0.0804  -0.0584 1855 SER A C   
469 O O   . SER A 62  ? 0.9314 0.7756 0.8099 -0.0966 0.0751  -0.0558 1855 SER A O   
470 C CB  . SER A 62  ? 0.9037 0.7611 0.7885 -0.1021 0.0873  -0.0612 1855 SER A CB  
471 O OG  . SER A 62  ? 0.8963 0.7622 0.7955 -0.1021 0.0894  -0.0690 1855 SER A OG  
472 N N   . GLU A 63  ? 0.9203 0.7657 0.8069 -0.1030 0.0822  -0.0631 1856 GLU A N   
473 C CA  . GLU A 63  ? 0.9123 0.7568 0.8051 -0.1001 0.0774  -0.0658 1856 GLU A CA  
474 C C   . GLU A 63  ? 0.8954 0.7278 0.7759 -0.0997 0.0729  -0.0592 1856 GLU A C   
475 O O   . GLU A 63  ? 0.9156 0.7467 0.7968 -0.0953 0.0672  -0.0589 1856 GLU A O   
476 C CB  . GLU A 63  ? 0.9522 0.7987 0.8542 -0.1031 0.0805  -0.0723 1856 GLU A CB  
477 C CG  . GLU A 63  ? 0.9832 0.8433 0.9003 -0.1022 0.0834  -0.0803 1856 GLU A CG  
478 C CD  . GLU A 63  ? 1.0168 0.8805 0.9323 -0.1064 0.0906  -0.0803 1856 GLU A CD  
479 O OE1 . GLU A 63  ? 1.0092 0.8650 0.9114 -0.1094 0.0928  -0.0743 1856 GLU A OE1 
480 O OE2 . GLU A 63  ? 1.0052 0.8799 0.9328 -0.1063 0.0937  -0.0869 1856 GLU A OE2 
481 N N   . GLU A 64  ? 0.8627 0.6864 0.7312 -0.1039 0.0753  -0.0543 1857 GLU A N   
482 C CA  . GLU A 64  ? 0.8424 0.6550 0.6985 -0.1035 0.0711  -0.0478 1857 GLU A CA  
483 C C   . GLU A 64  ? 0.7877 0.6001 0.6375 -0.0994 0.0665  -0.0427 1857 GLU A C   
484 O O   . GLU A 64  ? 0.7960 0.6023 0.6403 -0.0968 0.0613  -0.0391 1857 GLU A O   
485 C CB  . GLU A 64  ? 0.8736 0.6784 0.7182 -0.1081 0.0744  -0.0446 1857 GLU A CB  
486 C CG  . GLU A 64  ? 0.8968 0.6991 0.7454 -0.1126 0.0789  -0.0487 1857 GLU A CG  
487 C CD  . GLU A 64  ? 0.9170 0.7100 0.7525 -0.1167 0.0818  -0.0455 1857 GLU A CD  
488 O OE1 . GLU A 64  ? 0.9339 0.7232 0.7706 -0.1209 0.0856  -0.0481 1857 GLU A OE1 
489 O OE2 . GLU A 64  ? 0.9170 0.7064 0.7413 -0.1156 0.0798  -0.0406 1857 GLU A OE2 
490 N N   . PHE A 65  ? 0.7203 0.5390 0.5709 -0.0990 0.0686  -0.0424 1858 PHE A N   
491 C CA  . PHE A 65  ? 0.6504 0.4696 0.4960 -0.0955 0.0646  -0.0378 1858 PHE A CA  
492 C C   . PHE A 65  ? 0.6120 0.4350 0.4653 -0.0908 0.0608  -0.0404 1858 PHE A C   
493 O O   . PHE A 65  ? 0.6048 0.4230 0.4520 -0.0878 0.0558  -0.0361 1858 PHE A O   
494 C CB  . PHE A 65  ? 0.6189 0.4439 0.4645 -0.0962 0.0679  -0.0378 1858 PHE A CB  
495 C CG  . PHE A 65  ? 0.5934 0.4194 0.4355 -0.0928 0.0639  -0.0336 1858 PHE A CG  
496 C CD1 . PHE A 65  ? 0.5759 0.4091 0.4267 -0.0899 0.0637  -0.0364 1858 PHE A CD1 
497 C CD2 . PHE A 65  ? 0.5912 0.4114 0.4219 -0.0923 0.0601  -0.0274 1858 PHE A CD2 
498 C CE1 . PHE A 65  ? 0.5678 0.4008 0.4146 -0.0871 0.0603  -0.0322 1858 PHE A CE1 
499 C CE2 . PHE A 65  ? 0.5852 0.4067 0.4136 -0.0892 0.0560  -0.0235 1858 PHE A CE2 
500 C CZ  . PHE A 65  ? 0.5727 0.4000 0.4085 -0.0870 0.0565  -0.0254 1858 PHE A CZ  
501 N N   . ALA A 66  ? 0.5831 0.4151 0.4500 -0.0896 0.0629  -0.0480 1859 ALA A N   
502 C CA  . ALA A 66  ? 0.5527 0.3902 0.4280 -0.0836 0.0589  -0.0528 1859 ALA A CA  
503 C C   . ALA A 66  ? 0.5376 0.3681 0.4104 -0.0812 0.0540  -0.0530 1859 ALA A C   
504 O O   . ALA A 66  ? 0.5340 0.3649 0.4064 -0.0752 0.0492  -0.0542 1859 ALA A O   
505 C CB  . ALA A 66  ? 0.5490 0.3991 0.4398 -0.0820 0.0615  -0.0619 1859 ALA A CB  
506 N N   . ALA A 67  ? 0.5313 0.3553 0.4018 -0.0854 0.0553  -0.0521 1860 ALA A N   
507 C CA  . ALA A 67  ? 0.5260 0.3421 0.3937 -0.0837 0.0509  -0.0522 1860 ALA A CA  
508 C C   . ALA A 67  ? 0.5141 0.3208 0.3680 -0.0816 0.0461  -0.0446 1860 ALA A C   
509 O O   . ALA A 67  ? 0.5095 0.3135 0.3621 -0.0763 0.0408  -0.0458 1860 ALA A O   
510 C CB  . ALA A 67  ? 0.5387 0.3486 0.4052 -0.0892 0.0537  -0.0522 1860 ALA A CB  
511 N N   . ASP A 68  ? 0.5108 0.3131 0.3542 -0.0850 0.0477  -0.0371 1861 ASP A N   
512 C CA  . ASP A 68  ? 0.5038 0.2981 0.3341 -0.0832 0.0429  -0.0294 1861 ASP A CA  
513 C C   . ASP A 68  ? 0.4801 0.2775 0.3103 -0.0783 0.0398  -0.0286 1861 ASP A C   
514 O O   . ASP A 68  ? 0.4798 0.2704 0.3018 -0.0748 0.0344  -0.0245 1861 ASP A O   
515 C CB  . ASP A 68  ? 0.5078 0.2996 0.3285 -0.0868 0.0446  -0.0234 1861 ASP A CB  
516 C CG  . ASP A 68  ? 0.5256 0.3094 0.3401 -0.0899 0.0452  -0.0223 1861 ASP A CG  
517 O OD1 . ASP A 68  ? 0.5320 0.3104 0.3476 -0.0892 0.0431  -0.0241 1861 ASP A OD1 
518 O OD2 . ASP A 68  ? 0.5338 0.3164 0.3423 -0.0927 0.0473  -0.0201 1861 ASP A OD2 
519 N N   . ALA A 69  ? 0.4583 0.2654 0.2969 -0.0780 0.0431  -0.0325 1862 ALA A N   
520 C CA  . ALA A 69  ? 0.4409 0.2513 0.2793 -0.0731 0.0407  -0.0328 1862 ALA A CA  
521 C C   . ALA A 69  ? 0.4346 0.2470 0.2760 -0.0649 0.0362  -0.0390 1862 ALA A C   
522 O O   . ALA A 69  ? 0.4234 0.2441 0.2642 -0.0558 0.0303  -0.0325 1862 ALA A O   
523 C CB  . ALA A 69  ? 0.4270 0.2482 0.2743 -0.0737 0.0454  -0.0368 1862 ALA A CB  
524 N N   . LEU A 70  ? 0.4333 0.2522 0.2861 -0.0636 0.0375  -0.0478 1863 LEU A N   
525 C CA  . LEU A 70  ? 0.4226 0.2478 0.2807 -0.0542 0.0328  -0.0542 1863 LEU A CA  
526 C C   . LEU A 70  ? 0.4204 0.2352 0.2693 -0.0520 0.0272  -0.0493 1863 LEU A C   
527 O O   . LEU A 70  ? 0.4164 0.2409 0.2687 -0.0407 0.0211  -0.0489 1863 LEU A O   
528 C CB  . LEU A 70  ? 0.4209 0.2545 0.2942 -0.0543 0.0351  -0.0645 1863 LEU A CB  
529 C CG  . LEU A 70  ? 0.4111 0.2593 0.2967 -0.0538 0.0393  -0.0697 1863 LEU A CG  
530 C CD1 . LEU A 70  ? 0.4071 0.2630 0.3078 -0.0547 0.0406  -0.0779 1863 LEU A CD1 
531 C CD2 . LEU A 70  ? 0.3998 0.2605 0.2874 -0.0430 0.0370  -0.0723 1863 LEU A CD2 
532 N N   . LEU A 71  ? 0.4189 0.2183 0.2585 -0.0611 0.0289  -0.0442 1864 LEU A N   
533 C CA  . LEU A 71  ? 0.4169 0.2032 0.2454 -0.0603 0.0239  -0.0395 1864 LEU A CA  
534 C C   . LEU A 71  ? 0.4118 0.2017 0.2332 -0.0528 0.0181  -0.0301 1864 LEU A C   
535 O O   . LEU A 71  ? 0.4107 0.2020 0.2298 -0.0450 0.0118  -0.0277 1864 LEU A O   
536 C CB  . LEU A 71  ? 0.4097 0.1890 0.2343 -0.0687 0.0270  -0.0336 1864 LEU A CB  
537 C CG  . LEU A 71  ? 0.4100 0.1761 0.2223 -0.0684 0.0224  -0.0279 1864 LEU A CG  
538 C CD1 . LEU A 71  ? 0.4124 0.1756 0.2276 -0.0626 0.0175  -0.0340 1864 LEU A CD1 
539 C CD2 . LEU A 71  ? 0.4109 0.1732 0.2199 -0.0755 0.0263  -0.0243 1864 LEU A CD2 
540 N N   . VAL A 72  ? 0.4014 0.1965 0.2218 -0.0545 0.0201  -0.0241 1865 VAL A N   
541 C CA  . VAL A 72  ? 0.3855 0.1893 0.2032 -0.0473 0.0151  -0.0141 1865 VAL A CA  
542 C C   . VAL A 72  ? 0.3821 0.2061 0.2104 -0.0329 0.0102  -0.0155 1865 VAL A C   
543 O O   . VAL A 72  ? 0.3928 0.2210 0.2181 -0.0249 0.0042  -0.0096 1865 VAL A O   
544 C CB  . VAL A 72  ? 0.3616 0.1689 0.1789 -0.0516 0.0186  -0.0088 1865 VAL A CB  
545 C CG1 . VAL A 72  ? 0.3487 0.1681 0.1664 -0.0432 0.0135  0.0008  1865 VAL A CG1 
546 C CG2 . VAL A 72  ? 0.3646 0.1518 0.1695 -0.0647 0.0225  -0.0060 1865 VAL A CG2 
547 N N   . PHE A 73  ? 0.3681 0.2045 0.2083 -0.0294 0.0128  -0.0236 1866 PHE A N   
548 C CA  . PHE A 73  ? 0.3581 0.2148 0.2085 -0.0155 0.0088  -0.0254 1866 PHE A CA  
549 C C   . PHE A 73  ? 0.3796 0.2365 0.2328 -0.0087 0.0045  -0.0321 1866 PHE A C   
550 O O   . PHE A 73  ? 0.3724 0.2431 0.2298 0.0039  -0.0006 -0.0313 1866 PHE A O   
551 C CB  . PHE A 73  ? 0.3292 0.1989 0.1908 -0.0140 0.0132  -0.0315 1866 PHE A CB  
552 C CG  . PHE A 73  ? 0.3078 0.1762 0.1670 -0.0210 0.0175  -0.0259 1866 PHE A CG  
553 C CD1 . PHE A 73  ? 0.3009 0.1697 0.1538 -0.0202 0.0151  -0.0144 1866 PHE A CD1 
554 C CD2 . PHE A 73  ? 0.2969 0.1634 0.1603 -0.0284 0.0238  -0.0324 1866 PHE A CD2 
555 C CE1 . PHE A 73  ? 0.2920 0.1586 0.1425 -0.0267 0.0186  -0.0095 1866 PHE A CE1 
556 C CE2 . PHE A 73  ? 0.2874 0.1521 0.1480 -0.0345 0.0274  -0.0275 1866 PHE A CE2 
557 C CZ  . PHE A 73  ? 0.2870 0.1514 0.1412 -0.0336 0.0246  -0.0162 1866 PHE A CZ  
558 N N   . ASP A 74  ? 0.4012 0.2429 0.2517 -0.0171 0.0067  -0.0388 1867 ASP A N   
559 C CA  . ASP A 74  ? 0.4083 0.2468 0.2599 -0.0121 0.0023  -0.0449 1867 ASP A CA  
560 C C   . ASP A 74  ? 0.4112 0.2423 0.2518 -0.0084 -0.0038 -0.0366 1867 ASP A C   
561 O O   . ASP A 74  ? 0.4185 0.2567 0.2611 0.0026  -0.0098 -0.0378 1867 ASP A O   
562 C CB  . ASP A 74  ? 0.4230 0.2458 0.2746 -0.0232 0.0066  -0.0535 1867 ASP A CB  
563 C CG  . ASP A 74  ? 0.4179 0.2504 0.2828 -0.0243 0.0113  -0.0641 1867 ASP A CG  
564 O OD1 . ASP A 74  ? 0.4065 0.2584 0.2812 -0.0138 0.0095  -0.0664 1867 ASP A OD1 
565 O OD2 . ASP A 74  ? 0.4249 0.2460 0.2903 -0.0355 0.0168  -0.0699 1867 ASP A OD2 
566 N N   . ASN A 75  ? 0.4044 0.2215 0.2333 -0.0172 -0.0022 -0.0285 1868 ASN A N   
567 C CA  . ASN A 75  ? 0.3967 0.2068 0.2148 -0.0142 -0.0078 -0.0200 1868 ASN A CA  
568 C C   . ASN A 75  ? 0.3723 0.2015 0.1940 -0.0016 -0.0128 -0.0131 1868 ASN A C   
569 O O   . ASN A 75  ? 0.3677 0.1990 0.1859 0.0068  -0.0190 -0.0099 1868 ASN A O   
570 C CB  . ASN A 75  ? 0.4017 0.1941 0.2070 -0.0262 -0.0050 -0.0128 1868 ASN A CB  
571 C CG  . ASN A 75  ? 0.4132 0.1840 0.2117 -0.0379 -0.0012 -0.0179 1868 ASN A CG  
572 O OD1 . ASN A 75  ? 0.4228 0.1899 0.2250 -0.0367 -0.0019 -0.0259 1868 ASN A OD1 
573 N ND2 . ASN A 75  ? 0.4148 0.1709 0.2033 -0.0492 0.0030  -0.0133 1868 ASN A ND2 
574 N N   . CYS A 76  ? 0.3561 0.1991 0.1846 -0.0004 -0.0098 -0.0107 1869 CYS A N   
575 C CA  . CYS A 76  ? 0.3413 0.2032 0.1741 0.0109  -0.0134 -0.0038 1869 CYS A CA  
576 C C   . CYS A 76  ? 0.3374 0.2147 0.1784 0.0250  -0.0178 -0.0092 1869 CYS A C   
577 O O   . CYS A 76  ? 0.3391 0.2261 0.1794 0.0354  -0.0231 -0.0038 1869 CYS A O   
578 C CB  . CYS A 76  ? 0.3244 0.1966 0.1632 0.0088  -0.0087 -0.0011 1869 CYS A CB  
579 S SG  . CYS A 76  ? 0.2660 0.1604 0.1098 0.0209  -0.0122 0.0090  1869 CYS A SG  
580 N N   . GLN A 77  ? 0.3320 0.2115 0.1810 0.0254  -0.0155 -0.0201 1870 GLN A N   
581 C CA  . GLN A 77  ? 0.3246 0.2184 0.1817 0.0387  -0.0197 -0.0268 1870 GLN A CA  
582 C C   . GLN A 77  ? 0.3310 0.2156 0.1828 0.0425  -0.0255 -0.0293 1870 GLN A C   
583 O O   . GLN A 77  ? 0.3244 0.2208 0.1798 0.0555  -0.0307 -0.0315 1870 GLN A O   
584 C CB  . GLN A 77  ? 0.3191 0.2180 0.1870 0.0376  -0.0158 -0.0382 1870 GLN A CB  
585 C CG  . GLN A 77  ? 0.3099 0.2217 0.1847 0.0378  -0.0112 -0.0366 1870 GLN A CG  
586 C CD  . GLN A 77  ? 0.3149 0.2303 0.1997 0.0357  -0.0072 -0.0485 1870 GLN A CD  
587 O OE1 . GLN A 77  ? 0.3187 0.2486 0.2123 0.0465  -0.0095 -0.0551 1870 GLN A OE1 
588 N NE2 . GLN A 77  ? 0.3163 0.2187 0.1996 0.0220  -0.0014 -0.0514 1870 GLN A NE2 
589 N N   . THR A 78  ? 0.3474 0.2105 0.1897 0.0314  -0.0245 -0.0291 1871 THR A N   
590 C CA  . THR A 78  ? 0.3613 0.2129 0.1973 0.0338  -0.0299 -0.0314 1871 THR A CA  
591 C C   . THR A 78  ? 0.3700 0.2241 0.1979 0.0413  -0.0358 -0.0215 1871 THR A C   
592 O O   . THR A 78  ? 0.3676 0.2253 0.1948 0.0518  -0.0421 -0.0232 1871 THR A O   
593 C CB  . THR A 78  ? 0.3745 0.2011 0.2023 0.0192  -0.0266 -0.0339 1871 THR A CB  
594 O OG1 . THR A 78  ? 0.3768 0.2018 0.2128 0.0120  -0.0208 -0.0434 1871 THR A OG1 
595 C CG2 . THR A 78  ? 0.3838 0.1977 0.2052 0.0220  -0.0324 -0.0368 1871 THR A CG2 
596 N N   . PHE A 79  ? 0.3873 0.2398 0.2095 0.0361  -0.0339 -0.0114 1872 PHE A N   
597 C CA  . PHE A 79  ? 0.4159 0.2697 0.2303 0.0416  -0.0393 -0.0017 1872 PHE A CA  
598 C C   . PHE A 79  ? 0.4401 0.3180 0.2615 0.0540  -0.0415 0.0041  1872 PHE A C   
599 O O   . PHE A 79  ? 0.4416 0.3268 0.2606 0.0641  -0.0474 0.0085  1872 PHE A O   
600 C CB  . PHE A 79  ? 0.4129 0.2514 0.2167 0.0295  -0.0368 0.0063  1872 PHE A CB  
601 C CG  . PHE A 79  ? 0.4095 0.2463 0.2043 0.0339  -0.0427 0.0154  1872 PHE A CG  
602 C CD1 . PHE A 79  ? 0.4179 0.2385 0.2025 0.0335  -0.0470 0.0144  1872 PHE A CD1 
603 C CD2 . PHE A 79  ? 0.3939 0.2455 0.1910 0.0387  -0.0438 0.0247  1872 PHE A CD2 
604 C CE1 . PHE A 79  ? 0.4155 0.2350 0.1920 0.0380  -0.0526 0.0224  1872 PHE A CE1 
605 C CE2 . PHE A 79  ? 0.3912 0.2468 0.1879 0.0414  -0.0475 0.0314  1872 PHE A CE2 
606 C CZ  . PHE A 79  ? 0.4034 0.2442 0.1913 0.0411  -0.0516 0.0296  1872 PHE A CZ  
607 N N   . ASN A 80  ? 0.2623 0.2417 0.2572 -0.0336 -0.0159 -0.0188 1873 ASN A N   
608 C CA  . ASN A 80  ? 0.3019 0.2762 0.2955 -0.0371 -0.0160 -0.0175 1873 ASN A CA  
609 C C   . ASN A 80  ? 0.3471 0.3175 0.3313 -0.0413 -0.0168 -0.0131 1873 ASN A C   
610 O O   . ASN A 80  ? 0.3411 0.3123 0.3224 -0.0411 -0.0188 -0.0114 1873 ASN A O   
611 C CB  . ASN A 80  ? 0.2993 0.2723 0.3019 -0.0357 -0.0181 -0.0207 1873 ASN A CB  
612 C CG  . ASN A 80  ? 0.2979 0.2754 0.3094 -0.0316 -0.0169 -0.0252 1873 ASN A CG  
613 O OD1 . ASN A 80  ? 0.3019 0.2779 0.3156 -0.0313 -0.0169 -0.0250 1873 ASN A OD1 
614 N ND2 . ASN A 80  ? 0.2931 0.2758 0.3045 -0.0295 -0.0152 -0.0271 1873 ASN A ND2 
615 N N   . GLU A 81  ? 0.3977 0.3641 0.3772 -0.0450 -0.0153 -0.0110 1874 GLU A N   
616 C CA  . GLU A 81  ? 0.4428 0.4050 0.4134 -0.0491 -0.0163 -0.0069 1874 GLU A CA  
617 C C   . GLU A 81  ? 0.4353 0.3932 0.4094 -0.0491 -0.0206 -0.0060 1874 GLU A C   
618 O O   . GLU A 81  ? 0.4429 0.3996 0.4253 -0.0471 -0.0218 -0.0087 1874 GLU A O   
619 C CB  . GLU A 81  ? 0.4969 0.4562 0.4617 -0.0527 -0.0134 -0.0055 1874 GLU A CB  
620 C CG  . GLU A 81  ? 0.5544 0.5174 0.5149 -0.0528 -0.0087 -0.0066 1874 GLU A CG  
621 C CD  . GLU A 81  ? 0.6372 0.6001 0.5847 -0.0562 -0.0065 -0.0037 1874 GLU A CD  
622 O OE1 . GLU A 81  ? 0.6586 0.6203 0.6012 -0.0576 -0.0090 -0.0010 1874 GLU A OE1 
623 O OE2 . GLU A 81  ? 0.6836 0.6475 0.6255 -0.0575 -0.0024 -0.0045 1874 GLU A OE2 
624 N N   . ASP A 82  ? 0.4141 0.3697 0.3811 -0.0516 -0.0229 -0.0021 1875 ASP A N   
625 C CA  . ASP A 82  ? 0.3910 0.3420 0.3597 -0.0518 -0.0272 -0.0006 1875 ASP A CA  
626 C C   . ASP A 82  ? 0.3918 0.3359 0.3621 -0.0539 -0.0269 0.0000  1875 ASP A C   
627 O O   . ASP A 82  ? 0.3938 0.3328 0.3671 -0.0535 -0.0299 0.0004  1875 ASP A O   
628 C CB  . ASP A 82  ? 0.3713 0.3215 0.3315 -0.0541 -0.0298 0.0037  1875 ASP A CB  
629 C CG  . ASP A 82  ? 0.3427 0.2994 0.3024 -0.0521 -0.0302 0.0032  1875 ASP A CG  
630 O OD1 . ASP A 82  ? 0.3292 0.2894 0.2963 -0.0480 -0.0313 0.0000  1875 ASP A OD1 
631 O OD2 . ASP A 82  ? 0.3382 0.2964 0.2898 -0.0545 -0.0293 0.0061  1875 ASP A OD2 
632 N N   . ASP A 83  ? 0.3923 0.3357 0.3598 -0.0564 -0.0234 0.0002  1876 ASP A N   
633 C CA  . ASP A 83  ? 0.3989 0.3362 0.3680 -0.0587 -0.0224 0.0008  1876 ASP A CA  
634 C C   . ASP A 83  ? 0.3940 0.3327 0.3718 -0.0570 -0.0199 -0.0034 1876 ASP A C   
635 O O   . ASP A 83  ? 0.3989 0.3332 0.3791 -0.0590 -0.0185 -0.0034 1876 ASP A O   
636 C CB  . ASP A 83  ? 0.4075 0.3426 0.3672 -0.0629 -0.0205 0.0039  1876 ASP A CB  
637 C CG  . ASP A 83  ? 0.4090 0.3493 0.3645 -0.0633 -0.0167 0.0025  1876 ASP A CG  
638 O OD1 . ASP A 83  ? 0.4098 0.3556 0.3686 -0.0602 -0.0158 -0.0001 1876 ASP A OD1 
639 O OD2 . ASP A 83  ? 0.4130 0.3518 0.3613 -0.0666 -0.0146 0.0039  1876 ASP A OD2 
640 N N   . SER A 84  ? 0.3877 0.3327 0.3704 -0.0535 -0.0192 -0.0068 1877 SER A N   
641 C CA  . SER A 84  ? 0.3857 0.3329 0.3775 -0.0516 -0.0173 -0.0110 1877 SER A CA  
642 C C   . SER A 84  ? 0.3994 0.3435 0.3986 -0.0501 -0.0190 -0.0133 1877 SER A C   
643 O O   . SER A 84  ? 0.4058 0.3467 0.4027 -0.0496 -0.0222 -0.0116 1877 SER A O   
644 C CB  . SER A 84  ? 0.3621 0.3169 0.3564 -0.0482 -0.0161 -0.0138 1877 SER A CB  
645 O OG  . SER A 84  ? 0.3525 0.3102 0.3487 -0.0451 -0.0184 -0.0150 1877 SER A OG  
646 N N   . GLU A 85  ? 0.4054 0.3501 0.4126 -0.0494 -0.0173 -0.0169 1878 GLU A N   
647 C CA  . GLU A 85  ? 0.4129 0.3537 0.4244 -0.0487 -0.0178 -0.0192 1878 GLU A CA  
648 C C   . GLU A 85  ? 0.3949 0.3391 0.4064 -0.0452 -0.0196 -0.0211 1878 GLU A C   
649 O O   . GLU A 85  ? 0.4028 0.3420 0.4124 -0.0442 -0.0228 -0.0198 1878 GLU A O   
650 C CB  . GLU A 85  ? 0.4305 0.3719 0.4495 -0.0493 -0.0147 -0.0231 1878 GLU A CB  
651 C CG  . GLU A 85  ? 0.4628 0.3990 0.4821 -0.0529 -0.0140 -0.0205 1878 GLU A CG  
652 C CD  . GLU A 85  ? 0.4954 0.4223 0.5100 -0.0554 -0.0154 -0.0170 1878 GLU A CD  
653 O OE1 . GLU A 85  ? 0.5067 0.4291 0.5222 -0.0546 -0.0162 -0.0181 1878 GLU A OE1 
654 O OE2 . GLU A 85  ? 0.5043 0.4275 0.5127 -0.0582 -0.0156 -0.0126 1878 GLU A OE2 
655 N N   . VAL A 86  ? 0.3676 0.3197 0.3806 -0.0429 -0.0180 -0.0238 1879 VAL A N   
656 C CA  . VAL A 86  ? 0.3437 0.2993 0.3549 -0.0396 -0.0197 -0.0245 1879 VAL A CA  
657 C C   . VAL A 86  ? 0.3356 0.2906 0.3429 -0.0387 -0.0238 -0.0210 1879 VAL A C   
658 O O   . VAL A 86  ? 0.3319 0.2855 0.3387 -0.0362 -0.0275 -0.0201 1879 VAL A O   
659 C CB  . VAL A 86  ? 0.3242 0.2881 0.3361 -0.0379 -0.0164 -0.0273 1879 VAL A CB  
660 C CG1 . VAL A 86  ? 0.3106 0.2773 0.3198 -0.0345 -0.0193 -0.0265 1879 VAL A CG1 
661 C CG2 . VAL A 86  ? 0.3260 0.2891 0.3358 -0.0388 -0.0138 -0.0284 1879 VAL A CG2 
662 N N   . GLY A 87  ? 0.3294 0.2849 0.3331 -0.0407 -0.0233 -0.0184 1880 GLY A N   
663 C CA  . GLY A 87  ? 0.3197 0.2746 0.3175 -0.0409 -0.0265 -0.0147 1880 GLY A CA  
664 C C   . GLY A 87  ? 0.3229 0.2703 0.3186 -0.0419 -0.0305 -0.0119 1880 GLY A C   
665 O O   . GLY A 87  ? 0.3236 0.2712 0.3178 -0.0401 -0.0344 -0.0106 1880 GLY A O   
666 N N   . LYS A 88  ? 0.3207 0.2612 0.3163 -0.0447 -0.0297 -0.0106 1881 LYS A N   
667 C CA  . LYS A 88  ? 0.3223 0.2529 0.3146 -0.0460 -0.0344 -0.0070 1881 LYS A CA  
668 C C   . LYS A 88  ? 0.3107 0.2383 0.3069 -0.0423 -0.0383 -0.0085 1881 LYS A C   
669 O O   . LYS A 88  ? 0.3230 0.2432 0.3160 -0.0413 -0.0457 -0.0050 1881 LYS A O   
670 C CB  . LYS A 88  ? 0.3372 0.2610 0.3291 -0.0497 -0.0317 -0.0056 1881 LYS A CB  
671 C CG  . LYS A 88  ? 0.3481 0.2719 0.3336 -0.0535 -0.0299 -0.0022 1881 LYS A CG  
672 C CD  . LYS A 88  ? 0.3624 0.2789 0.3471 -0.0569 -0.0279 -0.0003 1881 LYS A CD  
673 C CE  . LYS A 88  ? 0.3609 0.2795 0.3536 -0.0567 -0.0235 -0.0046 1881 LYS A CE  
674 N NZ  . LYS A 88  ? 0.3724 0.2843 0.3645 -0.0602 -0.0215 -0.0026 1881 LYS A NZ  
675 N N   . ALA A 89  ? 0.2848 0.2178 0.2877 -0.0399 -0.0338 -0.0136 1882 ALA A N   
676 C CA  . ALA A 89  ? 0.2642 0.1955 0.2705 -0.0357 -0.0374 -0.0151 1882 ALA A CA  
677 C C   . ALA A 89  ? 0.2492 0.1857 0.2555 -0.0316 -0.0418 -0.0148 1882 ALA A C   
678 O O   . ALA A 89  ? 0.2542 0.1865 0.2623 -0.0276 -0.0484 -0.0138 1882 ALA A O   
679 C CB  . ALA A 89  ? 0.2505 0.1850 0.2613 -0.0351 -0.0333 -0.0192 1882 ALA A CB  
680 N N   . GLY A 90  ? 0.2246 0.1706 0.2298 -0.0320 -0.0378 -0.0159 1883 GLY A N   
681 C CA  . GLY A 90  ? 0.2036 0.1557 0.2086 -0.0286 -0.0403 -0.0159 1883 GLY A CA  
682 C C   . GLY A 90  ? 0.2055 0.1520 0.2061 -0.0286 -0.0483 -0.0114 1883 GLY A C   
683 O O   . GLY A 90  ? 0.2056 0.1534 0.2081 -0.0243 -0.0534 -0.0112 1883 GLY A O   
684 N N   . HIS A 91  ? 0.2098 0.1506 0.2046 -0.0335 -0.0495 -0.0076 1884 HIS A N   
685 C CA  . HIS A 91  ? 0.2137 0.1485 0.2021 -0.0349 -0.0572 -0.0024 1884 HIS A CA  
686 C C   . HIS A 91  ? 0.2382 0.1625 0.2283 -0.0320 -0.0655 -0.0007 1884 HIS A C   
687 O O   . HIS A 91  ? 0.2486 0.1706 0.2370 -0.0299 -0.0732 0.0017  1884 HIS A O   
688 C CB  . HIS A 91  ? 0.2093 0.1394 0.1894 -0.0413 -0.0562 0.0019  1884 HIS A CB  
689 C CG  . HIS A 91  ? 0.1985 0.1380 0.1759 -0.0432 -0.0501 0.0012  1884 HIS A CG  
690 N ND1 . HIS A 91  ? 0.1884 0.1360 0.1647 -0.0417 -0.0504 0.0010  1884 HIS A ND1 
691 C CD2 . HIS A 91  ? 0.1974 0.1390 0.1731 -0.0462 -0.0436 0.0006  1884 HIS A CD2 
692 C CE1 . HIS A 91  ? 0.1821 0.1356 0.1561 -0.0435 -0.0444 0.0004  1884 HIS A CE1 
693 N NE2 . HIS A 91  ? 0.1912 0.1410 0.1646 -0.0461 -0.0407 0.0002  1884 HIS A NE2 
694 N N   . ILE A 92  ? 0.2412 0.1593 0.2347 -0.0317 -0.0637 -0.0023 1885 ILE A N   
695 C CA  . ILE A 92  ? 0.2513 0.1592 0.2473 -0.0283 -0.0702 -0.0014 1885 ILE A CA  
696 C C   . ILE A 92  ? 0.2642 0.1773 0.2670 -0.0210 -0.0739 -0.0049 1885 ILE A C   
697 O O   . ILE A 92  ? 0.2823 0.1895 0.2849 -0.0170 -0.0823 -0.0034 1885 ILE A O   
698 C CB  . ILE A 92  ? 0.2355 0.1377 0.2340 -0.0295 -0.0655 -0.0029 1885 ILE A CB  
699 C CG1 . ILE A 92  ? 0.2307 0.1272 0.2228 -0.0362 -0.0620 0.0007  1885 ILE A CG1 
700 C CG2 . ILE A 92  ? 0.2274 0.1198 0.2284 -0.0251 -0.0712 -0.0025 1885 ILE A CG2 
701 C CD1 . ILE A 92  ? 0.2052 0.0965 0.1998 -0.0379 -0.0567 -0.0010 1885 ILE A CD1 
702 N N   . MET A 93  ? 0.2627 0.1866 0.2707 -0.0189 -0.0675 -0.0094 1886 MET A N   
703 C CA  . MET A 93  ? 0.2643 0.1942 0.2789 -0.0118 -0.0694 -0.0127 1886 MET A CA  
704 C C   . MET A 93  ? 0.2672 0.2027 0.2803 -0.0092 -0.0728 -0.0117 1886 MET A C   
705 O O   . MET A 93  ? 0.2765 0.2116 0.2932 -0.0031 -0.0781 -0.0128 1886 MET A O   
706 C CB  . MET A 93  ? 0.2472 0.1867 0.2659 -0.0111 -0.0609 -0.0167 1886 MET A CB  
707 C CG  . MET A 93  ? 0.2461 0.1820 0.2676 -0.0124 -0.0576 -0.0185 1886 MET A CG  
708 S SD  . MET A 93  ? 0.3461 0.2718 0.3716 -0.0077 -0.0653 -0.0185 1886 MET A SD  
709 C CE  . MET A 93  ? 0.5054 0.4396 0.5375 0.0009  -0.0691 -0.0212 1886 MET A CE  
710 N N   . ARG A 94  ? 0.2595 0.2008 0.2671 -0.0139 -0.0688 -0.0101 1887 ARG A N   
711 C CA  . ARG A 94  ? 0.2543 0.2034 0.2598 -0.0125 -0.0695 -0.0092 1887 ARG A CA  
712 C C   . ARG A 94  ? 0.2792 0.2225 0.2816 -0.0111 -0.0785 -0.0054 1887 ARG A C   
713 O O   . ARG A 94  ? 0.2818 0.2313 0.2860 -0.0062 -0.0801 -0.0058 1887 ARG A O   
714 C CB  . ARG A 94  ? 0.2411 0.1977 0.2412 -0.0180 -0.0629 -0.0083 1887 ARG A CB  
715 C CG  . ARG A 94  ? 0.2250 0.1916 0.2228 -0.0173 -0.0620 -0.0075 1887 ARG A CG  
716 C CD  . ARG A 94  ? 0.2134 0.1858 0.2061 -0.0226 -0.0563 -0.0067 1887 ARG A CD  
717 N NE  . ARG A 94  ? 0.2239 0.1868 0.2108 -0.0281 -0.0583 -0.0031 1887 ARG A NE  
718 C CZ  . ARG A 94  ? 0.2369 0.1939 0.2176 -0.0309 -0.0644 0.0021  1887 ARG A CZ  
719 N NH1 . ARG A 94  ? 0.2442 0.2056 0.2249 -0.0278 -0.0688 0.0037  1887 ARG A NH1 
720 N NH2 . ARG A 94  ? 0.2392 0.1871 0.2138 -0.0367 -0.0654 0.0057  1887 ARG A NH2 
721 N N   . ARG A 95  ? 0.2981 0.2303 0.2951 -0.0156 -0.0835 -0.0014 1888 ARG A N   
722 C CA  . ARG A 95  ? 0.3132 0.2400 0.3059 -0.0141 -0.0924 0.0033  1888 ARG A CA  
723 C C   . ARG A 95  ? 0.3370 0.2580 0.3352 -0.0062 -0.0987 0.0018  1888 ARG A C   
724 O O   . ARG A 95  ? 0.3433 0.2679 0.3407 -0.0005 -0.1011 0.0046  1888 ARG A O   
725 C CB  . ARG A 95  ? 0.3095 0.2243 0.2941 -0.0213 -0.0958 0.0084  1888 ARG A CB  
726 C CG  . ARG A 95  ? 0.2893 0.2100 0.2661 -0.0279 -0.0920 0.0117  1888 ARG A CG  
727 C CD  . ARG A 95  ? 0.2801 0.1890 0.2482 -0.0331 -0.0930 0.0179  1888 ARG A CD  
728 N NE  . ARG A 95  ? 0.2648 0.1614 0.2342 -0.0377 -0.0891 0.0164  1888 ARG A NE  
729 C CZ  . ARG A 95  ? 0.2494 0.1484 0.2162 -0.0433 -0.0815 0.0159  1888 ARG A CZ  
730 N NH1 . ARG A 95  ? 0.2503 0.1589 0.2124 -0.0467 -0.0785 0.0168  1888 ARG A NH1 
731 N NH2 . ARG A 95  ? 0.2410 0.1357 0.2101 -0.0442 -0.0753 0.0144  1888 ARG A NH2 
732 N N   . PHE A 96  ? 0.3586 0.2720 0.3627 -0.0057 -0.0983 -0.0026 1889 PHE A N   
733 C CA  . PHE A 96  ? 0.3933 0.3007 0.4030 0.0020  -0.1028 -0.0046 1889 PHE A CA  
734 C C   . PHE A 96  ? 0.4101 0.3299 0.4247 0.0089  -0.0999 -0.0082 1889 PHE A C   
735 O O   . PHE A 96  ? 0.4213 0.3424 0.4361 0.0146  -0.1013 -0.0076 1889 PHE A O   
736 C CB  . PHE A 96  ? 0.4012 0.3032 0.4160 0.0011  -0.0976 -0.0082 1889 PHE A CB  
737 C CG  . PHE A 96  ? 0.4123 0.3131 0.4330 0.0083  -0.1000 -0.0113 1889 PHE A CG  
738 C CD1 . PHE A 96  ? 0.4310 0.3210 0.4488 0.0107  -0.1021 -0.0084 1889 PHE A CD1 
739 C CD2 . PHE A 96  ? 0.4030 0.3156 0.4315 0.0127  -0.0980 -0.0165 1889 PHE A CD2 
740 C CE1 . PHE A 96  ? 0.4384 0.3292 0.4601 0.0162  -0.1021 -0.0114 1889 PHE A CE1 
741 C CE2 . PHE A 96  ? 0.4077 0.3213 0.4402 0.0171  -0.0992 -0.0199 1889 PHE A CE2 
742 C CZ  . PHE A 96  ? 0.4264 0.3288 0.4554 0.0188  -0.1007 -0.0175 1889 PHE A CZ  
743 N N   . PHE A 97  ? 0.4154 0.3454 0.4327 0.0078  -0.0922 -0.0115 1890 PHE A N   
744 C CA  . PHE A 97  ? 0.4254 0.3664 0.4460 0.0127  -0.0874 -0.0150 1890 PHE A CA  
745 C C   . PHE A 97  ? 0.4556 0.4065 0.4719 0.0137  -0.0869 -0.0114 1890 PHE A C   
746 O O   . PHE A 97  ? 0.4565 0.4113 0.4743 0.0189  -0.0872 -0.0122 1890 PHE A O   
747 C CB  . PHE A 97  ? 0.4068 0.3570 0.4295 0.0110  -0.0789 -0.0175 1890 PHE A CB  
748 C CG  . PHE A 97  ? 0.3984 0.3595 0.4220 0.0141  -0.0738 -0.0198 1890 PHE A CG  
749 C CD1 . PHE A 97  ? 0.4002 0.3596 0.4281 0.0195  -0.0734 -0.0242 1890 PHE A CD1 
750 C CD2 . PHE A 97  ? 0.3942 0.3669 0.4136 0.0112  -0.0694 -0.0175 1890 PHE A CD2 
751 C CE1 . PHE A 97  ? 0.3956 0.3645 0.4233 0.0214  -0.0687 -0.0258 1890 PHE A CE1 
752 C CE2 . PHE A 97  ? 0.3881 0.3705 0.4083 0.0134  -0.0648 -0.0188 1890 PHE A CE2 
753 C CZ  . PHE A 97  ? 0.3885 0.3687 0.4126 0.0184  -0.0645 -0.0227 1890 PHE A CZ  
754 N N   . GLU A 98  ? 0.4859 0.4421 0.4968 0.0086  -0.0854 -0.0076 1891 GLU A N   
755 C CA  . GLU A 98  ? 0.5188 0.4860 0.5260 0.0091  -0.0844 -0.0040 1891 GLU A CA  
756 C C   . GLU A 98  ? 0.5611 0.5244 0.5668 0.0137  -0.0900 -0.0004 1891 GLU A C   
757 O O   . GLU A 98  ? 0.5691 0.5423 0.5750 0.0176  -0.0887 0.0008  1891 GLU A O   
758 C CB  . GLU A 98  ? 0.5231 0.4936 0.5241 0.0023  -0.0827 -0.0008 1891 GLU A CB  
759 C CG  . GLU A 98  ? 0.5158 0.4941 0.5172 -0.0017 -0.0752 -0.0038 1891 GLU A CG  
760 C CD  . GLU A 98  ? 0.5176 0.5000 0.5126 -0.0080 -0.0730 -0.0010 1891 GLU A CD  
761 O OE1 . GLU A 98  ? 0.5245 0.5052 0.5145 -0.0091 -0.0771 0.0035  1891 GLU A OE1 
762 O OE2 . GLU A 98  ? 0.5116 0.4990 0.5063 -0.0114 -0.0666 -0.0033 1891 GLU A OE2 
763 N N   . SER A 99  ? 0.5911 0.5399 0.5948 0.0134  -0.0957 0.0017  1892 SER A N   
764 C CA  . SER A 99  ? 0.6159 0.5591 0.6173 0.0182  -0.1000 0.0057  1892 SER A CA  
765 C C   . SER A 99  ? 0.6363 0.5812 0.6430 0.0253  -0.0993 0.0022  1892 SER A C   
766 O O   . SER A 99  ? 0.6449 0.5977 0.6511 0.0299  -0.0986 0.0044  1892 SER A O   
767 C CB  . SER A 99  ? 0.6221 0.5479 0.6197 0.0158  -0.1051 0.0092  1892 SER A CB  
768 O OG  . SER A 99  ? 0.6369 0.5565 0.6317 0.0210  -0.1077 0.0132  1892 SER A OG  
769 N N   . ARG A 100 ? 0.6473 0.5855 0.6590 0.0259  -0.0992 -0.0032 1893 ARG A N   
770 C CA  . ARG A 100 ? 0.6595 0.5982 0.6754 0.0316  -0.0983 -0.0070 1893 ARG A CA  
771 C C   . ARG A 100 ? 0.6662 0.6201 0.6844 0.0337  -0.0931 -0.0091 1893 ARG A C   
772 O O   . ARG A 100 ? 0.6854 0.6432 0.7046 0.0387  -0.0924 -0.0091 1893 ARG A O   
773 C CB  . ARG A 100 ? 0.6567 0.5865 0.6775 0.0305  -0.0990 -0.0127 1893 ARG A CB  
774 C CG  . ARG A 100 ? 0.6674 0.5823 0.6866 0.0297  -0.1034 -0.0104 1893 ARG A CG  
775 C CD  . ARG A 100 ? 0.6704 0.5813 0.6882 0.0357  -0.1043 -0.0084 1893 ARG A CD  
776 N NE  . ARG A 100 ? 0.6555 0.5682 0.6780 0.0386  -0.1026 -0.0140 1893 ARG A NE  
777 C CZ  . ARG A 100 ? 0.6465 0.5660 0.6696 0.0438  -0.1009 -0.0147 1893 ARG A CZ  
778 N NH1 . ARG A 100 ? 0.6495 0.5753 0.6694 0.0470  -0.1006 -0.0103 1893 ARG A NH1 
779 N NH2 . ARG A 100 ? 0.6393 0.5596 0.6658 0.0456  -0.0995 -0.0196 1893 ARG A NH2 
780 N N   . TRP A 101 ? 0.6754 0.6371 0.6938 0.0297  -0.0890 -0.0104 1894 TRP A N   
781 C CA  . TRP A 101 ? 0.7036 0.6789 0.7235 0.0308  -0.0834 -0.0117 1894 TRP A CA  
782 C C   . TRP A 101 ? 0.7538 0.7398 0.7714 0.0328  -0.0836 -0.0065 1894 TRP A C   
783 O O   . TRP A 101 ? 0.7527 0.7469 0.7720 0.0358  -0.0811 -0.0069 1894 TRP A O   
784 C CB  . TRP A 101 ? 0.6867 0.6677 0.7065 0.0257  -0.0785 -0.0133 1894 TRP A CB  
785 C CG  . TRP A 101 ? 0.6695 0.6619 0.6904 0.0263  -0.0727 -0.0146 1894 TRP A CG  
786 C CD1 . TRP A 101 ? 0.6719 0.6759 0.6910 0.0248  -0.0709 -0.0119 1894 TRP A CD1 
787 C CD2 . TRP A 101 ? 0.6441 0.6348 0.6682 0.0287  -0.0701 -0.0200 1894 TRP A CD2 
788 N NE1 . TRP A 101 ? 0.6582 0.6657 0.6795 0.0268  -0.0682 -0.0157 1894 TRP A NE1 
789 C CE2 . TRP A 101 ? 0.6377 0.6369 0.6615 0.0293  -0.0677 -0.0209 1894 TRP A CE2 
790 C CE3 . TRP A 101 ? 0.6223 0.6043 0.6491 0.0304  -0.0703 -0.0249 1894 TRP A CE3 
791 C CZ2 . TRP A 101 ? 0.6101 0.6088 0.6359 0.0319  -0.0653 -0.0262 1894 TRP A CZ2 
792 C CZ3 . TRP A 101 ? 0.6034 0.5853 0.6317 0.0327  -0.0681 -0.0305 1894 TRP A CZ3 
793 C CH2 . TRP A 101 ? 0.5978 0.5875 0.6253 0.0336  -0.0655 -0.0312 1894 TRP A CH2 
794 N N   . GLU A 102 ? 0.8054 0.7911 0.8188 0.0310  -0.0865 -0.0016 1895 GLU A N   
795 C CA  . GLU A 102 ? 0.8522 0.8487 0.8632 0.0327  -0.0868 0.0035  1895 GLU A CA  
796 C C   . GLU A 102 ? 0.9012 0.8931 0.9122 0.0390  -0.0903 0.0062  1895 GLU A C   
797 O O   . GLU A 102 ? 0.8975 0.8992 0.9080 0.0418  -0.0902 0.0100  1895 GLU A O   
798 C CB  . GLU A 102 ? 0.8608 0.8591 0.8664 0.0279  -0.0880 0.0075  1895 GLU A CB  
799 C CG  . GLU A 102 ? 0.8556 0.8627 0.8606 0.0219  -0.0832 0.0058  1895 GLU A CG  
800 C CD  . GLU A 102 ? 0.8605 0.8643 0.8597 0.0163  -0.0846 0.0082  1895 GLU A CD  
801 O OE1 . GLU A 102 ? 0.8707 0.8668 0.8659 0.0169  -0.0893 0.0122  1895 GLU A OE1 
802 O OE2 . GLU A 102 ? 0.8517 0.8600 0.8500 0.0111  -0.0805 0.0062  1895 GLU A OE2 
803 N N   . GLU A 103 ? 0.9527 0.9302 0.9642 0.0411  -0.0933 0.0042  1896 GLU A N   
804 C CA  . GLU A 103 ? 1.0046 0.9765 1.0159 0.0472  -0.0959 0.0062  1896 GLU A CA  
805 C C   . GLU A 103 ? 1.0197 1.0005 1.0352 0.0514  -0.0929 0.0040  1896 GLU A C   
806 O O   . GLU A 103 ? 1.0531 1.0403 1.0684 0.0556  -0.0932 0.0078  1896 GLU A O   
807 C CB  . GLU A 103 ? 1.0350 0.9896 1.0462 0.0477  -0.0990 0.0040  1896 GLU A CB  
808 C CG  . GLU A 103 ? 1.0588 1.0017 1.0650 0.0443  -0.1027 0.0079  1896 GLU A CG  
809 C CD  . GLU A 103 ? 1.0702 0.9962 1.0767 0.0443  -0.1052 0.0061  1896 GLU A CD  
810 O OE1 . GLU A 103 ? 1.0722 0.9962 1.0825 0.0478  -0.1042 0.0021  1896 GLU A OE1 
811 O OE2 . GLU A 103 ? 1.0740 0.9888 1.0767 0.0404  -0.1077 0.0089  1896 GLU A OE2 
812 N N   . PHE A 104 ? 1.0146 0.9956 1.0336 0.0499  -0.0899 -0.0018 1897 PHE A N   
813 C CA  . PHE A 104 ? 1.0328 1.0204 1.0550 0.0529  -0.0868 -0.0042 1897 PHE A CA  
814 C C   . PHE A 104 ? 1.0235 1.0252 1.0462 0.0525  -0.0852 -0.0022 1897 PHE A C   
815 O O   . PHE A 104 ? 1.0294 1.0363 1.0524 0.0568  -0.0864 -0.0001 1897 PHE A O   
816 C CB  . PHE A 104 ? 1.0529 1.0364 1.0777 0.0508  -0.0843 -0.0111 1897 PHE A CB  
817 C CG  . PHE A 104 ? 1.0749 1.0575 1.1016 0.0551  -0.0844 -0.0153 1897 PHE A CG  
818 C CD1 . PHE A 104 ? 1.0880 1.0639 1.1147 0.0594  -0.0867 -0.0145 1897 PHE A CD1 
819 C CD2 . PHE A 104 ? 1.0748 1.0626 1.1028 0.0549  -0.0821 -0.0202 1897 PHE A CD2 
820 C CE1 . PHE A 104 ? 1.0900 1.0652 1.1179 0.0631  -0.0870 -0.0185 1897 PHE A CE1 
821 C CE2 . PHE A 104 ? 1.0782 1.0651 1.1073 0.0586  -0.0823 -0.0243 1897 PHE A CE2 
822 C CZ  . PHE A 104 ? 1.0848 1.0657 1.1138 0.0627  -0.0850 -0.0235 1897 PHE A CZ  
823 N N   . TYR A 105 ? 1.0078 1.0147 1.0299 0.0474  -0.0828 -0.0031 1898 TYR A N   
824 C CA  . TYR A 105 ? 0.9947 1.0140 1.0171 0.0463  -0.0816 -0.0019 1898 TYR A CA  
825 C C   . TYR A 105 ? 1.0048 1.0314 1.0241 0.0439  -0.0831 0.0047  1898 TYR A C   
826 O O   . TYR A 105 ? 1.0049 1.0362 1.0224 0.0386  -0.0814 0.0053  1898 TYR A O   
827 C CB  . TYR A 105 ? 0.9673 0.9887 0.9904 0.0423  -0.0779 -0.0065 1898 TYR A CB  
828 C CG  . TYR A 105 ? 0.9537 0.9672 0.9790 0.0441  -0.0762 -0.0133 1898 TYR A CG  
829 C CD1 . TYR A 105 ? 0.9523 0.9675 0.9790 0.0482  -0.0760 -0.0166 1898 TYR A CD1 
830 C CD2 . TYR A 105 ? 0.9516 0.9563 0.9768 0.0414  -0.0751 -0.0164 1898 TYR A CD2 
831 C CE1 . TYR A 105 ? 0.9580 0.9664 0.9858 0.0495  -0.0747 -0.0230 1898 TYR A CE1 
832 C CE2 . TYR A 105 ? 0.9566 0.9547 0.9834 0.0427  -0.0739 -0.0227 1898 TYR A CE2 
833 C CZ  . TYR A 105 ? 0.9636 0.9639 0.9916 0.0466  -0.0737 -0.0261 1898 TYR A CZ  
834 O OH  . TYR A 105 ? 0.9722 0.9664 1.0009 0.0473  -0.0728 -0.0325 1898 TYR A OH  
# 
